data_7QQF
#
_entry.id   7QQF
#
_cell.length_a   74.109
_cell.length_b   78.986
_cell.length_c   180.113
_cell.angle_alpha   88.062
_cell.angle_beta   78.801
_cell.angle_gamma   62.714
#
_symmetry.space_group_name_H-M   'P 1'
#
loop_
_entity.id
_entity.type
_entity.pdbx_description
1 polymer 'Myogenesis-regulating glycosidase'
2 branched alpha-D-mannopyranose-(1-6)-beta-D-mannopyranose-(1-4)-2-acetamido-2-deoxy-beta-D-glucopyranose-(1-4)-2-acetamido-2-deoxy-beta-D-glucopyranose
3 branched 2-acetamido-2-deoxy-beta-D-glucopyranose-(1-4)-2-acetamido-2-deoxy-beta-D-glucopyranose
4 branched beta-D-mannopyranose-(1-4)-2-acetamido-2-deoxy-beta-D-glucopyranose-(1-4)-2-acetamido-2-deoxy-beta-D-glucopyranose
5 branched alpha-L-fucopyranose-(1-3)-[2-acetamido-2-deoxy-beta-D-glucopyranose-(1-4)][alpha-L-fucopyranose-(1-6)]2-acetamido-2-deoxy-beta-D-glucopyranose
6 non-polymer 2-acetamido-2-deoxy-beta-D-glucopyranose
7 non-polymer 'ACETATE ION'
8 non-polymer 'MALONATE ION'
9 water water
#
_entity_poly.entity_id   1
_entity_poly.type   'polypeptide(L)'
_entity_poly.pdbx_seq_one_letter_code
;GVSLRKAERLRAELLDLKAGGFSIRNQKGEQVFRLAFRSGALDLDSCSRDGALLGCSLTADGLPLHFFIQTVRPKDTVMC
YRVRWEEAAPGRAVEHAMFLGDAAAHWYGGAEMRTQHWPIRLDGQQEPQPFVTSDVYSSDAAFGGILERYWLSSRAAAIK
VNDSVPFHLGWNSTERSLRLQARYHDTPYKPPAGRAAAPELSYRVCVGSDVTSIHKYMVRRYFNKPSRVPAPEAFRDPIW
STWALYGRAVDQDKVLRFAQQIRLHHFNSSHLEIDDMYTPAYGDFDFDEVKFPNASDMFRRLRDAGFRVTLWVHPFVNYN
SSRFGEGVERELFVREPTGRLPALVRWWNGIGAVLDFTHPKARDWFQGHLRRLRSRYSVASFKFDAGEVSYLPRDFSTYR
PLPDPSVWSRRYTEMALPFFSLAEVRVGYQSQNISCFFRLVDRDSVWGYDLGLRSLIPAVLTVSMLGYPFILPDMVGGNA
VPQRTAGGDVPERELYIRWLEVAAFMPAMQFSIPPWRYDAEVVAIAQKFAALRASLVAPLLLELAGEVTDTGDPIVRPLW
WIAPGDETAHRIDSQFLIGDTLLVAPVLEPGKQERDVYLPAGKWRSYKGELFDKTPVLLTDYPVDLDEIAYFTWAS
;
_entity_poly.pdbx_strand_id   A,B,C,D
#
# COMPACT_ATOMS: atom_id res chain seq x y z
N LEU A 14 -73.36 -20.18 -42.18
CA LEU A 14 -72.91 -21.62 -42.36
C LEU A 14 -71.60 -21.87 -41.61
N LEU A 15 -71.21 -20.97 -40.71
CA LEU A 15 -70.01 -21.10 -39.83
C LEU A 15 -70.43 -21.74 -38.50
N ASP A 16 -69.56 -22.60 -37.97
CA ASP A 16 -69.78 -23.39 -36.72
C ASP A 16 -68.61 -23.06 -35.78
N LEU A 17 -68.75 -22.05 -34.92
CA LEU A 17 -67.67 -21.61 -33.98
C LEU A 17 -67.76 -22.40 -32.67
N LYS A 18 -66.61 -22.92 -32.20
CA LYS A 18 -66.46 -23.65 -30.91
C LYS A 18 -65.30 -23.02 -30.12
N ALA A 19 -65.08 -23.49 -28.90
CA ALA A 19 -64.02 -22.99 -27.98
C ALA A 19 -62.65 -23.09 -28.66
N GLY A 20 -62.31 -24.27 -29.20
CA GLY A 20 -60.95 -24.62 -29.66
C GLY A 20 -60.72 -24.48 -31.17
N GLY A 21 -61.71 -23.96 -31.91
CA GLY A 21 -61.62 -23.74 -33.37
C GLY A 21 -62.98 -23.47 -34.00
N PHE A 22 -63.03 -23.31 -35.32
CA PHE A 22 -64.29 -23.19 -36.11
C PHE A 22 -64.18 -23.97 -37.42
N SER A 23 -65.34 -24.19 -38.07
CA SER A 23 -65.47 -24.83 -39.40
C SER A 23 -66.54 -24.08 -40.21
N ILE A 24 -66.46 -24.16 -41.55
CA ILE A 24 -67.41 -23.50 -42.49
C ILE A 24 -67.91 -24.54 -43.49
N ARG A 25 -69.20 -24.46 -43.84
CA ARG A 25 -69.85 -25.29 -44.89
C ARG A 25 -70.27 -24.36 -46.04
N ASN A 26 -70.58 -24.92 -47.22
CA ASN A 26 -71.16 -24.20 -48.39
C ASN A 26 -72.66 -24.50 -48.46
N GLN A 27 -73.35 -23.88 -49.42
CA GLN A 27 -74.83 -24.02 -49.65
C GLN A 27 -75.19 -25.51 -49.85
N LYS A 28 -74.31 -26.30 -50.46
CA LYS A 28 -74.55 -27.75 -50.76
C LYS A 28 -74.40 -28.61 -49.50
N GLY A 29 -73.80 -28.09 -48.42
CA GLY A 29 -73.70 -28.75 -47.10
C GLY A 29 -72.32 -29.32 -46.78
N GLU A 30 -71.36 -29.23 -47.71
CA GLU A 30 -69.98 -29.77 -47.58
C GLU A 30 -69.13 -28.89 -46.65
N GLN A 31 -68.29 -29.49 -45.81
CA GLN A 31 -67.26 -28.77 -45.00
C GLN A 31 -66.10 -28.37 -45.90
N VAL A 32 -65.91 -27.07 -46.16
CA VAL A 32 -64.88 -26.55 -47.12
C VAL A 32 -63.75 -25.83 -46.37
N PHE A 33 -63.84 -25.66 -45.04
CA PHE A 33 -62.82 -24.97 -44.22
C PHE A 33 -62.93 -25.43 -42.76
N ARG A 34 -61.78 -25.72 -42.13
CA ARG A 34 -61.68 -26.10 -40.69
C ARG A 34 -60.39 -25.51 -40.12
N LEU A 35 -60.45 -24.96 -38.91
CA LEU A 35 -59.30 -24.27 -38.26
C LEU A 35 -59.35 -24.50 -36.75
N ALA A 36 -58.20 -24.82 -36.15
CA ALA A 36 -58.00 -24.96 -34.69
C ALA A 36 -57.20 -23.76 -34.17
N PHE A 37 -57.61 -23.19 -33.04
CA PHE A 37 -56.84 -22.17 -32.28
C PHE A 37 -55.72 -22.90 -31.54
N ARG A 38 -54.47 -22.45 -31.65
CA ARG A 38 -53.29 -23.19 -31.13
C ARG A 38 -52.43 -22.32 -30.19
N SER A 39 -52.85 -21.08 -29.94
CA SER A 39 -52.25 -20.17 -28.93
C SER A 39 -53.28 -19.93 -27.81
N GLY A 40 -54.29 -20.79 -27.72
CA GLY A 40 -55.33 -20.77 -26.67
C GLY A 40 -56.67 -21.26 -27.19
N ALA A 41 -57.71 -21.12 -26.37
CA ALA A 41 -59.13 -21.39 -26.70
C ALA A 41 -59.96 -20.16 -26.32
N LEU A 42 -61.20 -20.08 -26.83
CA LEU A 42 -62.18 -19.01 -26.49
C LEU A 42 -62.92 -19.39 -25.21
N ASP A 43 -63.47 -18.38 -24.52
CA ASP A 43 -64.58 -18.52 -23.54
C ASP A 43 -65.86 -18.10 -24.26
N LEU A 44 -66.78 -19.05 -24.49
CA LEU A 44 -68.01 -18.84 -25.30
C LEU A 44 -69.05 -18.02 -24.52
N ASP A 45 -68.94 -17.95 -23.18
CA ASP A 45 -69.76 -17.06 -22.32
C ASP A 45 -69.35 -15.60 -22.54
N SER A 46 -68.19 -15.35 -23.16
CA SER A 46 -67.63 -14.01 -23.45
C SER A 46 -67.98 -13.58 -24.89
N CYS A 47 -68.63 -14.46 -25.66
CA CYS A 47 -69.01 -14.24 -27.08
C CYS A 47 -70.43 -13.68 -27.15
N SER A 48 -70.64 -12.63 -27.96
CA SER A 48 -71.98 -12.03 -28.25
C SER A 48 -72.08 -11.69 -29.74
N ARG A 49 -73.24 -11.96 -30.34
CA ARG A 49 -73.55 -11.72 -31.78
C ARG A 49 -74.36 -10.42 -31.89
N ASP A 50 -73.86 -9.47 -32.70
CA ASP A 50 -74.58 -8.24 -33.10
C ASP A 50 -74.65 -8.20 -34.64
N GLY A 51 -75.71 -8.78 -35.21
CA GLY A 51 -75.92 -8.88 -36.67
C GLY A 51 -74.88 -9.78 -37.30
N ALA A 52 -74.06 -9.23 -38.21
CA ALA A 52 -73.00 -9.94 -38.95
C ALA A 52 -71.79 -10.23 -38.04
N LEU A 53 -71.53 -9.35 -37.05
CA LEU A 53 -70.35 -9.39 -36.15
C LEU A 53 -70.60 -10.37 -35.00
N LEU A 54 -69.68 -11.32 -34.79
CA LEU A 54 -69.60 -12.20 -33.59
C LEU A 54 -68.26 -11.93 -32.89
N GLY A 55 -68.30 -11.24 -31.74
CA GLY A 55 -67.11 -10.83 -30.96
C GLY A 55 -66.98 -11.63 -29.67
N CYS A 56 -65.75 -11.92 -29.26
CA CYS A 56 -65.40 -12.65 -27.99
C CYS A 56 -64.25 -11.90 -27.29
N SER A 57 -64.37 -11.68 -25.97
CA SER A 57 -63.55 -10.72 -25.19
C SER A 57 -62.59 -11.43 -24.22
N LEU A 58 -62.67 -12.76 -24.06
CA LEU A 58 -61.89 -13.53 -23.06
C LEU A 58 -61.47 -14.90 -23.60
N THR A 59 -60.22 -15.30 -23.35
CA THR A 59 -59.67 -16.67 -23.57
C THR A 59 -60.27 -17.61 -22.52
N ALA A 60 -60.15 -18.92 -22.72
CA ALA A 60 -60.54 -19.97 -21.73
C ALA A 60 -59.65 -19.88 -20.48
N ASP A 61 -58.39 -19.44 -20.65
CA ASP A 61 -57.41 -19.19 -19.56
C ASP A 61 -57.78 -17.92 -18.78
N GLY A 62 -58.62 -17.06 -19.36
CA GLY A 62 -59.15 -15.83 -18.72
C GLY A 62 -58.50 -14.56 -19.27
N LEU A 63 -57.53 -14.69 -20.18
CA LEU A 63 -56.80 -13.55 -20.80
C LEU A 63 -57.78 -12.66 -21.58
N PRO A 64 -57.67 -11.31 -21.49
CA PRO A 64 -58.47 -10.42 -22.32
C PRO A 64 -58.03 -10.49 -23.80
N LEU A 65 -59.00 -10.38 -24.72
CA LEU A 65 -58.89 -10.78 -26.15
C LEU A 65 -59.79 -9.88 -27.00
N HIS A 66 -59.24 -9.33 -28.08
CA HIS A 66 -60.01 -8.78 -29.24
C HIS A 66 -60.08 -9.88 -30.31
N PHE A 67 -61.14 -10.70 -30.27
CA PHE A 67 -61.47 -11.72 -31.30
C PHE A 67 -62.82 -11.37 -31.92
N PHE A 68 -62.95 -11.53 -33.25
CA PHE A 68 -64.26 -11.42 -33.95
C PHE A 68 -64.25 -12.21 -35.26
N ILE A 69 -65.45 -12.60 -35.69
CA ILE A 69 -65.75 -13.18 -37.03
C ILE A 69 -66.90 -12.37 -37.61
N GLN A 70 -66.64 -11.56 -38.63
CA GLN A 70 -67.65 -10.75 -39.35
C GLN A 70 -68.00 -11.45 -40.68
N THR A 71 -69.24 -11.88 -40.84
CA THR A 71 -69.77 -12.47 -42.10
C THR A 71 -70.06 -11.32 -43.08
N VAL A 72 -69.68 -11.47 -44.35
CA VAL A 72 -69.95 -10.50 -45.45
C VAL A 72 -70.49 -11.27 -46.66
N ARG A 73 -71.54 -10.73 -47.31
CA ARG A 73 -72.13 -11.26 -48.57
C ARG A 73 -71.85 -10.25 -49.69
N PRO A 74 -70.64 -10.29 -50.33
CA PRO A 74 -70.30 -9.32 -51.37
C PRO A 74 -71.00 -9.57 -52.71
N LYS A 75 -71.42 -10.82 -52.97
CA LYS A 75 -72.15 -11.26 -54.18
C LYS A 75 -73.16 -12.34 -53.80
N ASP A 76 -74.09 -12.65 -54.72
CA ASP A 76 -75.17 -13.67 -54.53
C ASP A 76 -74.55 -15.05 -54.21
N THR A 77 -73.34 -15.31 -54.71
CA THR A 77 -72.68 -16.65 -54.83
C THR A 77 -71.45 -16.73 -53.92
N VAL A 78 -71.00 -15.59 -53.35
CA VAL A 78 -69.77 -15.49 -52.51
C VAL A 78 -70.16 -15.12 -51.09
N MET A 79 -69.64 -15.85 -50.11
CA MET A 79 -69.79 -15.59 -48.66
C MET A 79 -68.37 -15.49 -48.06
N CYS A 80 -68.03 -14.37 -47.42
CA CYS A 80 -66.70 -14.13 -46.81
C CYS A 80 -66.83 -14.00 -45.29
N TYR A 81 -65.77 -14.39 -44.57
CA TYR A 81 -65.67 -14.42 -43.08
C TYR A 81 -64.38 -13.73 -42.65
N ARG A 82 -64.47 -12.46 -42.22
CA ARG A 82 -63.32 -11.69 -41.66
C ARG A 82 -63.07 -12.19 -40.23
N VAL A 83 -61.82 -12.55 -39.91
CA VAL A 83 -61.45 -13.16 -38.60
C VAL A 83 -60.26 -12.40 -38.01
N ARG A 84 -60.29 -12.13 -36.70
CA ARG A 84 -59.17 -11.48 -35.96
C ARG A 84 -58.96 -12.16 -34.60
N TRP A 85 -57.70 -12.30 -34.20
CA TRP A 85 -57.27 -12.72 -32.84
C TRP A 85 -56.13 -11.80 -32.41
N GLU A 86 -56.37 -10.96 -31.41
CA GLU A 86 -55.38 -10.01 -30.81
C GLU A 86 -55.57 -10.03 -29.28
N GLU A 87 -54.51 -10.33 -28.52
CA GLU A 87 -54.57 -10.41 -27.03
C GLU A 87 -54.21 -9.05 -26.43
N ALA A 93 -47.39 -14.64 -29.02
CA ALA A 93 -47.47 -15.16 -30.41
C ALA A 93 -48.82 -15.86 -30.63
N VAL A 94 -49.50 -15.50 -31.72
CA VAL A 94 -50.82 -16.07 -32.11
C VAL A 94 -50.55 -17.13 -33.18
N GLU A 95 -51.06 -18.35 -32.98
CA GLU A 95 -51.04 -19.42 -34.01
C GLU A 95 -52.44 -20.02 -34.15
N HIS A 96 -52.91 -20.13 -35.40
CA HIS A 96 -54.09 -20.93 -35.84
C HIS A 96 -53.61 -21.99 -36.82
N ALA A 97 -54.15 -23.22 -36.72
CA ALA A 97 -53.86 -24.34 -37.63
C ALA A 97 -55.00 -24.47 -38.64
N MET A 98 -54.72 -24.21 -39.92
CA MET A 98 -55.70 -24.36 -41.04
C MET A 98 -55.57 -25.78 -41.59
N PHE A 99 -56.63 -26.58 -41.48
CA PHE A 99 -56.69 -27.99 -41.95
C PHE A 99 -57.04 -28.01 -43.44
N LEU A 100 -56.19 -28.63 -44.26
CA LEU A 100 -56.42 -28.78 -45.72
C LEU A 100 -57.59 -29.75 -45.95
N GLY A 101 -57.67 -30.82 -45.13
CA GLY A 101 -58.84 -31.72 -45.04
C GLY A 101 -58.55 -33.08 -45.63
N ASP A 102 -59.59 -33.76 -46.16
CA ASP A 102 -59.49 -35.13 -46.70
C ASP A 102 -58.87 -35.06 -48.11
N ALA A 103 -58.36 -36.20 -48.60
CA ALA A 103 -57.54 -36.32 -49.83
C ALA A 103 -58.23 -35.65 -51.03
N ALA A 104 -59.56 -35.56 -51.02
CA ALA A 104 -60.41 -35.02 -52.11
C ALA A 104 -60.25 -33.51 -52.23
N ALA A 105 -59.80 -32.84 -51.14
CA ALA A 105 -59.58 -31.38 -51.08
C ALA A 105 -58.14 -31.06 -51.46
N HIS A 106 -57.93 -30.32 -52.55
CA HIS A 106 -56.60 -29.95 -53.10
C HIS A 106 -56.41 -28.43 -52.98
N TRP A 107 -55.19 -27.99 -52.65
CA TRP A 107 -54.87 -26.56 -52.37
C TRP A 107 -53.74 -26.05 -53.28
N TYR A 108 -53.82 -24.76 -53.62
CA TYR A 108 -52.94 -24.07 -54.59
C TYR A 108 -52.55 -22.70 -54.02
N GLY A 109 -51.48 -22.10 -54.56
CA GLY A 109 -51.01 -20.75 -54.21
C GLY A 109 -49.82 -20.78 -53.24
N GLY A 110 -49.83 -19.88 -52.26
CA GLY A 110 -48.70 -19.67 -51.34
C GLY A 110 -47.49 -19.13 -52.08
N ALA A 111 -46.31 -19.70 -51.83
CA ALA A 111 -45.01 -19.20 -52.33
C ALA A 111 -44.45 -20.14 -53.40
N GLU A 112 -43.70 -19.58 -54.35
CA GLU A 112 -42.71 -20.34 -55.15
C GLU A 112 -41.81 -21.06 -54.14
N MET A 113 -41.49 -22.34 -54.39
CA MET A 113 -40.73 -23.21 -53.46
C MET A 113 -39.65 -23.95 -54.24
N ARG A 114 -38.63 -24.44 -53.53
CA ARG A 114 -37.51 -25.24 -54.10
C ARG A 114 -38.10 -26.50 -54.74
N THR A 115 -38.93 -27.23 -53.98
CA THR A 115 -39.68 -28.43 -54.42
C THR A 115 -41.14 -28.03 -54.63
N GLN A 116 -41.56 -27.76 -55.87
CA GLN A 116 -42.92 -27.27 -56.19
C GLN A 116 -43.81 -28.43 -56.66
N HIS A 117 -44.84 -28.72 -55.87
CA HIS A 117 -45.92 -29.68 -56.20
C HIS A 117 -47.21 -28.93 -56.52
N TRP A 118 -48.11 -29.57 -57.26
CA TRP A 118 -49.42 -29.03 -57.66
C TRP A 118 -50.41 -30.19 -57.75
N PRO A 119 -51.42 -30.28 -56.85
CA PRO A 119 -51.58 -29.34 -55.74
C PRO A 119 -50.48 -29.41 -54.69
N ILE A 120 -50.50 -28.47 -53.73
CA ILE A 120 -49.48 -28.30 -52.66
C ILE A 120 -49.38 -29.59 -51.83
N ARG A 121 -48.16 -30.07 -51.58
CA ARG A 121 -47.88 -31.21 -50.67
C ARG A 121 -47.12 -30.68 -49.45
N LEU A 122 -47.57 -31.06 -48.25
CA LEU A 122 -46.91 -30.76 -46.95
C LEU A 122 -46.00 -31.94 -46.60
N ASP A 123 -44.68 -31.73 -46.56
CA ASP A 123 -43.71 -32.81 -46.21
C ASP A 123 -43.16 -32.53 -44.81
N GLY A 124 -43.43 -33.44 -43.86
CA GLY A 124 -42.82 -33.46 -42.52
C GLY A 124 -43.39 -32.39 -41.61
N GLN A 125 -42.59 -31.95 -40.64
CA GLN A 125 -42.94 -30.91 -39.65
C GLN A 125 -42.06 -29.69 -39.91
N GLN A 126 -42.66 -28.50 -39.93
CA GLN A 126 -41.97 -27.20 -40.10
C GLN A 126 -42.53 -26.24 -39.05
N GLU A 127 -41.69 -25.81 -38.11
CA GLU A 127 -42.03 -24.72 -37.15
C GLU A 127 -42.27 -23.45 -37.97
N PRO A 128 -43.25 -22.60 -37.61
CA PRO A 128 -43.53 -21.38 -38.37
C PRO A 128 -42.27 -20.52 -38.56
N GLN A 129 -41.99 -20.10 -39.79
CA GLN A 129 -40.80 -19.28 -40.14
C GLN A 129 -41.27 -18.06 -40.94
N PRO A 130 -40.54 -16.93 -40.92
CA PRO A 130 -40.99 -15.72 -41.58
C PRO A 130 -41.40 -16.02 -43.03
N PHE A 131 -42.64 -15.67 -43.39
CA PHE A 131 -43.16 -15.75 -44.79
C PHE A 131 -42.70 -14.51 -45.54
N VAL A 132 -41.44 -14.55 -46.00
CA VAL A 132 -40.72 -13.40 -46.64
C VAL A 132 -40.01 -13.92 -47.87
N THR A 133 -39.70 -13.02 -48.83
CA THR A 133 -38.94 -13.33 -50.07
C THR A 133 -37.57 -13.86 -49.67
N SER A 134 -37.32 -15.16 -49.91
CA SER A 134 -36.01 -15.83 -49.70
C SER A 134 -35.51 -16.44 -51.01
N ASP A 135 -34.20 -16.70 -51.08
CA ASP A 135 -33.53 -17.43 -52.18
C ASP A 135 -33.64 -18.92 -51.86
N VAL A 136 -34.52 -19.63 -52.56
CA VAL A 136 -34.87 -21.04 -52.21
C VAL A 136 -34.02 -22.00 -53.05
N TYR A 137 -33.01 -21.51 -53.78
CA TYR A 137 -32.12 -22.37 -54.60
C TYR A 137 -31.60 -23.54 -53.74
N SER A 138 -31.20 -23.25 -52.49
CA SER A 138 -30.50 -24.22 -51.59
C SER A 138 -31.28 -24.54 -50.31
N SER A 139 -32.58 -24.21 -50.21
CA SER A 139 -33.39 -24.41 -48.98
C SER A 139 -34.82 -24.89 -49.31
N ASP A 140 -35.26 -26.01 -48.70
CA ASP A 140 -36.64 -26.54 -48.79
C ASP A 140 -37.49 -26.07 -47.61
N ALA A 141 -36.88 -25.35 -46.64
CA ALA A 141 -37.58 -24.77 -45.47
C ALA A 141 -38.16 -23.39 -45.83
N ALA A 142 -37.43 -22.58 -46.61
CA ALA A 142 -37.74 -21.15 -46.86
C ALA A 142 -38.79 -21.03 -47.98
N PHE A 143 -39.24 -19.79 -48.21
CA PHE A 143 -40.26 -19.41 -49.22
C PHE A 143 -39.59 -18.53 -50.29
N GLY A 144 -39.99 -18.71 -51.55
CA GLY A 144 -39.30 -18.17 -52.74
C GLY A 144 -39.59 -16.71 -52.97
N GLY A 145 -38.98 -16.17 -54.03
CA GLY A 145 -38.98 -14.73 -54.37
C GLY A 145 -40.36 -14.21 -54.73
N ILE A 146 -41.25 -15.06 -55.22
CA ILE A 146 -42.65 -14.69 -55.61
C ILE A 146 -43.60 -15.43 -54.67
N LEU A 147 -44.41 -14.67 -53.91
CA LEU A 147 -45.35 -15.24 -52.92
C LEU A 147 -46.44 -14.23 -52.58
N GLU A 148 -47.59 -14.75 -52.16
CA GLU A 148 -48.69 -14.03 -51.49
C GLU A 148 -49.18 -14.93 -50.36
N ARG A 149 -49.86 -14.35 -49.36
CA ARG A 149 -50.47 -15.09 -48.24
C ARG A 149 -51.87 -15.51 -48.69
N TYR A 150 -51.94 -16.29 -49.77
CA TYR A 150 -53.18 -16.69 -50.47
C TYR A 150 -53.15 -18.18 -50.74
N TRP A 151 -54.17 -18.90 -50.24
CA TRP A 151 -54.35 -20.35 -50.46
C TRP A 151 -55.77 -20.60 -50.97
N LEU A 152 -55.88 -21.40 -52.03
CA LEU A 152 -57.14 -21.67 -52.78
C LEU A 152 -57.39 -23.17 -52.71
N SER A 153 -58.64 -23.58 -52.46
CA SER A 153 -59.08 -24.99 -52.35
C SER A 153 -59.90 -25.37 -53.58
N SER A 154 -59.78 -26.62 -54.03
CA SER A 154 -60.59 -27.22 -55.13
C SER A 154 -62.07 -27.28 -54.74
N ARG A 155 -62.39 -27.21 -53.43
CA ARG A 155 -63.78 -27.21 -52.89
C ARG A 155 -64.39 -25.81 -52.91
N ALA A 156 -63.68 -24.81 -53.47
CA ALA A 156 -64.14 -23.42 -53.70
C ALA A 156 -64.16 -22.63 -52.39
N ALA A 157 -63.16 -22.87 -51.54
CA ALA A 157 -62.80 -22.02 -50.38
C ALA A 157 -61.43 -21.39 -50.65
N ALA A 158 -61.19 -20.19 -50.13
CA ALA A 158 -59.92 -19.44 -50.27
C ALA A 158 -59.65 -18.62 -49.01
N ILE A 159 -58.38 -18.44 -48.64
CA ILE A 159 -57.98 -17.59 -47.48
C ILE A 159 -56.92 -16.59 -47.94
N LYS A 160 -57.13 -15.30 -47.64
CA LYS A 160 -56.11 -14.23 -47.78
C LYS A 160 -55.77 -13.73 -46.37
N VAL A 161 -54.56 -14.03 -45.90
CA VAL A 161 -54.04 -13.51 -44.60
C VAL A 161 -53.81 -12.01 -44.76
N ASN A 162 -54.29 -11.21 -43.80
CA ASN A 162 -54.25 -9.71 -43.82
C ASN A 162 -52.80 -9.26 -43.98
N ASP A 163 -52.56 -8.21 -44.77
CA ASP A 163 -51.21 -7.63 -45.05
C ASP A 163 -50.57 -7.11 -43.76
N SER A 164 -51.37 -6.76 -42.74
CA SER A 164 -50.93 -6.20 -41.44
C SER A 164 -50.12 -7.23 -40.65
N VAL A 165 -50.47 -8.51 -40.76
CA VAL A 165 -49.95 -9.59 -39.88
C VAL A 165 -48.44 -9.66 -40.04
N PRO A 166 -47.67 -9.76 -38.93
CA PRO A 166 -46.28 -10.17 -38.99
C PRO A 166 -46.27 -11.70 -39.16
N PHE A 167 -46.51 -12.14 -40.40
CA PHE A 167 -46.99 -13.50 -40.75
C PHE A 167 -45.80 -14.45 -40.85
N HIS A 168 -45.91 -15.56 -40.12
CA HIS A 168 -44.96 -16.72 -40.16
C HIS A 168 -45.78 -17.95 -40.55
N LEU A 169 -45.21 -18.82 -41.38
CA LEU A 169 -45.90 -20.02 -41.90
C LEU A 169 -45.07 -21.25 -41.55
N GLY A 170 -45.72 -22.24 -40.93
CA GLY A 170 -45.21 -23.62 -40.78
C GLY A 170 -46.23 -24.59 -41.33
N TRP A 171 -46.05 -25.88 -41.07
CA TRP A 171 -47.02 -26.93 -41.48
C TRP A 171 -46.80 -28.20 -40.66
N ASN A 172 -47.79 -29.10 -40.72
CA ASN A 172 -47.82 -30.38 -39.97
C ASN A 172 -48.46 -31.43 -40.88
N SER A 173 -47.66 -32.38 -41.40
CA SER A 173 -48.09 -33.40 -42.39
C SER A 173 -49.12 -34.34 -41.75
N THR A 174 -48.88 -34.75 -40.49
CA THR A 174 -49.71 -35.74 -39.75
C THR A 174 -51.19 -35.33 -39.85
N GLU A 175 -51.53 -34.09 -39.46
CA GLU A 175 -52.92 -33.56 -39.44
C GLU A 175 -53.22 -32.74 -40.71
N ARG A 176 -52.23 -32.62 -41.62
CA ARG A 176 -52.33 -31.92 -42.92
C ARG A 176 -52.83 -30.49 -42.71
N SER A 177 -52.05 -29.69 -41.98
CA SER A 177 -52.42 -28.31 -41.58
C SER A 177 -51.35 -27.31 -42.03
N LEU A 178 -51.77 -26.09 -42.36
CA LEU A 178 -50.88 -24.89 -42.42
C LEU A 178 -50.89 -24.21 -41.06
N ARG A 179 -49.70 -23.99 -40.48
CA ARG A 179 -49.53 -23.32 -39.18
C ARG A 179 -49.37 -21.82 -39.44
N LEU A 180 -50.45 -21.05 -39.23
CA LEU A 180 -50.52 -19.58 -39.45
C LEU A 180 -50.16 -18.88 -38.14
N GLN A 181 -49.05 -18.13 -38.13
CA GLN A 181 -48.50 -17.55 -36.88
C GLN A 181 -48.24 -16.04 -37.07
N ALA A 182 -48.59 -15.25 -36.05
CA ALA A 182 -48.14 -13.85 -35.89
C ALA A 182 -47.21 -13.79 -34.67
N ARG A 183 -46.04 -13.18 -34.82
CA ARG A 183 -45.06 -12.99 -33.72
C ARG A 183 -44.12 -11.84 -34.07
N TYR A 184 -43.49 -11.22 -33.08
CA TYR A 184 -42.53 -10.09 -33.26
C TYR A 184 -41.15 -10.46 -32.72
N HIS A 185 -40.98 -11.67 -32.18
CA HIS A 185 -39.68 -12.18 -31.65
C HIS A 185 -39.00 -13.08 -32.70
N ASP A 186 -37.67 -12.95 -32.84
CA ASP A 186 -36.83 -13.80 -33.75
C ASP A 186 -37.46 -13.76 -35.15
N THR A 187 -37.37 -12.60 -35.82
CA THR A 187 -38.08 -12.31 -37.09
C THR A 187 -37.62 -10.98 -37.67
N PRO A 188 -37.60 -10.83 -39.02
CA PRO A 188 -37.27 -9.55 -39.65
C PRO A 188 -38.48 -8.58 -39.70
N TYR A 189 -39.65 -9.02 -39.22
CA TYR A 189 -40.84 -8.15 -39.06
C TYR A 189 -40.58 -7.16 -37.93
N LYS A 190 -40.97 -5.91 -38.12
CA LYS A 190 -40.94 -4.83 -37.10
C LYS A 190 -42.38 -4.44 -36.75
N PRO A 191 -42.67 -4.03 -35.49
CA PRO A 191 -43.96 -3.44 -35.14
C PRO A 191 -44.10 -2.03 -35.72
N PRO A 192 -45.33 -1.49 -35.88
CA PRO A 192 -45.53 -0.15 -36.43
C PRO A 192 -45.65 0.96 -35.38
N PRO A 199 -48.93 -8.85 -31.04
CA PRO A 199 -49.11 -9.65 -32.26
C PRO A 199 -50.61 -9.84 -32.58
N GLU A 200 -50.95 -9.71 -33.86
CA GLU A 200 -52.33 -9.79 -34.39
C GLU A 200 -52.36 -10.77 -35.56
N LEU A 201 -53.15 -11.85 -35.45
CA LEU A 201 -53.45 -12.74 -36.60
C LEU A 201 -54.85 -12.40 -37.11
N SER A 202 -54.93 -11.95 -38.36
CA SER A 202 -56.17 -11.50 -39.04
C SER A 202 -56.17 -12.03 -40.47
N TYR A 203 -57.32 -12.50 -40.96
CA TYR A 203 -57.47 -13.09 -42.31
C TYR A 203 -58.93 -13.05 -42.75
N ARG A 204 -59.16 -13.26 -44.05
CA ARG A 204 -60.51 -13.41 -44.63
C ARG A 204 -60.58 -14.76 -45.36
N VAL A 205 -61.56 -15.59 -44.98
CA VAL A 205 -61.92 -16.86 -45.67
C VAL A 205 -63.16 -16.61 -46.50
N CYS A 206 -63.11 -16.84 -47.81
CA CYS A 206 -64.28 -16.70 -48.73
C CYS A 206 -64.64 -18.06 -49.34
N VAL A 207 -65.93 -18.23 -49.63
CA VAL A 207 -66.53 -19.50 -50.13
C VAL A 207 -67.38 -19.16 -51.37
N GLY A 208 -67.08 -19.79 -52.50
CA GLY A 208 -67.81 -19.57 -53.78
C GLY A 208 -68.41 -20.87 -54.29
N SER A 209 -68.95 -20.85 -55.51
CA SER A 209 -69.64 -21.99 -56.15
C SER A 209 -68.64 -23.02 -56.68
N ASP A 210 -67.50 -22.59 -57.23
CA ASP A 210 -66.44 -23.49 -57.78
C ASP A 210 -65.07 -22.81 -57.67
N VAL A 211 -64.01 -23.62 -57.78
CA VAL A 211 -62.58 -23.20 -57.56
C VAL A 211 -62.23 -22.01 -58.46
N THR A 212 -62.74 -21.94 -59.69
CA THR A 212 -62.35 -20.88 -60.66
C THR A 212 -63.04 -19.57 -60.29
N SER A 213 -64.34 -19.58 -60.02
CA SER A 213 -65.09 -18.35 -59.67
C SER A 213 -64.53 -17.76 -58.36
N ILE A 214 -64.28 -18.60 -57.35
CA ILE A 214 -63.82 -18.10 -56.02
C ILE A 214 -62.39 -17.56 -56.18
N HIS A 215 -61.57 -18.21 -57.01
CA HIS A 215 -60.20 -17.73 -57.32
C HIS A 215 -60.27 -16.35 -57.95
N LYS A 216 -61.13 -16.18 -58.97
CA LYS A 216 -61.28 -14.91 -59.74
C LYS A 216 -61.72 -13.80 -58.79
N TYR A 217 -62.64 -14.09 -57.86
CA TYR A 217 -63.12 -13.11 -56.85
C TYR A 217 -61.93 -12.63 -56.01
N MET A 218 -61.11 -13.57 -55.49
CA MET A 218 -59.98 -13.27 -54.58
C MET A 218 -58.91 -12.46 -55.31
N VAL A 219 -58.54 -12.86 -56.54
CA VAL A 219 -57.48 -12.18 -57.36
C VAL A 219 -57.93 -10.74 -57.65
N ARG A 220 -59.20 -10.54 -57.99
CA ARG A 220 -59.75 -9.20 -58.36
C ARG A 220 -59.80 -8.35 -57.09
N ARG A 221 -59.98 -8.98 -55.93
CA ARG A 221 -60.08 -8.26 -54.63
C ARG A 221 -58.69 -7.74 -54.20
N TYR A 222 -57.62 -8.54 -54.33
CA TYR A 222 -56.34 -8.32 -53.59
C TYR A 222 -55.17 -7.98 -54.51
N PHE A 223 -55.16 -8.43 -55.77
CA PHE A 223 -53.99 -8.31 -56.68
C PHE A 223 -54.30 -7.34 -57.82
N ASN A 224 -53.41 -6.39 -58.07
CA ASN A 224 -53.53 -5.44 -59.20
C ASN A 224 -53.07 -6.15 -60.47
N LYS A 225 -53.77 -5.95 -61.59
CA LYS A 225 -53.34 -6.47 -62.91
C LYS A 225 -52.35 -5.49 -63.53
N PRO A 226 -51.36 -5.96 -64.31
CA PRO A 226 -50.51 -5.06 -65.08
C PRO A 226 -51.30 -4.45 -66.24
N SER A 227 -51.00 -3.21 -66.59
CA SER A 227 -51.73 -2.39 -67.60
C SER A 227 -50.99 -2.40 -68.93
N ARG A 228 -49.74 -2.86 -68.94
CA ARG A 228 -48.86 -2.85 -70.16
C ARG A 228 -48.50 -4.28 -70.55
N VAL A 229 -47.83 -4.45 -71.67
CA VAL A 229 -47.40 -5.78 -72.21
C VAL A 229 -45.93 -5.68 -72.64
N PRO A 230 -45.07 -6.64 -72.24
CA PRO A 230 -43.71 -6.71 -72.76
C PRO A 230 -43.64 -6.76 -74.28
N ALA A 231 -42.46 -6.49 -74.85
CA ALA A 231 -42.20 -6.49 -76.31
C ALA A 231 -42.78 -7.76 -76.92
N PRO A 232 -43.53 -7.68 -78.04
CA PRO A 232 -44.09 -8.87 -78.68
C PRO A 232 -43.05 -9.98 -78.95
N GLU A 233 -41.85 -9.61 -79.36
CA GLU A 233 -40.79 -10.56 -79.79
C GLU A 233 -40.44 -11.49 -78.62
N ALA A 234 -40.57 -11.02 -77.38
CA ALA A 234 -40.24 -11.79 -76.14
C ALA A 234 -41.22 -12.95 -75.95
N PHE A 235 -42.39 -12.87 -76.59
CA PHE A 235 -43.44 -13.94 -76.54
C PHE A 235 -43.24 -14.93 -77.69
N ARG A 236 -42.28 -14.71 -78.58
CA ARG A 236 -42.12 -15.52 -79.82
C ARG A 236 -40.68 -16.02 -79.94
N ASP A 237 -39.73 -15.11 -80.14
CA ASP A 237 -38.32 -15.45 -80.44
C ASP A 237 -37.62 -15.84 -79.14
N PRO A 238 -36.68 -16.81 -79.18
CA PRO A 238 -35.96 -17.21 -77.98
C PRO A 238 -35.10 -16.07 -77.45
N ILE A 239 -34.95 -16.02 -76.13
CA ILE A 239 -33.93 -15.17 -75.41
C ILE A 239 -32.65 -16.02 -75.30
N TRP A 240 -31.50 -15.38 -75.45
CA TRP A 240 -30.17 -16.06 -75.37
C TRP A 240 -29.40 -15.46 -74.21
N SER A 241 -29.00 -16.28 -73.24
CA SER A 241 -28.32 -15.85 -72.00
C SER A 241 -26.91 -16.46 -71.94
N THR A 242 -25.92 -15.68 -71.51
CA THR A 242 -24.50 -16.11 -71.39
C THR A 242 -24.27 -16.94 -70.12
N TRP A 243 -25.20 -16.93 -69.16
CA TRP A 243 -24.91 -17.37 -67.76
C TRP A 243 -24.51 -18.85 -67.72
N ALA A 244 -25.40 -19.77 -68.10
CA ALA A 244 -25.16 -21.24 -68.02
C ALA A 244 -24.05 -21.63 -68.99
N LEU A 245 -23.95 -20.97 -70.15
CA LEU A 245 -22.99 -21.35 -71.22
C LEU A 245 -21.56 -21.02 -70.75
N TYR A 246 -21.30 -19.78 -70.31
CA TYR A 246 -19.94 -19.25 -70.04
C TYR A 246 -19.71 -18.97 -68.55
N GLY A 247 -20.77 -18.72 -67.79
CA GLY A 247 -20.67 -18.30 -66.38
C GLY A 247 -19.93 -16.97 -66.22
N ARG A 248 -19.19 -16.82 -65.12
CA ARG A 248 -18.51 -15.55 -64.72
C ARG A 248 -17.52 -15.14 -65.80
N ALA A 249 -16.87 -16.12 -66.43
CA ALA A 249 -15.72 -15.94 -67.35
C ALA A 249 -16.16 -15.30 -68.68
N VAL A 250 -17.46 -15.03 -68.88
CA VAL A 250 -17.97 -14.34 -70.11
C VAL A 250 -17.05 -13.14 -70.42
N ASP A 251 -16.82 -12.87 -71.70
CA ASP A 251 -15.99 -11.73 -72.18
C ASP A 251 -16.48 -11.29 -73.56
N GLN A 252 -15.87 -10.24 -74.12
CA GLN A 252 -16.30 -9.60 -75.40
C GLN A 252 -16.24 -10.62 -76.54
N ASP A 253 -15.20 -11.48 -76.56
CA ASP A 253 -15.02 -12.51 -77.62
C ASP A 253 -16.19 -13.49 -77.55
N LYS A 254 -16.50 -13.99 -76.34
CA LYS A 254 -17.50 -15.06 -76.10
C LYS A 254 -18.90 -14.57 -76.45
N VAL A 255 -19.25 -13.32 -76.12
CA VAL A 255 -20.56 -12.71 -76.47
C VAL A 255 -20.71 -12.68 -77.99
N LEU A 256 -19.67 -12.27 -78.72
CA LEU A 256 -19.67 -12.13 -80.20
C LEU A 256 -19.69 -13.51 -80.87
N ARG A 257 -18.90 -14.46 -80.35
CA ARG A 257 -18.88 -15.88 -80.84
C ARG A 257 -20.30 -16.44 -80.70
N PHE A 258 -20.96 -16.20 -79.55
CA PHE A 258 -22.33 -16.64 -79.23
C PHE A 258 -23.31 -16.09 -80.27
N ALA A 259 -23.33 -14.77 -80.44
CA ALA A 259 -24.18 -14.05 -81.41
C ALA A 259 -23.97 -14.60 -82.83
N GLN A 260 -22.71 -14.85 -83.21
CA GLN A 260 -22.34 -15.44 -84.53
C GLN A 260 -22.99 -16.83 -84.64
N GLN A 261 -22.83 -17.68 -83.63
CA GLN A 261 -23.27 -19.10 -83.63
C GLN A 261 -24.80 -19.18 -83.68
N ILE A 262 -25.49 -18.22 -83.01
CA ILE A 262 -26.98 -18.09 -83.00
C ILE A 262 -27.46 -17.85 -84.44
N ARG A 263 -26.82 -16.95 -85.18
CA ARG A 263 -27.17 -16.61 -86.59
C ARG A 263 -26.73 -17.74 -87.53
N LEU A 264 -25.56 -18.35 -87.32
CA LEU A 264 -25.02 -19.45 -88.16
C LEU A 264 -26.03 -20.61 -88.17
N HIS A 265 -26.71 -20.87 -87.04
CA HIS A 265 -27.67 -22.00 -86.86
C HIS A 265 -29.11 -21.55 -87.13
N HIS A 266 -29.30 -20.33 -87.67
CA HIS A 266 -30.59 -19.81 -88.21
C HIS A 266 -31.66 -19.74 -87.13
N PHE A 267 -31.36 -19.07 -86.01
CA PHE A 267 -32.34 -18.75 -84.94
C PHE A 267 -32.58 -17.25 -84.88
N ASN A 268 -33.82 -16.84 -84.65
CA ASN A 268 -34.19 -15.45 -84.23
C ASN A 268 -33.74 -15.26 -82.78
N SER A 269 -33.76 -14.01 -82.32
CA SER A 269 -33.55 -13.64 -80.89
C SER A 269 -34.54 -12.54 -80.50
N SER A 270 -35.20 -12.67 -79.35
CA SER A 270 -35.86 -11.53 -78.65
C SER A 270 -34.76 -10.53 -78.33
N HIS A 271 -33.71 -11.02 -77.69
CA HIS A 271 -32.52 -10.25 -77.25
C HIS A 271 -31.44 -11.21 -76.75
N LEU A 272 -30.22 -10.67 -76.63
CA LEU A 272 -29.06 -11.36 -76.00
C LEU A 272 -28.86 -10.73 -74.62
N GLU A 273 -28.75 -11.56 -73.58
CA GLU A 273 -28.64 -11.12 -72.17
C GLU A 273 -27.21 -11.43 -71.70
N ILE A 274 -26.40 -10.38 -71.52
CA ILE A 274 -25.00 -10.50 -71.00
C ILE A 274 -25.10 -10.55 -69.48
N ASP A 275 -24.69 -11.68 -68.89
CA ASP A 275 -24.89 -11.99 -67.46
C ASP A 275 -23.59 -11.74 -66.66
N ASP A 276 -23.64 -11.99 -65.35
CA ASP A 276 -22.49 -12.05 -64.41
C ASP A 276 -21.32 -12.75 -65.11
N MET A 277 -20.12 -12.16 -65.20
CA MET A 277 -19.72 -10.86 -64.68
C MET A 277 -19.08 -10.04 -65.83
N TYR A 278 -19.56 -8.82 -66.08
CA TYR A 278 -19.01 -7.91 -67.11
C TYR A 278 -18.43 -6.62 -66.50
N THR A 279 -18.50 -6.45 -65.17
CA THR A 279 -18.00 -5.23 -64.45
C THR A 279 -16.72 -5.58 -63.69
N PRO A 280 -15.81 -4.60 -63.45
CA PRO A 280 -14.56 -4.85 -62.73
C PRO A 280 -14.78 -5.43 -61.33
N ALA A 281 -15.76 -4.89 -60.60
CA ALA A 281 -16.20 -5.40 -59.29
C ALA A 281 -17.73 -5.27 -59.19
N TYR A 282 -18.34 -6.02 -58.28
CA TYR A 282 -19.81 -6.02 -58.03
C TYR A 282 -20.15 -4.72 -57.30
N GLY A 283 -20.95 -3.87 -57.94
CA GLY A 283 -21.28 -2.50 -57.49
C GLY A 283 -20.88 -1.45 -58.52
N ASP A 284 -19.88 -1.73 -59.35
CA ASP A 284 -19.53 -0.89 -60.52
C ASP A 284 -20.56 -1.18 -61.63
N PHE A 285 -20.85 -0.20 -62.48
CA PHE A 285 -21.93 -0.29 -63.51
C PHE A 285 -21.35 -0.38 -64.92
N ASP A 286 -20.08 0.00 -65.13
CA ASP A 286 -19.46 0.04 -66.47
C ASP A 286 -18.62 -1.21 -66.71
N PHE A 287 -18.31 -1.50 -67.98
CA PHE A 287 -17.66 -2.74 -68.44
C PHE A 287 -16.21 -2.81 -67.97
N ASP A 288 -15.79 -4.00 -67.54
CA ASP A 288 -14.37 -4.35 -67.26
C ASP A 288 -13.61 -4.36 -68.60
N GLU A 289 -12.69 -3.41 -68.79
CA GLU A 289 -11.95 -3.19 -70.06
C GLU A 289 -10.98 -4.34 -70.32
N VAL A 290 -10.61 -5.14 -69.31
CA VAL A 290 -9.74 -6.35 -69.47
C VAL A 290 -10.50 -7.38 -70.30
N LYS A 291 -11.75 -7.65 -69.94
CA LYS A 291 -12.61 -8.69 -70.58
C LYS A 291 -13.39 -8.09 -71.75
N PHE A 292 -13.59 -6.76 -71.77
CA PHE A 292 -14.35 -6.03 -72.82
C PHE A 292 -13.53 -4.84 -73.32
N PRO A 293 -12.46 -5.10 -74.12
CA PRO A 293 -11.57 -4.04 -74.60
C PRO A 293 -12.24 -2.83 -75.26
N ASN A 294 -13.35 -3.04 -75.97
CA ASN A 294 -14.11 -1.96 -76.66
C ASN A 294 -15.60 -2.35 -76.71
N ALA A 295 -16.30 -2.13 -75.60
CA ALA A 295 -17.73 -2.45 -75.41
C ALA A 295 -18.57 -1.81 -76.52
N SER A 296 -18.32 -0.53 -76.84
CA SER A 296 -19.04 0.25 -77.90
C SER A 296 -19.03 -0.53 -79.21
N ASP A 297 -17.87 -1.06 -79.61
CA ASP A 297 -17.69 -1.85 -80.85
C ASP A 297 -18.46 -3.17 -80.74
N MET A 298 -18.42 -3.81 -79.57
CA MET A 298 -19.18 -5.07 -79.32
C MET A 298 -20.66 -4.83 -79.59
N PHE A 299 -21.22 -3.75 -79.02
CA PHE A 299 -22.66 -3.42 -79.13
C PHE A 299 -23.01 -3.05 -80.57
N ARG A 300 -22.10 -2.35 -81.28
CA ARG A 300 -22.27 -2.01 -82.71
C ARG A 300 -22.43 -3.29 -83.52
N ARG A 301 -21.52 -4.25 -83.33
CA ARG A 301 -21.51 -5.55 -84.06
C ARG A 301 -22.82 -6.29 -83.79
N LEU A 302 -23.27 -6.32 -82.53
CA LEU A 302 -24.53 -6.99 -82.10
C LEU A 302 -25.72 -6.32 -82.78
N ARG A 303 -25.73 -4.98 -82.85
CA ARG A 303 -26.78 -4.19 -83.56
C ARG A 303 -26.79 -4.57 -85.04
N ASP A 304 -25.62 -4.64 -85.67
CA ASP A 304 -25.47 -4.98 -87.12
C ASP A 304 -26.08 -6.37 -87.38
N ALA A 305 -26.00 -7.29 -86.42
CA ALA A 305 -26.54 -8.67 -86.52
C ALA A 305 -27.97 -8.74 -85.95
N GLY A 306 -28.63 -7.60 -85.73
CA GLY A 306 -30.06 -7.49 -85.37
C GLY A 306 -30.36 -7.97 -83.95
N PHE A 307 -29.38 -7.91 -83.05
CA PHE A 307 -29.54 -8.28 -81.62
C PHE A 307 -29.91 -7.04 -80.80
N ARG A 308 -31.07 -7.09 -80.13
CA ARG A 308 -31.38 -6.27 -78.93
C ARG A 308 -30.59 -6.87 -77.77
N VAL A 309 -30.16 -6.07 -76.79
CA VAL A 309 -29.28 -6.55 -75.69
C VAL A 309 -29.80 -6.04 -74.35
N THR A 310 -29.79 -6.93 -73.34
CA THR A 310 -30.07 -6.60 -71.92
C THR A 310 -28.83 -6.96 -71.08
N LEU A 311 -28.73 -6.36 -69.88
CA LEU A 311 -27.57 -6.53 -68.98
C LEU A 311 -28.06 -6.99 -67.60
N TRP A 312 -27.35 -7.96 -67.03
CA TRP A 312 -27.54 -8.46 -65.64
C TRP A 312 -27.14 -7.38 -64.64
N VAL A 313 -28.06 -7.04 -63.73
CA VAL A 313 -27.84 -6.08 -62.60
C VAL A 313 -28.37 -6.72 -61.31
N HIS A 314 -28.03 -6.09 -60.17
CA HIS A 314 -28.28 -6.59 -58.80
C HIS A 314 -28.31 -5.41 -57.83
N PRO A 315 -28.83 -5.60 -56.59
CA PRO A 315 -28.97 -4.49 -55.64
C PRO A 315 -27.77 -4.29 -54.70
N PHE A 316 -26.63 -4.93 -54.97
CA PHE A 316 -25.46 -4.98 -54.06
C PHE A 316 -24.35 -4.03 -54.54
N VAL A 317 -23.52 -3.60 -53.58
CA VAL A 317 -22.23 -2.92 -53.81
C VAL A 317 -21.21 -3.53 -52.85
N ASN A 318 -20.31 -4.37 -53.36
CA ASN A 318 -19.28 -5.08 -52.56
C ASN A 318 -18.31 -4.04 -52.00
N TYR A 319 -17.55 -4.39 -50.96
CA TYR A 319 -16.68 -3.44 -50.23
C TYR A 319 -15.52 -3.00 -51.12
N ASN A 320 -15.15 -3.78 -52.14
CA ASN A 320 -14.03 -3.47 -53.08
C ASN A 320 -14.55 -2.90 -54.41
N SER A 321 -15.83 -2.51 -54.49
CA SER A 321 -16.37 -1.71 -55.61
C SER A 321 -15.89 -0.26 -55.46
N SER A 322 -15.54 0.38 -56.57
CA SER A 322 -15.18 1.82 -56.65
C SER A 322 -16.38 2.69 -56.25
N ARG A 323 -17.57 2.11 -56.05
CA ARG A 323 -18.82 2.84 -55.74
C ARG A 323 -19.23 2.62 -54.27
N PHE A 324 -18.49 1.79 -53.50
CA PHE A 324 -18.82 1.47 -52.09
C PHE A 324 -18.73 2.73 -51.22
N GLY A 325 -17.59 3.43 -51.28
CA GLY A 325 -17.35 4.68 -50.53
C GLY A 325 -18.43 5.70 -50.80
N GLU A 326 -18.79 5.89 -52.08
CA GLU A 326 -19.86 6.81 -52.53
C GLU A 326 -21.19 6.42 -51.86
N GLY A 327 -21.51 5.12 -51.84
CA GLY A 327 -22.72 4.59 -51.21
C GLY A 327 -22.77 4.88 -49.70
N VAL A 328 -21.65 4.63 -49.00
CA VAL A 328 -21.54 4.85 -47.52
C VAL A 328 -21.80 6.32 -47.21
N GLU A 329 -21.06 7.23 -47.85
CA GLU A 329 -21.07 8.69 -47.54
C GLU A 329 -22.41 9.30 -47.95
N ARG A 330 -23.05 8.79 -49.01
CA ARG A 330 -24.34 9.30 -49.52
C ARG A 330 -25.53 8.63 -48.80
N GLU A 331 -25.25 7.58 -48.00
CA GLU A 331 -26.24 6.86 -47.14
C GLU A 331 -27.30 6.19 -48.01
N LEU A 332 -26.88 5.48 -49.07
CA LEU A 332 -27.76 4.83 -50.08
C LEU A 332 -28.09 3.40 -49.65
N PHE A 333 -27.49 2.89 -48.57
CA PHE A 333 -27.50 1.44 -48.21
C PHE A 333 -28.50 1.17 -47.09
N VAL A 334 -29.03 -0.04 -47.04
CA VAL A 334 -29.81 -0.56 -45.88
C VAL A 334 -28.87 -0.49 -44.67
N ARG A 335 -29.41 -0.06 -43.53
CA ARG A 335 -28.59 0.29 -42.33
C ARG A 335 -28.80 -0.79 -41.26
N GLU A 336 -27.87 -0.85 -40.30
CA GLU A 336 -28.05 -1.64 -39.03
C GLU A 336 -29.18 -0.98 -38.25
N PRO A 337 -29.76 -1.66 -37.23
CA PRO A 337 -30.99 -1.19 -36.56
C PRO A 337 -31.02 0.27 -36.05
N THR A 338 -29.89 0.81 -35.56
CA THR A 338 -29.83 2.18 -34.97
C THR A 338 -30.02 3.24 -36.07
N GLY A 339 -29.89 2.87 -37.34
CA GLY A 339 -30.19 3.73 -38.50
C GLY A 339 -29.05 4.69 -38.85
N ARG A 340 -27.83 4.44 -38.37
CA ARG A 340 -26.69 5.38 -38.50
C ARG A 340 -25.71 4.91 -39.59
N LEU A 341 -25.44 3.60 -39.68
CA LEU A 341 -24.35 3.02 -40.53
C LEU A 341 -24.91 1.97 -41.49
N PRO A 342 -24.28 1.77 -42.67
CA PRO A 342 -24.60 0.62 -43.52
C PRO A 342 -24.46 -0.71 -42.77
N ALA A 343 -25.33 -1.66 -43.08
CA ALA A 343 -25.23 -3.07 -42.64
C ALA A 343 -24.58 -3.87 -43.77
N LEU A 344 -23.52 -4.62 -43.47
CA LEU A 344 -22.86 -5.51 -44.45
C LEU A 344 -23.78 -6.71 -44.69
N VAL A 345 -23.75 -7.25 -45.90
CA VAL A 345 -24.56 -8.44 -46.29
C VAL A 345 -23.67 -9.39 -47.08
N ARG A 346 -23.99 -10.68 -47.02
CA ARG A 346 -23.34 -11.73 -47.85
C ARG A 346 -24.35 -12.21 -48.89
N TRP A 347 -23.94 -12.19 -50.16
CA TRP A 347 -24.64 -12.89 -51.28
C TRP A 347 -23.63 -13.80 -51.97
N TRP A 348 -24.07 -14.54 -52.99
CA TRP A 348 -23.26 -15.59 -53.65
C TRP A 348 -22.04 -14.98 -54.35
N ASN A 349 -22.00 -13.66 -54.56
CA ASN A 349 -20.88 -12.95 -55.24
C ASN A 349 -20.04 -12.11 -54.26
N GLY A 350 -20.26 -12.23 -52.95
CA GLY A 350 -19.32 -11.75 -51.91
C GLY A 350 -19.98 -10.97 -50.78
N ILE A 351 -19.21 -10.04 -50.20
CA ILE A 351 -19.61 -9.22 -49.02
C ILE A 351 -19.64 -7.75 -49.42
N GLY A 352 -20.72 -7.06 -49.06
CA GLY A 352 -20.87 -5.59 -49.23
C GLY A 352 -22.15 -5.09 -48.59
N ALA A 353 -22.65 -3.96 -49.08
CA ALA A 353 -23.95 -3.37 -48.66
C ALA A 353 -24.97 -3.66 -49.74
N VAL A 354 -26.25 -3.43 -49.44
CA VAL A 354 -27.38 -3.58 -50.39
C VAL A 354 -28.11 -2.23 -50.44
N LEU A 355 -28.50 -1.79 -51.63
CA LEU A 355 -29.12 -0.45 -51.84
C LEU A 355 -30.49 -0.41 -51.18
N ASP A 356 -30.84 0.72 -50.58
CA ASP A 356 -32.14 0.96 -49.89
C ASP A 356 -33.12 1.54 -50.92
N PHE A 357 -34.00 0.72 -51.48
CA PHE A 357 -34.95 1.14 -52.54
C PHE A 357 -36.17 1.83 -51.92
N THR A 358 -36.19 2.06 -50.59
CA THR A 358 -37.16 2.98 -49.92
C THR A 358 -36.62 4.41 -49.94
N HIS A 359 -35.33 4.60 -50.26
CA HIS A 359 -34.62 5.91 -50.25
C HIS A 359 -34.61 6.51 -51.65
N PRO A 360 -35.33 7.63 -51.89
CA PRO A 360 -35.32 8.31 -53.19
C PRO A 360 -33.93 8.55 -53.80
N LYS A 361 -32.94 8.94 -52.97
CA LYS A 361 -31.54 9.20 -53.42
C LYS A 361 -30.95 7.91 -53.99
N ALA A 362 -31.18 6.76 -53.34
CA ALA A 362 -30.67 5.43 -53.73
C ALA A 362 -31.36 4.97 -55.02
N ARG A 363 -32.67 5.26 -55.14
CA ARG A 363 -33.48 4.92 -56.34
C ARG A 363 -32.98 5.72 -57.54
N ASP A 364 -32.86 7.06 -57.42
CA ASP A 364 -32.38 7.95 -58.50
C ASP A 364 -30.96 7.54 -58.91
N TRP A 365 -30.12 7.20 -57.92
CA TRP A 365 -28.69 6.82 -58.10
C TRP A 365 -28.60 5.56 -58.96
N PHE A 366 -29.35 4.51 -58.60
CA PHE A 366 -29.47 3.23 -59.34
C PHE A 366 -30.00 3.52 -60.74
N GLN A 367 -31.13 4.23 -60.82
CA GLN A 367 -31.81 4.57 -62.10
C GLN A 367 -30.85 5.34 -63.00
N GLY A 368 -30.10 6.29 -62.43
CA GLY A 368 -29.10 7.10 -63.17
C GLY A 368 -28.13 6.21 -63.93
N HIS A 369 -27.60 5.19 -63.28
CA HIS A 369 -26.59 4.24 -63.85
C HIS A 369 -27.24 3.40 -64.96
N LEU A 370 -28.48 2.97 -64.78
CA LEU A 370 -29.22 2.19 -65.79
C LEU A 370 -29.45 3.05 -67.03
N ARG A 371 -29.86 4.31 -66.84
CA ARG A 371 -30.13 5.27 -67.96
C ARG A 371 -28.82 5.52 -68.73
N ARG A 372 -27.69 5.61 -68.04
CA ARG A 372 -26.36 5.86 -68.66
C ARG A 372 -25.99 4.67 -69.55
N LEU A 373 -26.16 3.45 -69.07
CA LEU A 373 -25.88 2.20 -69.85
C LEU A 373 -26.77 2.18 -71.10
N ARG A 374 -28.01 2.66 -70.96
CA ARG A 374 -28.99 2.74 -72.08
C ARG A 374 -28.50 3.71 -73.15
N SER A 375 -28.26 4.97 -72.80
CA SER A 375 -27.83 6.05 -73.74
C SER A 375 -26.45 5.73 -74.33
N ARG A 376 -25.53 5.20 -73.52
CA ARG A 376 -24.13 4.93 -73.93
C ARG A 376 -24.08 3.78 -74.94
N TYR A 377 -24.77 2.66 -74.67
CA TYR A 377 -24.61 1.37 -75.40
C TYR A 377 -25.87 0.92 -76.14
N SER A 378 -26.98 1.68 -76.05
CA SER A 378 -28.30 1.31 -76.65
C SER A 378 -28.77 -0.04 -76.13
N VAL A 379 -28.48 -0.34 -74.86
CA VAL A 379 -29.06 -1.48 -74.10
C VAL A 379 -30.56 -1.25 -74.02
N ALA A 380 -31.38 -2.29 -74.23
CA ALA A 380 -32.85 -2.20 -74.26
C ALA A 380 -33.40 -2.16 -72.84
N SER A 381 -32.91 -3.04 -71.97
CA SER A 381 -33.42 -3.21 -70.58
C SER A 381 -32.42 -4.02 -69.74
N PHE A 382 -32.84 -4.54 -68.59
CA PHE A 382 -31.93 -5.23 -67.62
C PHE A 382 -32.62 -6.44 -66.98
N LYS A 383 -31.81 -7.45 -66.68
CA LYS A 383 -32.19 -8.59 -65.81
C LYS A 383 -31.84 -8.20 -64.37
N PHE A 384 -32.86 -7.99 -63.55
CA PHE A 384 -32.74 -7.59 -62.13
C PHE A 384 -32.65 -8.85 -61.27
N ASP A 385 -31.42 -9.25 -60.92
CA ASP A 385 -31.16 -10.51 -60.17
C ASP A 385 -31.26 -10.22 -58.67
N ALA A 386 -31.31 -11.29 -57.87
CA ALA A 386 -31.56 -11.25 -56.41
C ALA A 386 -32.89 -10.52 -56.16
N GLY A 387 -33.01 -9.79 -55.05
CA GLY A 387 -34.22 -9.03 -54.69
C GLY A 387 -34.94 -9.63 -53.48
N GLU A 388 -34.46 -10.77 -52.99
CA GLU A 388 -35.03 -11.45 -51.79
C GLU A 388 -34.49 -10.75 -50.54
N VAL A 389 -35.30 -10.67 -49.47
CA VAL A 389 -34.93 -10.01 -48.19
C VAL A 389 -34.10 -10.99 -47.35
N SER A 390 -34.01 -12.25 -47.75
CA SER A 390 -33.06 -13.21 -47.13
C SER A 390 -31.63 -12.69 -47.31
N TYR A 391 -31.38 -11.75 -48.22
CA TYR A 391 -30.06 -11.09 -48.44
C TYR A 391 -29.93 -9.78 -47.65
N LEU A 392 -31.01 -9.28 -47.04
CA LEU A 392 -30.90 -8.17 -46.06
C LEU A 392 -30.58 -8.77 -44.70
N PRO A 393 -30.07 -7.98 -43.73
CA PRO A 393 -29.79 -8.50 -42.39
C PRO A 393 -31.09 -8.89 -41.68
N ARG A 394 -31.01 -9.81 -40.70
CA ARG A 394 -32.19 -10.25 -39.89
C ARG A 394 -32.90 -8.99 -39.35
N ASP A 395 -32.16 -8.13 -38.63
CA ASP A 395 -32.63 -6.82 -38.12
C ASP A 395 -31.94 -5.69 -38.89
N PHE A 396 -32.73 -4.83 -39.53
CA PHE A 396 -32.23 -3.69 -40.36
C PHE A 396 -33.14 -2.47 -40.22
N SER A 397 -32.68 -1.33 -40.73
CA SER A 397 -33.46 -0.07 -40.84
C SER A 397 -33.29 0.47 -42.26
N THR A 398 -34.29 1.22 -42.75
CA THR A 398 -34.34 1.84 -44.10
C THR A 398 -34.89 3.26 -43.97
N TYR A 399 -34.65 4.10 -44.98
CA TYR A 399 -35.08 5.53 -45.02
C TYR A 399 -36.56 5.65 -44.63
N ARG A 400 -37.43 4.79 -45.17
CA ARG A 400 -38.83 4.62 -44.73
C ARG A 400 -38.98 3.28 -44.02
N PRO A 401 -39.57 3.23 -42.80
CA PRO A 401 -39.68 1.99 -42.05
C PRO A 401 -40.49 0.93 -42.82
N LEU A 402 -40.05 -0.33 -42.75
CA LEU A 402 -40.70 -1.49 -43.41
C LEU A 402 -41.10 -2.49 -42.33
N PRO A 403 -42.30 -2.32 -41.70
CA PRO A 403 -42.80 -3.31 -40.76
C PRO A 403 -42.82 -4.70 -41.42
N ASP A 404 -43.24 -4.73 -42.70
CA ASP A 404 -43.16 -5.91 -43.59
C ASP A 404 -41.88 -5.81 -44.42
N PRO A 405 -40.86 -6.66 -44.17
CA PRO A 405 -39.58 -6.53 -44.88
C PRO A 405 -39.69 -6.76 -46.40
N SER A 406 -40.63 -7.59 -46.86
CA SER A 406 -40.75 -8.02 -48.27
C SER A 406 -41.14 -6.84 -49.17
N VAL A 407 -41.68 -5.77 -48.60
CA VAL A 407 -42.01 -4.53 -49.37
C VAL A 407 -40.72 -4.00 -50.00
N TRP A 408 -39.55 -4.31 -49.40
CA TRP A 408 -38.22 -3.99 -49.98
C TRP A 408 -38.11 -4.65 -51.36
N SER A 409 -38.42 -5.95 -51.44
CA SER A 409 -38.46 -6.74 -52.71
C SER A 409 -39.34 -6.00 -53.73
N ARG A 410 -40.55 -5.59 -53.33
CA ARG A 410 -41.47 -4.74 -54.16
C ARG A 410 -40.72 -3.49 -54.65
N ARG A 411 -40.03 -2.77 -53.75
CA ARG A 411 -39.39 -1.48 -54.11
C ARG A 411 -38.27 -1.73 -55.13
N TYR A 412 -37.56 -2.86 -55.02
CA TYR A 412 -36.53 -3.27 -56.00
C TYR A 412 -37.21 -3.50 -57.36
N THR A 413 -38.33 -4.22 -57.39
CA THR A 413 -39.03 -4.58 -58.66
C THR A 413 -39.49 -3.29 -59.37
N GLU A 414 -39.71 -2.20 -58.64
CA GLU A 414 -40.12 -0.89 -59.22
C GLU A 414 -39.03 -0.35 -60.15
N MET A 415 -37.77 -0.72 -59.93
CA MET A 415 -36.61 -0.26 -60.76
C MET A 415 -36.74 -0.78 -62.20
N ALA A 416 -37.56 -1.80 -62.45
CA ALA A 416 -37.82 -2.36 -63.80
C ALA A 416 -38.83 -1.49 -64.56
N LEU A 417 -39.67 -0.72 -63.85
CA LEU A 417 -40.82 0.01 -64.44
C LEU A 417 -40.38 0.84 -65.65
N PRO A 418 -39.30 1.64 -65.57
CA PRO A 418 -38.90 2.50 -66.70
C PRO A 418 -38.34 1.72 -67.89
N PHE A 419 -37.98 0.44 -67.71
CA PHE A 419 -37.39 -0.41 -68.77
C PHE A 419 -38.20 -1.71 -68.91
N PHE A 420 -39.50 -1.66 -68.59
CA PHE A 420 -40.37 -2.85 -68.38
C PHE A 420 -40.41 -3.74 -69.63
N SER A 421 -40.29 -3.17 -70.83
CA SER A 421 -40.63 -3.87 -72.10
C SER A 421 -39.78 -5.12 -72.33
N LEU A 422 -38.51 -5.13 -71.92
CA LEU A 422 -37.61 -6.32 -72.00
C LEU A 422 -36.95 -6.62 -70.65
N ALA A 423 -37.50 -6.08 -69.56
CA ALA A 423 -37.00 -6.33 -68.18
C ALA A 423 -37.47 -7.72 -67.71
N GLU A 424 -36.68 -8.36 -66.85
CA GLU A 424 -37.12 -9.49 -66.00
C GLU A 424 -36.66 -9.26 -64.54
N VAL A 425 -37.45 -9.77 -63.60
CA VAL A 425 -37.15 -9.81 -62.14
C VAL A 425 -37.40 -11.25 -61.70
N ARG A 426 -36.87 -11.68 -60.54
CA ARG A 426 -37.10 -13.04 -60.01
C ARG A 426 -37.76 -12.98 -58.63
N VAL A 427 -38.26 -11.80 -58.23
CA VAL A 427 -39.04 -11.62 -56.97
C VAL A 427 -40.34 -10.88 -57.32
N GLY A 428 -41.38 -11.09 -56.51
CA GLY A 428 -42.67 -10.40 -56.63
C GLY A 428 -43.38 -10.40 -55.28
N TYR A 429 -43.60 -9.21 -54.73
CA TYR A 429 -44.38 -9.00 -53.49
C TYR A 429 -45.35 -7.85 -53.75
N GLN A 430 -46.59 -8.19 -54.12
CA GLN A 430 -47.58 -7.22 -54.62
C GLN A 430 -46.91 -6.42 -55.77
N SER A 431 -46.18 -7.11 -56.65
CA SER A 431 -45.47 -6.54 -57.83
C SER A 431 -46.26 -6.79 -59.13
N GLN A 432 -47.49 -7.33 -59.04
CA GLN A 432 -48.28 -7.81 -60.21
C GLN A 432 -48.50 -6.68 -61.22
N ASN A 433 -48.63 -5.42 -60.79
CA ASN A 433 -48.95 -4.29 -61.69
C ASN A 433 -47.69 -3.80 -62.42
N ILE A 434 -46.52 -4.40 -62.17
CA ILE A 434 -45.27 -4.12 -62.94
C ILE A 434 -45.26 -5.03 -64.16
N SER A 435 -45.39 -4.44 -65.35
CA SER A 435 -45.69 -5.16 -66.62
C SER A 435 -44.44 -5.76 -67.25
N CYS A 436 -43.50 -6.29 -66.47
CA CYS A 436 -42.31 -6.99 -66.99
C CYS A 436 -42.46 -8.51 -66.80
N PHE A 437 -41.48 -9.29 -67.26
CA PHE A 437 -41.44 -10.76 -67.08
C PHE A 437 -40.96 -11.08 -65.68
N PHE A 438 -41.50 -12.16 -65.11
CA PHE A 438 -41.12 -12.72 -63.80
C PHE A 438 -40.50 -14.09 -64.02
N ARG A 439 -39.24 -14.25 -63.60
CA ARG A 439 -38.42 -15.47 -63.85
C ARG A 439 -38.52 -16.38 -62.63
N LEU A 440 -38.80 -17.67 -62.84
CA LEU A 440 -38.71 -18.70 -61.78
C LEU A 440 -37.27 -18.70 -61.28
N VAL A 441 -37.08 -18.93 -59.98
CA VAL A 441 -35.72 -18.99 -59.39
C VAL A 441 -34.94 -20.13 -60.08
N ASP A 442 -33.64 -19.92 -60.26
CA ASP A 442 -32.68 -20.72 -61.08
C ASP A 442 -33.01 -22.22 -60.97
N ARG A 443 -33.38 -22.84 -62.09
CA ARG A 443 -33.71 -24.29 -62.18
C ARG A 443 -32.43 -25.12 -62.29
N ASP A 444 -32.45 -26.36 -61.79
CA ASP A 444 -31.33 -27.32 -61.92
C ASP A 444 -31.59 -28.29 -63.07
N SER A 445 -30.51 -28.76 -63.70
CA SER A 445 -30.49 -29.74 -64.81
C SER A 445 -30.76 -31.14 -64.26
N VAL A 446 -31.88 -31.31 -63.57
CA VAL A 446 -32.40 -32.61 -63.07
C VAL A 446 -33.86 -32.76 -63.52
N TRP A 447 -34.43 -33.95 -63.35
CA TRP A 447 -35.77 -34.35 -63.87
C TRP A 447 -36.89 -33.96 -62.90
N GLY A 448 -36.59 -33.82 -61.61
CA GLY A 448 -37.57 -33.90 -60.51
C GLY A 448 -38.28 -32.59 -60.20
N TYR A 449 -39.05 -32.58 -59.12
CA TYR A 449 -39.84 -31.43 -58.61
C TYR A 449 -38.94 -30.45 -57.84
N ASP A 450 -37.73 -30.87 -57.48
CA ASP A 450 -36.71 -30.04 -56.80
C ASP A 450 -35.97 -29.19 -57.84
N LEU A 451 -36.63 -28.15 -58.36
CA LEU A 451 -36.09 -27.15 -59.32
C LEU A 451 -35.79 -27.80 -60.68
N GLY A 452 -36.29 -29.02 -60.91
CA GLY A 452 -36.06 -29.79 -62.14
C GLY A 452 -37.19 -29.63 -63.15
N LEU A 453 -37.20 -30.49 -64.18
CA LEU A 453 -38.19 -30.45 -65.29
C LEU A 453 -39.62 -30.57 -64.75
N ARG A 454 -39.84 -31.47 -63.78
CA ARG A 454 -41.21 -31.74 -63.23
C ARG A 454 -41.66 -30.58 -62.33
N SER A 455 -40.75 -29.70 -61.91
CA SER A 455 -41.04 -28.47 -61.14
C SER A 455 -41.66 -27.39 -62.03
N LEU A 456 -41.39 -27.41 -63.35
CA LEU A 456 -41.72 -26.26 -64.25
C LEU A 456 -43.21 -25.95 -64.18
N ILE A 457 -44.08 -26.96 -64.33
CA ILE A 457 -45.54 -26.73 -64.48
C ILE A 457 -46.12 -26.30 -63.12
N PRO A 458 -45.85 -27.01 -62.00
CA PRO A 458 -46.26 -26.52 -60.68
C PRO A 458 -45.85 -25.06 -60.40
N ALA A 459 -44.60 -24.70 -60.70
CA ALA A 459 -44.05 -23.34 -60.42
C ALA A 459 -44.78 -22.31 -61.28
N VAL A 460 -44.86 -22.54 -62.59
CA VAL A 460 -45.52 -21.60 -63.54
C VAL A 460 -46.98 -21.39 -63.12
N LEU A 461 -47.70 -22.47 -62.77
CA LEU A 461 -49.13 -22.40 -62.35
C LEU A 461 -49.25 -21.62 -61.04
N THR A 462 -48.40 -21.92 -60.06
CA THR A 462 -48.33 -21.22 -58.75
C THR A 462 -48.19 -19.71 -59.00
N VAL A 463 -47.20 -19.33 -59.80
CA VAL A 463 -46.92 -17.89 -60.10
C VAL A 463 -48.13 -17.31 -60.86
N SER A 464 -48.77 -18.08 -61.74
CA SER A 464 -50.00 -17.66 -62.47
C SER A 464 -51.14 -17.39 -61.47
N MET A 465 -51.31 -18.25 -60.46
CA MET A 465 -52.33 -18.10 -59.39
C MET A 465 -52.16 -16.75 -58.69
N LEU A 466 -50.92 -16.28 -58.53
CA LEU A 466 -50.60 -15.05 -57.76
C LEU A 466 -50.77 -13.83 -58.67
N GLY A 467 -51.28 -13.99 -59.89
CA GLY A 467 -51.68 -12.90 -60.80
C GLY A 467 -50.52 -12.28 -61.56
N TYR A 468 -49.41 -12.99 -61.75
CA TYR A 468 -48.26 -12.60 -62.62
C TYR A 468 -48.38 -13.33 -63.94
N PRO A 469 -48.92 -12.70 -65.02
CA PRO A 469 -49.12 -13.40 -66.29
C PRO A 469 -47.86 -13.70 -67.11
N PHE A 470 -46.88 -12.80 -67.08
CA PHE A 470 -45.68 -12.84 -67.98
C PHE A 470 -44.57 -13.59 -67.26
N ILE A 471 -44.59 -14.92 -67.39
CA ILE A 471 -43.69 -15.84 -66.64
C ILE A 471 -42.60 -16.37 -67.57
N LEU A 472 -41.37 -16.39 -67.07
CA LEU A 472 -40.18 -16.93 -67.77
C LEU A 472 -39.65 -18.10 -66.95
N PRO A 473 -39.86 -19.37 -67.38
CA PRO A 473 -39.40 -20.53 -66.59
C PRO A 473 -37.88 -20.78 -66.70
N ASP A 474 -37.09 -19.71 -66.56
CA ASP A 474 -35.61 -19.75 -66.47
C ASP A 474 -35.02 -20.37 -67.75
N MET A 475 -33.95 -21.18 -67.65
CA MET A 475 -33.09 -21.65 -68.77
C MET A 475 -33.58 -23.03 -69.24
N VAL A 476 -33.69 -23.23 -70.56
CA VAL A 476 -33.92 -24.57 -71.17
C VAL A 476 -32.79 -25.48 -70.67
N GLY A 477 -33.15 -26.58 -70.01
CA GLY A 477 -32.20 -27.61 -69.52
C GLY A 477 -31.64 -27.32 -68.14
N GLY A 478 -31.97 -26.17 -67.55
CA GLY A 478 -31.45 -25.73 -66.24
C GLY A 478 -30.09 -25.09 -66.35
N ASN A 479 -29.43 -24.84 -65.20
CA ASN A 479 -28.24 -23.96 -65.10
C ASN A 479 -26.94 -24.78 -65.13
N ALA A 480 -27.04 -26.12 -65.14
CA ALA A 480 -25.90 -27.05 -65.33
C ALA A 480 -24.88 -26.86 -64.20
N VAL A 481 -25.34 -26.84 -62.95
CA VAL A 481 -24.47 -26.69 -61.76
C VAL A 481 -23.80 -28.04 -61.48
N PRO A 482 -22.45 -28.09 -61.38
CA PRO A 482 -21.76 -29.32 -61.01
C PRO A 482 -22.40 -29.95 -59.77
N GLN A 483 -22.58 -31.28 -59.78
CA GLN A 483 -23.14 -32.12 -58.68
C GLN A 483 -24.68 -32.01 -58.64
N ARG A 484 -25.28 -31.13 -59.44
CA ARG A 484 -26.75 -30.94 -59.56
C ARG A 484 -27.15 -30.95 -61.06
N THR A 485 -26.49 -31.81 -61.84
CA THR A 485 -26.68 -31.93 -63.31
C THR A 485 -26.72 -33.42 -63.67
N ALA A 486 -27.92 -33.94 -63.97
CA ALA A 486 -28.11 -35.25 -64.62
C ALA A 486 -27.47 -35.18 -66.01
N GLY A 487 -26.23 -35.71 -66.16
CA GLY A 487 -25.45 -35.70 -67.41
C GLY A 487 -24.03 -35.14 -67.25
N GLY A 488 -23.64 -34.66 -66.05
CA GLY A 488 -22.27 -34.23 -65.74
C GLY A 488 -22.02 -32.76 -66.06
N ASP A 489 -21.41 -32.48 -67.22
CA ASP A 489 -20.98 -31.11 -67.66
C ASP A 489 -22.21 -30.28 -68.04
N VAL A 490 -23.16 -30.91 -68.73
CA VAL A 490 -24.39 -30.27 -69.30
C VAL A 490 -25.55 -31.23 -69.09
N PRO A 491 -26.82 -30.75 -69.09
CA PRO A 491 -27.96 -31.64 -68.98
C PRO A 491 -27.91 -32.76 -70.03
N GLU A 492 -28.23 -34.00 -69.64
CA GLU A 492 -28.49 -35.16 -70.53
C GLU A 492 -29.21 -34.70 -71.79
N ARG A 493 -28.87 -35.26 -72.95
CA ARG A 493 -29.52 -34.97 -74.26
C ARG A 493 -31.04 -35.05 -74.13
N GLU A 494 -31.56 -36.10 -73.47
CA GLU A 494 -33.01 -36.39 -73.38
C GLU A 494 -33.68 -35.34 -72.48
N LEU A 495 -33.07 -35.00 -71.35
CA LEU A 495 -33.57 -33.96 -70.41
C LEU A 495 -33.64 -32.61 -71.14
N TYR A 496 -32.57 -32.24 -71.85
CA TYR A 496 -32.48 -30.99 -72.66
C TYR A 496 -33.62 -30.93 -73.68
N ILE A 497 -33.88 -32.03 -74.39
CA ILE A 497 -34.91 -32.11 -75.47
C ILE A 497 -36.30 -31.95 -74.84
N ARG A 498 -36.62 -32.75 -73.82
CA ARG A 498 -37.95 -32.74 -73.18
C ARG A 498 -38.21 -31.34 -72.59
N TRP A 499 -37.20 -30.74 -71.95
CA TRP A 499 -37.28 -29.39 -71.33
C TRP A 499 -37.56 -28.33 -72.41
N LEU A 500 -36.80 -28.35 -73.50
CA LEU A 500 -36.94 -27.42 -74.66
C LEU A 500 -38.39 -27.43 -75.14
N GLU A 501 -38.98 -28.62 -75.23
CA GLU A 501 -40.35 -28.84 -75.78
C GLU A 501 -41.37 -28.17 -74.86
N VAL A 502 -41.27 -28.37 -73.54
CA VAL A 502 -42.23 -27.77 -72.57
C VAL A 502 -41.99 -26.25 -72.56
N ALA A 503 -40.72 -25.81 -72.63
CA ALA A 503 -40.33 -24.38 -72.59
C ALA A 503 -40.87 -23.65 -73.81
N ALA A 504 -41.04 -24.32 -74.95
CA ALA A 504 -41.55 -23.74 -76.21
C ALA A 504 -43.02 -23.30 -76.07
N PHE A 505 -43.74 -23.78 -75.05
CA PHE A 505 -45.20 -23.55 -74.84
C PHE A 505 -45.46 -22.56 -73.69
N MET A 506 -44.40 -22.04 -73.05
CA MET A 506 -44.50 -21.09 -71.92
C MET A 506 -44.37 -19.66 -72.45
N PRO A 507 -44.79 -18.62 -71.70
CA PRO A 507 -44.87 -17.27 -72.24
C PRO A 507 -43.55 -16.74 -72.82
N ALA A 508 -42.42 -17.03 -72.19
CA ALA A 508 -41.08 -16.65 -72.68
C ALA A 508 -40.17 -17.87 -72.66
N MET A 509 -39.29 -17.97 -73.66
CA MET A 509 -38.38 -19.11 -73.87
C MET A 509 -36.95 -18.57 -73.87
N GLN A 510 -36.08 -19.15 -73.06
CA GLN A 510 -34.69 -18.65 -72.89
C GLN A 510 -33.73 -19.83 -73.01
N PHE A 511 -32.83 -19.78 -73.99
CA PHE A 511 -31.66 -20.67 -74.14
C PHE A 511 -30.45 -20.02 -73.46
N SER A 512 -29.62 -20.84 -72.81
CA SER A 512 -28.22 -20.48 -72.47
C SER A 512 -27.30 -21.51 -73.13
N ILE A 513 -27.28 -22.74 -72.62
CA ILE A 513 -26.61 -23.87 -73.31
C ILE A 513 -27.39 -24.09 -74.60
N PRO A 514 -26.78 -23.86 -75.79
CA PRO A 514 -27.53 -23.85 -77.04
C PRO A 514 -27.72 -25.25 -77.60
N PRO A 515 -28.67 -25.44 -78.54
CA PRO A 515 -28.91 -26.76 -79.14
C PRO A 515 -27.68 -27.39 -79.79
N TRP A 516 -26.82 -26.59 -80.43
CA TRP A 516 -25.67 -27.07 -81.23
C TRP A 516 -24.53 -27.55 -80.32
N ARG A 517 -24.70 -27.44 -79.00
CA ARG A 517 -23.79 -28.09 -78.01
C ARG A 517 -23.99 -29.62 -78.05
N TYR A 518 -25.11 -30.10 -78.58
CA TYR A 518 -25.47 -31.55 -78.58
C TYR A 518 -25.15 -32.18 -79.95
N ASP A 519 -26.03 -32.00 -80.94
CA ASP A 519 -25.91 -32.61 -82.29
C ASP A 519 -26.97 -31.98 -83.22
N ALA A 520 -26.91 -32.30 -84.51
CA ALA A 520 -27.75 -31.71 -85.59
C ALA A 520 -29.23 -32.02 -85.35
N GLU A 521 -29.55 -33.17 -84.76
CA GLU A 521 -30.96 -33.59 -84.50
C GLU A 521 -31.53 -32.65 -83.43
N VAL A 522 -30.79 -32.42 -82.35
CA VAL A 522 -31.20 -31.48 -81.26
C VAL A 522 -31.40 -30.09 -81.86
N VAL A 523 -30.50 -29.64 -82.74
CA VAL A 523 -30.62 -28.33 -83.44
C VAL A 523 -31.91 -28.33 -84.28
N ALA A 524 -32.20 -29.44 -84.96
CA ALA A 524 -33.39 -29.61 -85.81
C ALA A 524 -34.65 -29.58 -84.93
N ILE A 525 -34.62 -30.24 -83.78
CA ILE A 525 -35.75 -30.24 -82.80
C ILE A 525 -35.99 -28.79 -82.34
N ALA A 526 -34.93 -28.05 -82.04
CA ALA A 526 -35.01 -26.63 -81.60
C ALA A 526 -35.67 -25.79 -82.69
N GLN A 527 -35.23 -25.92 -83.94
CA GLN A 527 -35.75 -25.14 -85.10
C GLN A 527 -37.24 -25.48 -85.31
N LYS A 528 -37.62 -26.74 -85.10
CA LYS A 528 -39.02 -27.22 -85.25
C LYS A 528 -39.92 -26.54 -84.20
N PHE A 529 -39.48 -26.51 -82.93
CA PHE A 529 -40.28 -25.96 -81.82
C PHE A 529 -40.26 -24.43 -81.88
N ALA A 530 -39.17 -23.83 -82.38
CA ALA A 530 -39.07 -22.38 -82.64
C ALA A 530 -40.12 -21.98 -83.68
N ALA A 531 -40.26 -22.78 -84.74
CA ALA A 531 -41.22 -22.56 -85.85
C ALA A 531 -42.65 -22.77 -85.33
N LEU A 532 -42.87 -23.82 -84.55
CA LEU A 532 -44.19 -24.18 -83.95
C LEU A 532 -44.61 -23.07 -82.97
N ARG A 533 -43.66 -22.59 -82.16
CA ARG A 533 -43.87 -21.47 -81.21
C ARG A 533 -44.31 -20.23 -81.98
N ALA A 534 -43.68 -19.95 -83.12
CA ALA A 534 -43.96 -18.74 -83.94
C ALA A 534 -45.37 -18.80 -84.55
N SER A 535 -45.81 -19.98 -85.01
CA SER A 535 -47.02 -20.15 -85.83
C SER A 535 -48.25 -20.45 -84.96
N LEU A 536 -48.09 -21.23 -83.88
CA LEU A 536 -49.21 -21.71 -83.02
C LEU A 536 -49.24 -20.95 -81.69
N VAL A 537 -48.14 -20.94 -80.94
CA VAL A 537 -48.09 -20.55 -79.50
C VAL A 537 -48.07 -19.02 -79.36
N ALA A 538 -47.15 -18.36 -80.06
CA ALA A 538 -46.87 -16.90 -79.93
C ALA A 538 -48.13 -16.08 -80.20
N PRO A 539 -48.89 -16.31 -81.30
CA PRO A 539 -50.08 -15.52 -81.58
C PRO A 539 -51.07 -15.57 -80.41
N LEU A 540 -51.22 -16.74 -79.78
CA LEU A 540 -52.14 -16.96 -78.62
C LEU A 540 -51.60 -16.25 -77.38
N LEU A 541 -50.30 -16.37 -77.09
CA LEU A 541 -49.64 -15.72 -75.93
C LEU A 541 -49.86 -14.20 -76.01
N LEU A 542 -49.62 -13.59 -77.18
CA LEU A 542 -49.79 -12.13 -77.42
C LEU A 542 -51.24 -11.73 -77.19
N GLU A 543 -52.19 -12.51 -77.73
CA GLU A 543 -53.64 -12.21 -77.60
C GLU A 543 -54.01 -12.24 -76.11
N LEU A 544 -53.56 -13.27 -75.38
CA LEU A 544 -53.86 -13.47 -73.94
C LEU A 544 -53.13 -12.43 -73.10
N ALA A 545 -51.94 -12.01 -73.52
CA ALA A 545 -51.14 -10.94 -72.87
C ALA A 545 -51.92 -9.61 -72.96
N GLY A 546 -52.49 -9.33 -74.12
CA GLY A 546 -53.30 -8.12 -74.39
C GLY A 546 -54.62 -8.15 -73.65
N GLU A 547 -55.11 -9.34 -73.26
CA GLU A 547 -56.40 -9.48 -72.53
C GLU A 547 -56.23 -9.09 -71.06
N VAL A 548 -55.03 -9.27 -70.51
CA VAL A 548 -54.76 -9.19 -69.03
C VAL A 548 -55.33 -7.89 -68.48
N THR A 549 -55.08 -6.76 -69.15
CA THR A 549 -55.50 -5.40 -68.68
C THR A 549 -57.01 -5.41 -68.44
N ASP A 550 -57.81 -6.08 -69.29
CA ASP A 550 -59.28 -6.13 -69.17
C ASP A 550 -59.71 -7.21 -68.15
N THR A 551 -59.24 -8.44 -68.30
CA THR A 551 -59.78 -9.64 -67.61
C THR A 551 -59.05 -9.92 -66.29
N GLY A 552 -57.79 -9.50 -66.17
CA GLY A 552 -56.92 -9.84 -65.02
C GLY A 552 -56.56 -11.31 -64.98
N ASP A 553 -56.93 -12.08 -66.02
CA ASP A 553 -56.72 -13.56 -66.08
C ASP A 553 -55.28 -13.85 -66.49
N PRO A 554 -54.67 -14.92 -65.97
CA PRO A 554 -53.32 -15.34 -66.39
C PRO A 554 -53.30 -15.96 -67.80
N ILE A 555 -52.09 -16.12 -68.34
CA ILE A 555 -51.83 -16.72 -69.68
C ILE A 555 -51.80 -18.25 -69.52
N VAL A 556 -50.94 -18.74 -68.63
CA VAL A 556 -50.78 -20.19 -68.33
C VAL A 556 -51.80 -20.57 -67.25
N ARG A 557 -52.67 -21.54 -67.54
CA ARG A 557 -53.81 -21.88 -66.66
C ARG A 557 -53.79 -23.37 -66.32
N PRO A 558 -54.25 -23.76 -65.11
CA PRO A 558 -54.43 -25.16 -64.76
C PRO A 558 -55.62 -25.75 -65.51
N LEU A 559 -55.64 -27.08 -65.71
CA LEU A 559 -56.77 -27.77 -66.38
C LEU A 559 -58.09 -27.37 -65.68
N TRP A 560 -58.08 -27.21 -64.36
CA TRP A 560 -59.31 -26.97 -63.56
C TRP A 560 -59.90 -25.58 -63.86
N TRP A 561 -59.15 -24.70 -64.52
CA TRP A 561 -59.64 -23.37 -64.96
C TRP A 561 -60.93 -23.53 -65.77
N ILE A 562 -60.94 -24.42 -66.78
CA ILE A 562 -62.12 -24.66 -67.67
C ILE A 562 -62.99 -25.81 -67.13
N ALA A 563 -62.45 -26.65 -66.24
CA ALA A 563 -63.14 -27.81 -65.65
C ALA A 563 -63.11 -27.72 -64.12
N PRO A 564 -63.72 -26.68 -63.52
CA PRO A 564 -63.58 -26.43 -62.08
C PRO A 564 -64.22 -27.48 -61.16
N GLY A 565 -65.17 -28.27 -61.68
CA GLY A 565 -65.85 -29.33 -60.92
C GLY A 565 -65.27 -30.71 -61.19
N ASP A 566 -64.09 -30.78 -61.82
CA ASP A 566 -63.45 -32.03 -62.31
C ASP A 566 -62.34 -32.43 -61.32
N GLU A 567 -62.59 -33.43 -60.48
CA GLU A 567 -61.64 -33.92 -59.44
C GLU A 567 -60.30 -34.33 -60.06
N THR A 568 -60.30 -34.80 -61.32
CA THR A 568 -59.07 -35.26 -62.02
C THR A 568 -58.25 -34.01 -62.43
N ALA A 569 -58.93 -33.00 -62.95
CA ALA A 569 -58.33 -31.68 -63.32
C ALA A 569 -57.70 -31.02 -62.09
N HIS A 570 -58.29 -31.18 -60.90
CA HIS A 570 -57.78 -30.58 -59.64
C HIS A 570 -56.38 -31.11 -59.33
N ARG A 571 -56.09 -32.37 -59.71
CA ARG A 571 -54.87 -33.13 -59.29
C ARG A 571 -53.73 -33.02 -60.30
N ILE A 572 -54.02 -32.74 -61.57
CA ILE A 572 -53.04 -32.83 -62.70
C ILE A 572 -51.92 -31.79 -62.53
N ASP A 573 -50.66 -32.26 -62.49
CA ASP A 573 -49.43 -31.43 -62.41
C ASP A 573 -48.58 -31.59 -63.68
N SER A 574 -49.04 -32.35 -64.66
CA SER A 574 -48.25 -32.77 -65.85
C SER A 574 -48.82 -32.11 -67.13
N GLN A 575 -49.90 -31.34 -66.99
CA GLN A 575 -50.58 -30.69 -68.15
C GLN A 575 -50.92 -29.24 -67.75
N PHE A 576 -51.07 -28.38 -68.75
CA PHE A 576 -51.46 -26.97 -68.54
C PHE A 576 -52.20 -26.48 -69.80
N LEU A 577 -52.89 -25.36 -69.66
CA LEU A 577 -53.55 -24.65 -70.77
C LEU A 577 -52.78 -23.36 -71.07
N ILE A 578 -52.79 -22.94 -72.33
CA ILE A 578 -52.52 -21.54 -72.77
C ILE A 578 -53.87 -20.94 -73.12
N GLY A 579 -54.34 -19.97 -72.34
CA GLY A 579 -55.76 -19.56 -72.34
C GLY A 579 -56.66 -20.75 -72.05
N ASP A 580 -57.81 -20.83 -72.70
CA ASP A 580 -58.84 -21.88 -72.45
C ASP A 580 -58.79 -22.92 -73.57
N THR A 581 -58.03 -22.67 -74.66
CA THR A 581 -58.18 -23.41 -75.95
C THR A 581 -56.96 -24.31 -76.28
N LEU A 582 -55.76 -24.03 -75.77
CA LEU A 582 -54.56 -24.86 -76.09
C LEU A 582 -54.18 -25.69 -74.87
N LEU A 583 -54.24 -27.02 -75.00
CA LEU A 583 -53.97 -28.00 -73.92
C LEU A 583 -52.64 -28.70 -74.24
N VAL A 584 -51.71 -28.70 -73.28
CA VAL A 584 -50.30 -29.14 -73.48
C VAL A 584 -49.99 -30.26 -72.49
N ALA A 585 -49.40 -31.35 -72.97
CA ALA A 585 -49.13 -32.59 -72.22
C ALA A 585 -47.73 -33.08 -72.60
N PRO A 586 -46.66 -32.47 -72.04
CA PRO A 586 -45.29 -32.89 -72.33
C PRO A 586 -44.95 -34.24 -71.68
N VAL A 587 -43.99 -34.97 -72.27
CA VAL A 587 -43.34 -36.14 -71.61
C VAL A 587 -42.33 -35.57 -70.60
N LEU A 588 -42.42 -36.02 -69.34
CA LEU A 588 -41.63 -35.46 -68.22
C LEU A 588 -40.85 -36.59 -67.54
N GLU A 589 -40.66 -37.71 -68.23
CA GLU A 589 -39.98 -38.92 -67.72
C GLU A 589 -38.97 -39.38 -68.76
N PRO A 590 -37.77 -39.86 -68.34
CA PRO A 590 -36.76 -40.34 -69.27
C PRO A 590 -37.12 -41.73 -69.82
N GLY A 591 -36.64 -42.03 -71.03
CA GLY A 591 -36.83 -43.31 -71.74
C GLY A 591 -38.29 -43.59 -72.05
N LYS A 592 -39.11 -42.55 -72.24
CA LYS A 592 -40.56 -42.68 -72.51
C LYS A 592 -40.87 -42.10 -73.89
N GLN A 593 -41.60 -42.87 -74.70
CA GLN A 593 -42.10 -42.45 -76.04
C GLN A 593 -43.63 -42.46 -76.02
N GLU A 594 -44.24 -42.43 -74.83
CA GLU A 594 -45.70 -42.29 -74.63
C GLU A 594 -45.97 -41.77 -73.21
N ARG A 595 -47.20 -41.33 -72.94
CA ARG A 595 -47.69 -40.94 -71.59
C ARG A 595 -49.22 -40.97 -71.57
N ASP A 596 -49.81 -41.11 -70.39
CA ASP A 596 -51.27 -40.90 -70.18
C ASP A 596 -51.57 -39.40 -70.31
N VAL A 597 -52.63 -39.05 -71.02
CA VAL A 597 -53.09 -37.67 -71.27
C VAL A 597 -54.56 -37.58 -70.87
N TYR A 598 -54.91 -36.71 -69.93
CA TYR A 598 -56.32 -36.44 -69.51
C TYR A 598 -56.87 -35.28 -70.33
N LEU A 599 -57.96 -35.53 -71.05
CA LEU A 599 -58.77 -34.49 -71.74
C LEU A 599 -60.03 -34.25 -70.91
N PRO A 600 -60.29 -33.00 -70.48
CA PRO A 600 -61.54 -32.68 -69.79
C PRO A 600 -62.70 -32.54 -70.79
N ALA A 601 -63.90 -32.22 -70.27
CA ALA A 601 -65.14 -32.04 -71.05
C ALA A 601 -64.86 -31.13 -72.25
N GLY A 602 -65.60 -31.34 -73.33
CA GLY A 602 -65.46 -30.60 -74.60
C GLY A 602 -64.72 -31.42 -75.65
N LYS A 603 -64.65 -30.91 -76.88
CA LYS A 603 -64.01 -31.56 -78.04
C LYS A 603 -62.60 -30.98 -78.21
N TRP A 604 -61.63 -31.86 -78.45
CA TRP A 604 -60.18 -31.53 -78.55
C TRP A 604 -59.62 -32.13 -79.84
N ARG A 605 -58.99 -31.31 -80.69
CA ARG A 605 -58.28 -31.77 -81.91
C ARG A 605 -56.78 -31.90 -81.58
N SER A 606 -56.26 -33.13 -81.59
CA SER A 606 -54.83 -33.44 -81.33
C SER A 606 -53.95 -32.73 -82.36
N TYR A 607 -52.65 -32.66 -82.08
CA TYR A 607 -51.62 -32.09 -82.98
C TYR A 607 -51.50 -32.94 -84.25
N LYS A 608 -51.98 -34.19 -84.21
CA LYS A 608 -51.91 -35.18 -85.32
C LYS A 608 -53.20 -35.13 -86.17
N GLY A 609 -54.22 -34.41 -85.70
CA GLY A 609 -55.51 -34.25 -86.41
C GLY A 609 -56.61 -35.14 -85.84
N GLU A 610 -56.35 -35.84 -84.74
CA GLU A 610 -57.33 -36.74 -84.08
C GLU A 610 -58.40 -35.87 -83.40
N LEU A 611 -59.67 -36.11 -83.70
CA LEU A 611 -60.80 -35.48 -82.98
C LEU A 611 -61.18 -36.36 -81.78
N PHE A 612 -60.96 -35.87 -80.56
CA PHE A 612 -61.48 -36.52 -79.32
C PHE A 612 -62.77 -35.83 -78.90
N ASP A 613 -63.93 -36.47 -79.09
CA ASP A 613 -65.26 -35.87 -78.79
C ASP A 613 -66.02 -36.70 -77.74
N LYS A 614 -65.40 -37.71 -77.16
CA LYS A 614 -66.00 -38.51 -76.05
C LYS A 614 -65.15 -38.26 -74.82
N THR A 615 -65.51 -37.22 -74.07
CA THR A 615 -64.73 -36.63 -72.96
C THR A 615 -65.66 -36.32 -71.79
N PRO A 616 -65.15 -36.16 -70.54
CA PRO A 616 -63.73 -36.35 -70.25
C PRO A 616 -63.28 -37.79 -70.48
N VAL A 617 -62.00 -37.99 -70.82
CA VAL A 617 -61.41 -39.32 -71.09
C VAL A 617 -59.92 -39.27 -70.74
N LEU A 618 -59.39 -40.37 -70.22
CA LEU A 618 -57.93 -40.59 -70.08
C LEU A 618 -57.43 -41.31 -71.33
N LEU A 619 -56.57 -40.67 -72.12
CA LEU A 619 -55.84 -41.32 -73.24
C LEU A 619 -54.64 -42.06 -72.66
N THR A 620 -54.72 -43.39 -72.57
CA THR A 620 -53.65 -44.24 -71.99
C THR A 620 -52.60 -44.53 -73.07
N ASP A 621 -51.32 -44.57 -72.66
CA ASP A 621 -50.12 -44.83 -73.50
C ASP A 621 -50.26 -44.08 -74.83
N TYR A 622 -50.60 -42.79 -74.77
CA TYR A 622 -50.68 -41.90 -75.95
C TYR A 622 -49.28 -41.66 -76.48
N PRO A 623 -48.98 -42.05 -77.75
CA PRO A 623 -47.63 -41.96 -78.30
C PRO A 623 -47.11 -40.51 -78.42
N VAL A 624 -45.89 -40.28 -77.91
CA VAL A 624 -45.15 -38.98 -78.01
C VAL A 624 -43.67 -39.29 -78.20
N ASP A 625 -43.16 -39.20 -79.44
CA ASP A 625 -41.73 -39.46 -79.75
C ASP A 625 -40.87 -38.44 -79.02
N LEU A 626 -39.56 -38.70 -78.92
CA LEU A 626 -38.55 -37.82 -78.27
C LEU A 626 -38.68 -36.40 -78.85
N ASP A 627 -38.95 -36.28 -80.16
CA ASP A 627 -38.96 -34.98 -80.89
C ASP A 627 -40.39 -34.43 -80.97
N GLU A 628 -41.31 -34.88 -80.12
CA GLU A 628 -42.72 -34.44 -80.13
C GLU A 628 -43.15 -33.96 -78.74
N ILE A 629 -44.19 -33.11 -78.70
CA ILE A 629 -44.99 -32.79 -77.49
C ILE A 629 -46.46 -33.01 -77.86
N ALA A 630 -47.24 -33.60 -76.95
CA ALA A 630 -48.69 -33.78 -77.11
C ALA A 630 -49.38 -32.46 -76.79
N TYR A 631 -50.12 -31.90 -77.75
CA TYR A 631 -50.98 -30.71 -77.55
C TYR A 631 -52.30 -30.93 -78.32
N PHE A 632 -53.32 -30.23 -77.87
CA PHE A 632 -54.73 -30.38 -78.32
C PHE A 632 -55.36 -29.00 -78.34
N THR A 633 -56.03 -28.66 -79.44
CA THR A 633 -56.75 -27.38 -79.62
C THR A 633 -58.24 -27.66 -79.42
N TRP A 634 -58.94 -26.79 -78.68
CA TRP A 634 -60.41 -26.80 -78.47
C TRP A 634 -61.14 -26.81 -79.82
N ALA A 635 -62.17 -27.63 -79.97
CA ALA A 635 -62.97 -27.81 -81.21
C ALA A 635 -64.48 -27.76 -80.91
N SER A 636 -64.88 -27.82 -79.64
CA SER A 636 -66.26 -27.47 -79.17
C SER A 636 -66.56 -26.01 -79.53
N LEU B 14 -16.81 -20.90 30.06
CA LEU B 14 -15.98 -22.16 30.15
C LEU B 14 -14.81 -21.99 31.14
N LEU B 15 -14.70 -20.83 31.81
CA LEU B 15 -13.65 -20.54 32.82
C LEU B 15 -14.17 -20.93 34.21
N ASP B 16 -13.30 -21.49 35.03
CA ASP B 16 -13.59 -22.04 36.37
C ASP B 16 -12.66 -21.33 37.37
N LEU B 17 -13.11 -20.23 37.97
CA LEU B 17 -12.28 -19.37 38.86
C LEU B 17 -12.42 -19.85 40.31
N LYS B 18 -11.28 -20.01 41.00
CA LYS B 18 -11.20 -20.41 42.43
C LYS B 18 -10.32 -19.39 43.17
N ALA B 19 -10.19 -19.53 44.49
CA ALA B 19 -9.43 -18.59 45.36
C ALA B 19 -7.97 -18.52 44.89
N GLY B 20 -7.32 -19.69 44.69
CA GLY B 20 -5.87 -19.82 44.47
C GLY B 20 -5.46 -19.97 43.00
N GLY B 21 -6.40 -19.86 42.06
CA GLY B 21 -6.12 -19.94 40.60
C GLY B 21 -7.39 -20.12 39.78
N PHE B 22 -7.27 -20.27 38.46
CA PHE B 22 -8.40 -20.60 37.55
C PHE B 22 -7.94 -21.60 36.47
N SER B 23 -8.92 -22.21 35.79
CA SER B 23 -8.73 -23.12 34.63
C SER B 23 -9.76 -22.79 33.55
N ILE B 24 -9.47 -23.13 32.29
CA ILE B 24 -10.37 -22.90 31.12
C ILE B 24 -10.51 -24.21 30.35
N ARG B 25 -11.73 -24.49 29.87
CA ARG B 25 -12.06 -25.64 28.99
C ARG B 25 -12.44 -25.10 27.60
N ASN B 26 -12.48 -25.97 26.59
CA ASN B 26 -13.01 -25.67 25.23
C ASN B 26 -14.40 -26.29 25.10
N GLN B 27 -15.07 -26.07 23.96
CA GLN B 27 -16.45 -26.56 23.65
C GLN B 27 -16.50 -28.10 23.80
N LYS B 28 -15.41 -28.80 23.47
CA LYS B 28 -15.32 -30.29 23.49
C LYS B 28 -15.18 -30.81 24.93
N GLY B 29 -14.82 -29.95 25.89
CA GLY B 29 -14.80 -30.27 27.33
C GLY B 29 -13.39 -30.45 27.90
N GLU B 30 -12.34 -30.35 27.06
CA GLU B 30 -10.91 -30.52 27.45
C GLU B 30 -10.41 -29.30 28.22
N GLN B 31 -9.60 -29.51 29.27
CA GLN B 31 -8.89 -28.42 30.00
C GLN B 31 -7.68 -27.99 29.16
N VAL B 32 -7.70 -26.78 28.62
CA VAL B 32 -6.66 -26.26 27.67
C VAL B 32 -5.81 -25.17 28.32
N PHE B 33 -6.13 -24.74 29.55
CA PHE B 33 -5.38 -23.69 30.29
C PHE B 33 -5.63 -23.84 31.79
N ARG B 34 -4.57 -23.73 32.59
CA ARG B 34 -4.62 -23.77 34.08
C ARG B 34 -3.56 -22.80 34.62
N LEU B 35 -3.91 -22.03 35.66
CA LEU B 35 -3.04 -20.98 36.23
C LEU B 35 -3.26 -20.90 37.74
N ALA B 36 -2.17 -20.82 38.52
CA ALA B 36 -2.17 -20.61 39.99
C ALA B 36 -1.71 -19.18 40.28
N PHE B 37 -2.39 -18.48 41.19
CA PHE B 37 -1.96 -17.18 41.77
C PHE B 37 -0.85 -17.49 42.80
N ARG B 38 0.29 -16.80 42.72
CA ARG B 38 1.51 -17.15 43.51
C ARG B 38 2.04 -15.95 44.30
N SER B 39 1.38 -14.79 44.21
CA SER B 39 1.66 -13.59 45.04
C SER B 39 0.46 -13.34 45.97
N GLY B 40 -0.40 -14.36 46.14
CA GLY B 40 -1.60 -14.29 46.99
C GLY B 40 -2.72 -15.18 46.49
N ALA B 41 -3.88 -15.09 47.13
CA ALA B 41 -5.15 -15.72 46.73
C ALA B 41 -6.24 -14.65 46.71
N LEU B 42 -7.36 -14.93 46.04
CA LEU B 42 -8.56 -14.06 46.00
C LEU B 42 -9.41 -14.30 47.26
N ASP B 43 -10.23 -13.30 47.60
CA ASP B 43 -11.44 -13.47 48.44
C ASP B 43 -12.64 -13.52 47.49
N LEU B 44 -13.30 -14.69 47.39
CA LEU B 44 -14.42 -14.94 46.44
C LEU B 44 -15.70 -14.23 46.90
N ASP B 45 -15.80 -13.87 48.19
CA ASP B 45 -16.92 -13.05 48.74
C ASP B 45 -16.78 -11.61 48.25
N SER B 46 -15.61 -11.23 47.72
CA SER B 46 -15.29 -9.89 47.18
C SER B 46 -15.51 -9.84 45.66
N CYS B 47 -15.85 -10.98 45.05
CA CYS B 47 -16.06 -11.14 43.59
C CYS B 47 -17.54 -10.93 43.26
N SER B 48 -17.84 -10.16 42.21
CA SER B 48 -19.20 -9.95 41.64
C SER B 48 -19.15 -10.01 40.10
N ARG B 49 -20.14 -10.67 39.50
CA ARG B 49 -20.28 -10.85 38.03
C ARG B 49 -21.27 -9.81 37.49
N ASP B 50 -20.85 -9.01 36.52
CA ASP B 50 -21.68 -8.02 35.77
C ASP B 50 -21.54 -8.33 34.27
N GLY B 51 -22.39 -9.21 33.74
CA GLY B 51 -22.35 -9.70 32.35
C GLY B 51 -21.06 -10.45 32.06
N ALA B 52 -20.25 -9.93 31.13
CA ALA B 52 -18.96 -10.51 30.69
C ALA B 52 -17.87 -10.34 31.76
N LEU B 53 -17.93 -9.26 32.54
CA LEU B 53 -16.91 -8.85 33.56
C LEU B 53 -17.16 -9.62 34.87
N LEU B 54 -16.12 -10.27 35.39
CA LEU B 54 -16.05 -10.83 36.77
C LEU B 54 -14.92 -10.11 37.52
N GLY B 55 -15.26 -9.22 38.46
CA GLY B 55 -14.31 -8.38 39.21
C GLY B 55 -14.22 -8.78 40.67
N CYS B 56 -13.04 -8.68 41.28
CA CYS B 56 -12.74 -9.01 42.70
C CYS B 56 -11.88 -7.90 43.32
N SER B 57 -12.25 -7.44 44.53
CA SER B 57 -11.73 -6.18 45.14
C SER B 57 -10.81 -6.45 46.34
N LEU B 58 -10.64 -7.70 46.78
CA LEU B 58 -9.86 -8.04 48.01
C LEU B 58 -9.10 -9.36 47.83
N THR B 59 -7.84 -9.41 48.32
CA THR B 59 -7.03 -10.64 48.51
C THR B 59 -7.61 -11.44 49.70
N ALA B 60 -7.22 -12.71 49.85
CA ALA B 60 -7.59 -13.57 51.00
C ALA B 60 -6.94 -13.03 52.29
N ASP B 61 -5.76 -12.40 52.18
CA ASP B 61 -5.03 -11.75 53.30
C ASP B 61 -5.67 -10.40 53.64
N GLY B 62 -6.55 -9.88 52.78
CA GLY B 62 -7.41 -8.71 53.06
C GLY B 62 -6.96 -7.46 52.31
N LEU B 63 -5.86 -7.54 51.54
CA LEU B 63 -5.30 -6.41 50.76
C LEU B 63 -6.29 -5.97 49.69
N PRO B 64 -6.49 -4.65 49.46
CA PRO B 64 -7.29 -4.16 48.34
C PRO B 64 -6.62 -4.48 46.99
N LEU B 65 -7.44 -4.78 45.99
CA LEU B 65 -7.05 -5.44 44.71
C LEU B 65 -7.97 -4.98 43.58
N HIS B 66 -7.40 -4.57 42.44
CA HIS B 66 -8.08 -4.49 41.13
C HIS B 66 -7.78 -5.79 40.35
N PHE B 67 -8.65 -6.79 40.48
CA PHE B 67 -8.63 -8.05 39.71
C PHE B 67 -9.91 -8.15 38.86
N PHE B 68 -9.81 -8.61 37.61
CA PHE B 68 -10.99 -8.96 36.78
C PHE B 68 -10.64 -9.99 35.70
N ILE B 69 -11.65 -10.72 35.25
CA ILE B 69 -11.63 -11.62 34.06
C ILE B 69 -12.82 -11.23 33.17
N GLN B 70 -12.56 -10.60 32.02
CA GLN B 70 -13.59 -10.21 31.03
C GLN B 70 -13.60 -11.22 29.88
N THR B 71 -14.70 -11.94 29.69
CA THR B 71 -14.91 -12.86 28.54
C THR B 71 -15.26 -12.03 27.30
N VAL B 72 -14.66 -12.37 26.15
CA VAL B 72 -14.93 -11.73 24.82
C VAL B 72 -15.12 -12.84 23.78
N ARG B 73 -16.13 -12.70 22.91
CA ARG B 73 -16.43 -13.62 21.76
C ARG B 73 -16.17 -12.88 20.46
N PRO B 74 -14.90 -12.78 19.98
CA PRO B 74 -14.60 -12.04 18.76
C PRO B 74 -15.03 -12.75 17.46
N LYS B 75 -15.17 -14.09 17.50
CA LYS B 75 -15.61 -14.94 16.37
C LYS B 75 -16.46 -16.10 16.93
N ASP B 76 -17.16 -16.82 16.04
CA ASP B 76 -18.02 -17.98 16.37
C ASP B 76 -17.18 -19.07 17.07
N THR B 77 -15.89 -19.17 16.73
CA THR B 77 -14.99 -20.30 17.12
C THR B 77 -13.89 -19.87 18.09
N VAL B 78 -13.77 -18.56 18.38
CA VAL B 78 -12.72 -18.00 19.27
C VAL B 78 -13.40 -17.41 20.52
N MET B 79 -12.90 -17.80 21.69
CA MET B 79 -13.32 -17.23 23.00
C MET B 79 -12.06 -16.70 23.69
N CYS B 80 -12.04 -15.42 24.05
CA CYS B 80 -10.88 -14.77 24.74
C CYS B 80 -11.27 -14.35 26.16
N TYR B 81 -10.29 -14.34 27.05
CA TYR B 81 -10.42 -14.03 28.51
C TYR B 81 -9.36 -13.00 28.90
N ARG B 82 -9.75 -11.73 29.02
CA ARG B 82 -8.88 -10.63 29.51
C ARG B 82 -8.76 -10.74 31.03
N VAL B 83 -7.54 -10.76 31.57
CA VAL B 83 -7.26 -11.00 33.02
C VAL B 83 -6.33 -9.90 33.54
N ARG B 84 -6.59 -9.37 34.74
CA ARG B 84 -5.75 -8.33 35.41
C ARG B 84 -5.63 -8.65 36.91
N TRP B 85 -4.43 -8.42 37.46
CA TRP B 85 -4.13 -8.43 38.91
C TRP B 85 -3.28 -7.19 39.21
N GLU B 86 -3.83 -6.22 39.95
CA GLU B 86 -3.14 -4.98 40.38
C GLU B 86 -3.54 -4.70 41.83
N GLU B 87 -2.56 -4.60 42.74
CA GLU B 87 -2.81 -4.34 44.19
C GLU B 87 -2.77 -2.82 44.44
N GLY B 91 3.15 -1.53 46.77
CA GLY B 91 4.05 -1.91 45.66
C GLY B 91 4.83 -3.19 45.93
N ARG B 92 4.27 -4.35 45.54
CA ARG B 92 4.91 -5.69 45.67
C ARG B 92 4.61 -6.60 44.46
N ALA B 93 5.62 -7.38 44.06
CA ALA B 93 5.64 -8.23 42.85
C ALA B 93 4.36 -9.06 42.73
N VAL B 94 3.77 -9.08 41.54
CA VAL B 94 2.67 -10.02 41.15
C VAL B 94 3.31 -11.20 40.42
N GLU B 95 3.02 -12.43 40.84
CA GLU B 95 3.40 -13.66 40.09
C GLU B 95 2.17 -14.57 39.94
N HIS B 96 1.93 -15.03 38.70
CA HIS B 96 1.00 -16.14 38.34
C HIS B 96 1.82 -17.26 37.69
N ALA B 97 1.52 -18.52 38.00
CA ALA B 97 2.17 -19.71 37.41
C ALA B 97 1.24 -20.29 36.34
N MET B 98 1.65 -20.24 35.07
CA MET B 98 0.91 -20.85 33.93
C MET B 98 1.40 -22.28 33.75
N PHE B 99 0.50 -23.26 33.92
CA PHE B 99 0.79 -24.72 33.79
C PHE B 99 0.69 -25.11 32.31
N LEU B 100 1.76 -25.67 31.76
CA LEU B 100 1.79 -26.19 30.36
C LEU B 100 0.91 -27.45 30.28
N GLY B 101 0.95 -28.28 31.32
CA GLY B 101 -0.01 -29.38 31.55
C GLY B 101 0.57 -30.75 31.26
N ASP B 102 -0.28 -31.64 30.75
CA ASP B 102 -0.06 -33.09 30.47
C ASP B 102 0.91 -33.21 29.29
N ALA B 103 1.66 -34.31 29.19
CA ALA B 103 2.68 -34.56 28.14
C ALA B 103 2.11 -34.34 26.73
N ALA B 104 0.79 -34.51 26.56
CA ALA B 104 0.10 -34.42 25.25
C ALA B 104 -0.02 -32.96 24.79
N ALA B 105 0.14 -32.00 25.71
CA ALA B 105 0.06 -30.54 25.45
C ALA B 105 1.46 -30.00 25.14
N HIS B 106 1.65 -29.47 23.94
CA HIS B 106 2.94 -28.93 23.44
C HIS B 106 2.80 -27.41 23.24
N TRP B 107 3.85 -26.65 23.57
CA TRP B 107 3.83 -25.16 23.56
C TRP B 107 4.96 -24.61 22.68
N TYR B 108 4.70 -23.47 22.05
CA TYR B 108 5.55 -22.80 21.04
C TYR B 108 5.58 -21.30 21.32
N GLY B 109 6.58 -20.59 20.76
CA GLY B 109 6.71 -19.12 20.84
C GLY B 109 7.71 -18.68 21.91
N GLY B 110 7.37 -17.62 22.63
CA GLY B 110 8.28 -16.97 23.59
C GLY B 110 9.44 -16.32 22.87
N ALA B 111 10.65 -16.54 23.39
CA ALA B 111 11.90 -15.87 22.94
C ALA B 111 12.78 -16.87 22.17
N GLU B 112 13.55 -16.35 21.22
CA GLU B 112 14.78 -17.01 20.73
C GLU B 112 15.64 -17.32 21.96
N MET B 113 16.24 -18.50 22.04
CA MET B 113 16.99 -18.98 23.23
C MET B 113 18.32 -19.60 22.76
N ARG B 114 19.28 -19.73 23.68
CA ARG B 114 20.59 -20.37 23.43
C ARG B 114 20.35 -21.83 23.03
N THR B 115 19.57 -22.55 23.84
CA THR B 115 19.14 -23.95 23.61
C THR B 115 17.69 -23.95 23.15
N GLN B 116 17.43 -24.02 21.83
CA GLN B 116 16.05 -23.95 21.27
C GLN B 116 15.51 -25.35 20.99
N HIS B 117 14.45 -25.71 21.71
CA HIS B 117 13.65 -26.93 21.49
C HIS B 117 12.31 -26.56 20.86
N TRP B 118 11.68 -27.53 20.19
CA TRP B 118 10.36 -27.39 19.54
C TRP B 118 9.64 -28.72 19.61
N PRO B 119 8.56 -28.86 20.40
CA PRO B 119 8.05 -27.78 21.25
C PRO B 119 8.97 -27.39 22.41
N ILE B 120 8.63 -26.32 23.13
CA ILE B 120 9.42 -25.71 24.23
C ILE B 120 9.62 -26.76 25.34
N ARG B 121 10.87 -26.91 25.82
CA ARG B 121 11.22 -27.75 27.00
C ARG B 121 11.68 -26.81 28.13
N LEU B 122 11.15 -27.03 29.33
CA LEU B 122 11.53 -26.31 30.58
C LEU B 122 12.58 -27.15 31.31
N ASP B 123 13.82 -26.64 31.43
CA ASP B 123 14.91 -27.36 32.14
C ASP B 123 15.18 -26.66 33.47
N GLY B 124 14.96 -27.38 34.58
CA GLY B 124 15.36 -26.98 35.94
C GLY B 124 14.47 -25.90 36.51
N GLN B 125 15.03 -25.11 37.43
CA GLN B 125 14.33 -24.01 38.14
C GLN B 125 14.98 -22.69 37.72
N GLN B 126 14.16 -21.71 37.35
CA GLN B 126 14.60 -20.35 36.94
C GLN B 126 13.71 -19.33 37.66
N GLU B 127 14.30 -18.53 38.55
CA GLU B 127 13.63 -17.38 39.19
C GLU B 127 13.29 -16.39 38.09
N PRO B 128 12.12 -15.72 38.15
CA PRO B 128 11.71 -14.78 37.11
C PRO B 128 12.80 -13.71 36.87
N GLN B 129 13.16 -13.48 35.61
CA GLN B 129 14.19 -12.50 35.20
C GLN B 129 13.61 -11.63 34.09
N PRO B 130 14.09 -10.38 33.92
CA PRO B 130 13.50 -9.46 32.95
C PRO B 130 13.38 -10.15 31.58
N PHE B 131 12.17 -10.16 31.01
CA PHE B 131 11.87 -10.67 29.65
C PHE B 131 12.17 -9.51 28.69
N VAL B 132 13.45 -9.35 28.38
CA VAL B 132 14.02 -8.23 27.57
C VAL B 132 15.00 -8.84 26.56
N THR B 133 15.25 -8.12 25.48
CA THR B 133 16.25 -8.48 24.44
C THR B 133 17.62 -8.61 25.12
N SER B 134 18.14 -9.85 25.20
CA SER B 134 19.50 -10.16 25.71
C SER B 134 20.31 -10.89 24.65
N ASP B 135 21.64 -10.86 24.79
CA ASP B 135 22.61 -11.64 23.98
C ASP B 135 22.74 -13.02 24.63
N VAL B 136 22.14 -14.03 24.03
CA VAL B 136 22.03 -15.39 24.64
C VAL B 136 23.18 -16.28 24.14
N TYR B 137 24.18 -15.72 23.45
CA TYR B 137 25.32 -16.51 22.93
C TYR B 137 25.91 -17.37 24.05
N SER B 138 26.08 -16.80 25.25
CA SER B 138 26.80 -17.43 26.39
C SER B 138 25.91 -17.63 27.63
N SER B 139 24.58 -17.56 27.50
CA SER B 139 23.63 -17.67 28.64
C SER B 139 22.38 -18.50 28.27
N ASP B 140 22.07 -19.52 29.08
CA ASP B 140 20.84 -20.36 28.96
C ASP B 140 19.76 -19.85 29.93
N ALA B 141 20.06 -18.83 30.75
CA ALA B 141 19.11 -18.16 31.66
C ALA B 141 18.34 -17.06 30.91
N ALA B 142 19.01 -16.30 30.03
CA ALA B 142 18.47 -15.06 29.43
C ALA B 142 17.61 -15.39 28.20
N PHE B 143 16.96 -14.35 27.66
CA PHE B 143 16.04 -14.42 26.49
C PHE B 143 16.67 -13.64 25.33
N GLY B 144 16.53 -14.15 24.11
CA GLY B 144 17.28 -13.73 22.91
C GLY B 144 16.75 -12.44 22.32
N GLY B 145 17.38 -11.96 21.25
CA GLY B 145 17.14 -10.65 20.65
C GLY B 145 15.78 -10.54 20.00
N ILE B 146 15.17 -11.66 19.60
CA ILE B 146 13.81 -11.70 18.99
C ILE B 146 12.88 -12.42 19.97
N LEU B 147 11.84 -11.74 20.44
CA LEU B 147 10.89 -12.29 21.43
C LEU B 147 9.59 -11.50 21.41
N GLU B 148 8.51 -12.18 21.81
CA GLU B 148 7.20 -11.60 22.17
C GLU B 148 6.74 -12.34 23.41
N ARG B 149 5.82 -11.75 24.17
CA ARG B 149 5.20 -12.37 25.36
C ARG B 149 4.01 -13.19 24.87
N TYR B 150 4.27 -14.17 24.00
CA TYR B 150 3.24 -14.96 23.27
C TYR B 150 3.60 -16.45 23.37
N TRP B 151 2.68 -17.24 23.90
CA TRP B 151 2.83 -18.71 24.02
C TRP B 151 1.58 -19.38 23.45
N LEU B 152 1.78 -20.39 22.60
CA LEU B 152 0.75 -21.09 21.81
C LEU B 152 0.79 -22.56 22.21
N SER B 153 -0.38 -23.17 22.42
CA SER B 153 -0.56 -24.60 22.81
C SER B 153 -1.10 -25.39 21.62
N SER B 154 -0.67 -26.66 21.49
CA SER B 154 -1.18 -27.63 20.49
C SER B 154 -2.66 -27.94 20.73
N ARG B 155 -3.17 -27.68 21.94
CA ARG B 155 -4.60 -27.88 22.34
C ARG B 155 -5.47 -26.67 21.93
N ALA B 156 -4.88 -25.69 21.23
CA ALA B 156 -5.56 -24.52 20.63
C ALA B 156 -5.92 -23.48 21.71
N ALA B 157 -5.04 -23.32 22.69
CA ALA B 157 -5.02 -22.18 23.64
C ALA B 157 -3.78 -21.33 23.37
N ALA B 158 -3.87 -20.01 23.59
CA ALA B 158 -2.76 -19.05 23.40
C ALA B 158 -2.86 -17.95 24.45
N ILE B 159 -1.73 -17.41 24.90
CA ILE B 159 -1.67 -16.27 25.87
C ILE B 159 -0.78 -15.18 25.29
N LYS B 160 -1.28 -13.94 25.26
CA LYS B 160 -0.48 -12.72 24.99
C LYS B 160 -0.46 -11.87 26.26
N VAL B 161 0.70 -11.79 26.92
CA VAL B 161 0.90 -10.91 28.11
C VAL B 161 0.87 -9.46 27.63
N ASN B 162 0.09 -8.60 28.31
CA ASN B 162 -0.15 -7.18 27.94
C ASN B 162 1.19 -6.45 27.85
N ASP B 163 1.33 -5.56 26.86
CA ASP B 163 2.56 -4.77 26.60
C ASP B 163 2.90 -3.86 27.79
N SER B 164 1.90 -3.50 28.61
CA SER B 164 2.03 -2.60 29.78
C SER B 164 2.89 -3.24 30.88
N VAL B 165 2.81 -4.56 31.03
CA VAL B 165 3.37 -5.28 32.20
C VAL B 165 4.87 -5.05 32.23
N PRO B 166 5.45 -4.75 33.42
CA PRO B 166 6.90 -4.85 33.62
C PRO B 166 7.23 -6.34 33.81
N PHE B 167 7.27 -7.06 32.68
CA PHE B 167 7.13 -8.53 32.61
C PHE B 167 8.49 -9.20 32.85
N HIS B 168 8.50 -10.13 33.79
CA HIS B 168 9.64 -11.02 34.14
C HIS B 168 9.16 -12.45 33.97
N LEU B 169 10.02 -13.32 33.43
CA LEU B 169 9.67 -14.73 33.13
C LEU B 169 10.66 -15.65 33.85
N GLY B 170 10.13 -16.60 34.60
CA GLY B 170 10.87 -17.77 35.11
C GLY B 170 10.16 -19.04 34.71
N TRP B 171 10.54 -20.18 35.27
CA TRP B 171 9.88 -21.48 35.01
C TRP B 171 10.22 -22.48 36.11
N ASN B 172 9.45 -23.57 36.16
CA ASN B 172 9.54 -24.65 37.18
C ASN B 172 9.27 -25.98 36.49
N SER B 173 10.30 -26.81 36.30
CA SER B 173 10.23 -28.09 35.54
C SER B 173 9.32 -29.08 36.27
N THR B 174 9.43 -29.15 37.60
CA THR B 174 8.69 -30.11 38.46
C THR B 174 7.20 -30.07 38.11
N GLU B 175 6.57 -28.89 38.14
CA GLU B 175 5.11 -28.68 37.90
C GLU B 175 4.88 -28.22 36.44
N ARG B 176 5.95 -28.08 35.65
CA ARG B 176 5.94 -27.69 34.21
C ARG B 176 5.14 -26.40 34.03
N SER B 177 5.62 -25.32 34.63
CA SER B 177 4.94 -24.00 34.67
C SER B 177 5.85 -22.90 34.11
N LEU B 178 5.25 -21.90 33.48
CA LEU B 178 5.89 -20.58 33.22
C LEU B 178 5.53 -19.65 34.39
N ARG B 179 6.55 -19.06 35.02
CA ARG B 179 6.39 -18.12 36.16
C ARG B 179 6.29 -16.70 35.58
N LEU B 180 5.07 -16.17 35.49
CA LEU B 180 4.73 -14.84 34.92
C LEU B 180 4.76 -13.81 36.06
N GLN B 181 5.67 -12.86 36.01
CA GLN B 181 5.92 -11.92 37.13
C GLN B 181 5.89 -10.48 36.62
N ALA B 182 5.25 -9.59 37.38
CA ALA B 182 5.38 -8.12 37.25
C ALA B 182 6.09 -7.60 38.51
N ARG B 183 7.12 -6.77 38.36
CA ARG B 183 7.87 -6.16 39.48
C ARG B 183 8.62 -4.92 38.97
N TYR B 184 8.95 -3.99 39.86
CA TYR B 184 9.68 -2.74 39.55
C TYR B 184 11.01 -2.67 40.32
N HIS B 185 11.33 -3.68 41.14
CA HIS B 185 12.60 -3.77 41.91
C HIS B 185 13.60 -4.69 41.18
N ASP B 186 14.88 -4.30 41.15
CA ASP B 186 16.00 -5.09 40.57
C ASP B 186 15.61 -5.48 39.13
N THR B 187 15.55 -4.49 38.23
CA THR B 187 14.99 -4.64 36.86
C THR B 187 15.24 -3.38 36.03
N PRO B 188 15.42 -3.51 34.70
CA PRO B 188 15.57 -2.35 33.84
C PRO B 188 14.23 -1.70 33.45
N TYR B 189 13.12 -2.30 33.88
CA TYR B 189 11.76 -1.73 33.72
C TYR B 189 11.63 -0.51 34.63
N LYS B 190 11.03 0.57 34.12
CA LYS B 190 10.75 1.83 34.85
C LYS B 190 9.24 2.00 34.93
N PRO B 191 8.69 2.58 36.02
CA PRO B 191 7.26 2.92 36.06
C PRO B 191 6.97 4.13 35.18
N PRO B 192 5.70 4.34 34.74
CA PRO B 192 5.35 5.47 33.87
C PRO B 192 4.85 6.71 34.63
N ALA B 196 2.72 6.54 41.02
CA ALA B 196 3.32 5.50 40.15
C ALA B 196 3.91 4.36 41.00
N ALA B 197 4.42 3.32 40.33
CA ALA B 197 5.14 2.13 40.86
C ALA B 197 4.19 1.22 41.66
N ALA B 198 3.08 0.79 41.05
CA ALA B 198 2.21 -0.34 41.50
C ALA B 198 2.24 -1.44 40.44
N PRO B 199 2.92 -2.58 40.69
CA PRO B 199 3.09 -3.61 39.66
C PRO B 199 1.73 -4.18 39.24
N GLU B 200 1.55 -4.38 37.94
CA GLU B 200 0.30 -4.87 37.29
C GLU B 200 0.66 -6.06 36.39
N LEU B 201 0.07 -7.23 36.63
CA LEU B 201 0.12 -8.38 35.69
C LEU B 201 -1.23 -8.46 34.97
N SER B 202 -1.22 -8.30 33.66
CA SER B 202 -2.41 -8.35 32.79
C SER B 202 -2.08 -9.13 31.51
N TYR B 203 -3.02 -9.93 31.02
CA TYR B 203 -2.85 -10.81 29.83
C TYR B 203 -4.21 -11.17 29.24
N ARG B 204 -4.19 -11.70 28.02
CA ARG B 204 -5.38 -12.27 27.34
C ARG B 204 -5.07 -13.72 26.97
N VAL B 205 -5.92 -14.64 27.42
CA VAL B 205 -5.91 -16.08 27.03
C VAL B 205 -7.05 -16.29 26.02
N CYS B 206 -6.74 -16.77 24.81
CA CYS B 206 -7.76 -17.09 23.78
C CYS B 206 -7.75 -18.60 23.50
N VAL B 207 -8.92 -19.11 23.12
CA VAL B 207 -9.18 -20.56 22.87
C VAL B 207 -9.87 -20.69 21.52
N GLY B 208 -9.29 -21.46 20.60
CA GLY B 208 -9.84 -21.70 19.26
C GLY B 208 -10.10 -23.18 19.03
N SER B 209 -10.44 -23.54 17.79
CA SER B 209 -10.80 -24.92 17.37
C SER B 209 -9.55 -25.78 17.21
N ASP B 210 -8.45 -25.22 16.69
CA ASP B 210 -7.16 -25.94 16.47
C ASP B 210 -5.99 -24.96 16.55
N VAL B 211 -4.78 -25.50 16.74
CA VAL B 211 -3.52 -24.75 17.00
C VAL B 211 -3.28 -23.71 15.89
N THR B 212 -3.60 -24.02 14.63
CA THR B 212 -3.29 -23.12 13.48
C THR B 212 -4.28 -21.95 13.46
N SER B 213 -5.58 -22.20 13.60
CA SER B 213 -6.60 -21.12 13.59
C SER B 213 -6.36 -20.16 14.76
N ILE B 214 -6.10 -20.68 15.96
CA ILE B 214 -5.93 -19.83 17.17
C ILE B 214 -4.63 -19.03 17.02
N HIS B 215 -3.58 -19.64 16.46
CA HIS B 215 -2.30 -18.95 16.16
C HIS B 215 -2.54 -17.78 15.22
N LYS B 216 -3.25 -18.04 14.12
CA LYS B 216 -3.51 -17.03 13.06
C LYS B 216 -4.31 -15.86 13.66
N TYR B 217 -5.28 -16.14 14.53
CA TYR B 217 -6.08 -15.11 15.23
C TYR B 217 -5.14 -14.21 16.04
N MET B 218 -4.26 -14.81 16.84
CA MET B 218 -3.36 -14.08 17.78
C MET B 218 -2.36 -13.23 16.99
N VAL B 219 -1.73 -13.78 15.94
CA VAL B 219 -0.71 -13.07 15.11
C VAL B 219 -1.38 -11.87 14.44
N ARG B 220 -2.59 -12.04 13.90
CA ARG B 220 -3.32 -10.97 13.18
C ARG B 220 -3.73 -9.89 14.18
N ARG B 221 -3.98 -10.28 15.43
CA ARG B 221 -4.41 -9.35 16.51
C ARG B 221 -3.24 -8.45 16.96
N TYR B 222 -2.03 -8.99 17.14
CA TYR B 222 -0.97 -8.34 17.94
C TYR B 222 0.26 -7.94 17.11
N PHE B 223 0.53 -8.63 16.00
CA PHE B 223 1.78 -8.44 15.21
C PHE B 223 1.45 -7.79 13.87
N ASN B 224 2.15 -6.72 13.54
CA ASN B 224 2.04 -6.04 12.23
C ASN B 224 2.81 -6.87 11.20
N LYS B 225 2.25 -6.99 10.00
CA LYS B 225 2.94 -7.65 8.86
C LYS B 225 3.85 -6.62 8.19
N PRO B 226 5.03 -7.02 7.65
CA PRO B 226 5.81 -6.13 6.79
C PRO B 226 5.09 -5.93 5.45
N SER B 227 5.22 -4.73 4.90
CA SER B 227 4.51 -4.27 3.68
C SER B 227 5.41 -4.39 2.45
N ARG B 228 6.72 -4.60 2.66
CA ARG B 228 7.74 -4.65 1.59
C ARG B 228 8.39 -6.04 1.57
N VAL B 229 9.19 -6.32 0.53
CA VAL B 229 9.97 -7.57 0.39
C VAL B 229 11.43 -7.22 0.10
N PRO B 230 12.40 -7.84 0.81
CA PRO B 230 13.82 -7.70 0.49
C PRO B 230 14.13 -8.03 -0.97
N ALA B 231 15.30 -7.63 -1.45
CA ALA B 231 15.78 -7.86 -2.83
C ALA B 231 15.55 -9.33 -3.19
N PRO B 232 14.97 -9.63 -4.38
CA PRO B 232 14.76 -11.02 -4.78
C PRO B 232 16.03 -11.89 -4.70
N GLU B 233 17.19 -11.34 -5.05
CA GLU B 233 18.46 -12.10 -5.14
C GLU B 233 18.80 -12.70 -3.75
N ALA B 234 18.38 -12.03 -2.66
CA ALA B 234 18.66 -12.45 -1.27
C ALA B 234 17.90 -13.74 -0.93
N PHE B 235 16.85 -14.07 -1.69
CA PHE B 235 16.05 -15.30 -1.52
C PHE B 235 16.61 -16.44 -2.37
N ARG B 236 17.64 -16.19 -3.19
CA ARG B 236 18.16 -17.19 -4.16
C ARG B 236 19.67 -17.35 -3.98
N ASP B 237 20.43 -16.30 -4.29
CA ASP B 237 21.91 -16.34 -4.33
C ASP B 237 22.45 -16.29 -2.90
N PRO B 238 23.56 -17.02 -2.62
CA PRO B 238 24.16 -17.00 -1.29
C PRO B 238 24.70 -15.61 -0.94
N ILE B 239 24.63 -15.25 0.34
CA ILE B 239 25.34 -14.10 0.96
C ILE B 239 26.73 -14.60 1.39
N TRP B 240 27.75 -13.77 1.22
CA TRP B 240 29.15 -14.12 1.61
C TRP B 240 29.63 -13.14 2.68
N SER B 241 30.02 -13.65 3.84
CA SER B 241 30.42 -12.84 5.02
C SER B 241 31.88 -13.10 5.36
N THR B 242 32.63 -12.05 5.71
CA THR B 242 34.06 -12.12 6.09
C THR B 242 34.24 -12.63 7.53
N TRP B 243 33.19 -12.62 8.36
CA TRP B 243 33.32 -12.72 9.84
C TRP B 243 33.98 -14.04 10.26
N ALA B 244 33.35 -15.18 10.00
CA ALA B 244 33.86 -16.51 10.42
C ALA B 244 35.18 -16.83 9.69
N LEU B 245 35.33 -16.42 8.44
CA LEU B 245 36.50 -16.76 7.60
C LEU B 245 37.74 -16.05 8.13
N TYR B 246 37.68 -14.72 8.32
CA TYR B 246 38.86 -13.85 8.62
C TYR B 246 38.79 -13.26 10.03
N GLY B 247 37.59 -13.12 10.61
CA GLY B 247 37.40 -12.42 11.90
C GLY B 247 37.82 -10.97 11.83
N ARG B 248 38.35 -10.45 12.95
CA ARG B 248 38.68 -9.01 13.13
C ARG B 248 39.75 -8.60 12.13
N ALA B 249 40.67 -9.51 11.82
CA ALA B 249 41.89 -9.28 11.00
C ALA B 249 41.55 -9.03 9.52
N VAL B 250 40.28 -9.08 9.12
CA VAL B 250 39.84 -8.76 7.72
C VAL B 250 40.55 -7.49 7.26
N ASP B 251 40.94 -7.44 5.97
CA ASP B 251 41.62 -6.27 5.35
C ASP B 251 41.28 -6.23 3.86
N GLN B 252 41.76 -5.20 3.15
CA GLN B 252 41.44 -4.93 1.72
C GLN B 252 41.86 -6.13 0.85
N ASP B 253 43.02 -6.73 1.13
CA ASP B 253 43.54 -7.89 0.36
C ASP B 253 42.57 -9.06 0.52
N LYS B 254 42.18 -9.36 1.76
CA LYS B 254 41.38 -10.56 2.12
C LYS B 254 39.98 -10.46 1.48
N VAL B 255 39.37 -9.28 1.49
CA VAL B 255 38.03 -9.05 0.87
C VAL B 255 38.11 -9.34 -0.63
N LEU B 256 39.17 -8.86 -1.30
CA LEU B 256 39.37 -9.01 -2.76
C LEU B 256 39.71 -10.47 -3.11
N ARG B 257 40.58 -11.12 -2.32
CA ARG B 257 40.92 -12.56 -2.46
C ARG B 257 39.62 -13.38 -2.37
N PHE B 258 38.77 -13.06 -1.39
CA PHE B 258 37.47 -13.73 -1.13
C PHE B 258 36.57 -13.61 -2.37
N ALA B 259 36.35 -12.38 -2.83
CA ALA B 259 35.53 -12.05 -4.02
C ALA B 259 36.05 -12.82 -5.25
N GLN B 260 37.38 -12.85 -5.43
CA GLN B 260 38.05 -13.59 -6.54
C GLN B 260 37.68 -15.09 -6.43
N GLN B 261 37.85 -15.68 -5.23
CA GLN B 261 37.69 -17.14 -4.98
C GLN B 261 36.22 -17.54 -5.16
N ILE B 262 35.27 -16.65 -4.81
CA ILE B 262 33.79 -16.84 -4.97
C ILE B 262 33.49 -17.00 -6.47
N ARG B 263 34.06 -16.14 -7.32
CA ARG B 263 33.86 -16.17 -8.79
C ARG B 263 34.63 -17.34 -9.41
N LEU B 264 35.85 -17.62 -8.95
CA LEU B 264 36.71 -18.73 -9.46
C LEU B 264 35.94 -20.06 -9.33
N HIS B 265 35.17 -20.23 -8.25
CA HIS B 265 34.44 -21.48 -7.93
C HIS B 265 32.99 -21.42 -8.44
N HIS B 266 32.65 -20.39 -9.25
CA HIS B 266 31.38 -20.29 -10.03
C HIS B 266 30.16 -20.24 -9.09
N PHE B 267 30.16 -19.33 -8.12
CA PHE B 267 29.00 -19.03 -7.25
C PHE B 267 28.48 -17.63 -7.55
N ASN B 268 27.16 -17.49 -7.57
CA ASN B 268 26.48 -16.17 -7.52
C ASN B 268 26.65 -15.58 -6.11
N SER B 269 26.32 -14.31 -5.96
CA SER B 269 26.24 -13.61 -4.66
C SER B 269 25.00 -12.71 -4.64
N SER B 270 24.22 -12.76 -3.56
CA SER B 270 23.26 -11.67 -3.22
C SER B 270 24.09 -10.40 -3.01
N HIS B 271 25.12 -10.52 -2.16
CA HIS B 271 26.06 -9.44 -1.78
C HIS B 271 27.22 -10.00 -0.96
N LEU B 272 28.28 -9.20 -0.82
CA LEU B 272 29.43 -9.48 0.08
C LEU B 272 29.30 -8.58 1.29
N GLU B 273 29.40 -9.14 2.50
CA GLU B 273 29.22 -8.42 3.78
C GLU B 273 30.58 -8.30 4.46
N ILE B 274 31.15 -7.10 4.49
CA ILE B 274 32.45 -6.81 5.18
C ILE B 274 32.13 -6.58 6.66
N ASP B 275 32.65 -7.45 7.52
CA ASP B 275 32.28 -7.51 8.96
C ASP B 275 33.36 -6.84 9.82
N ASP B 276 33.16 -6.85 11.14
CA ASP B 276 34.14 -6.47 12.21
C ASP B 276 35.51 -7.02 11.81
N MET B 277 36.58 -6.22 11.74
CA MET B 277 36.64 -4.77 11.99
C MET B 277 37.29 -4.09 10.78
N TYR B 278 36.65 -3.07 10.20
CA TYR B 278 37.19 -2.29 9.05
C TYR B 278 37.42 -0.82 9.42
N THR B 279 37.13 -0.40 10.66
CA THR B 279 37.27 1.00 11.15
C THR B 279 38.46 1.08 12.11
N PRO B 280 39.11 2.27 12.26
CA PRO B 280 40.25 2.42 13.16
C PRO B 280 39.91 2.08 14.62
N ALA B 281 38.74 2.52 15.09
CA ALA B 281 38.20 2.20 16.43
C ALA B 281 36.69 2.03 16.33
N TYR B 282 36.09 1.36 17.32
CA TYR B 282 34.64 1.11 17.41
C TYR B 282 33.94 2.41 17.77
N GLY B 283 33.11 2.92 16.86
CA GLY B 283 32.47 4.25 16.94
C GLY B 283 32.84 5.13 15.76
N ASP B 284 34.01 4.91 15.14
CA ASP B 284 34.37 5.56 13.85
C ASP B 284 33.61 4.83 12.73
N PHE B 285 33.29 5.54 11.64
CA PHE B 285 32.43 5.04 10.55
C PHE B 285 33.21 4.82 9.26
N ASP B 286 34.39 5.44 9.11
CA ASP B 286 35.19 5.34 7.86
C ASP B 286 36.28 4.28 8.02
N PHE B 287 36.80 3.80 6.89
CA PHE B 287 37.76 2.67 6.79
C PHE B 287 39.10 3.02 7.42
N ASP B 288 39.67 2.06 8.15
CA ASP B 288 41.07 2.09 8.66
C ASP B 288 42.01 1.99 7.45
N GLU B 289 42.74 3.07 7.14
CA GLU B 289 43.61 3.18 5.94
C GLU B 289 44.82 2.24 6.05
N VAL B 290 45.17 1.77 7.25
CA VAL B 290 46.27 0.77 7.45
C VAL B 290 45.84 -0.56 6.81
N LYS B 291 44.62 -1.02 7.10
CA LYS B 291 44.09 -2.32 6.61
C LYS B 291 43.39 -2.15 5.25
N PHE B 292 42.97 -0.92 4.91
CA PHE B 292 42.25 -0.60 3.65
C PHE B 292 42.91 0.62 2.98
N PRO B 293 44.12 0.44 2.39
CA PRO B 293 44.86 1.56 1.78
C PRO B 293 44.09 2.44 0.79
N ASN B 294 43.16 1.85 0.03
CA ASN B 294 42.35 2.57 -1.00
C ASN B 294 40.99 1.87 -1.11
N ALA B 295 40.09 2.15 -0.17
CA ALA B 295 38.72 1.59 -0.08
C ALA B 295 37.98 1.80 -1.39
N SER B 296 38.04 3.01 -1.97
CA SER B 296 37.36 3.39 -3.23
C SER B 296 37.71 2.39 -4.33
N ASP B 297 39.00 2.05 -4.46
CA ASP B 297 39.51 1.09 -5.47
C ASP B 297 38.99 -0.31 -5.15
N MET B 298 38.95 -0.69 -3.87
CA MET B 298 38.43 -2.00 -3.43
C MET B 298 36.98 -2.14 -3.91
N PHE B 299 36.15 -1.12 -3.68
CA PHE B 299 34.71 -1.13 -4.02
C PHE B 299 34.54 -1.12 -5.54
N ARG B 300 35.40 -0.41 -6.27
CA ARG B 300 35.40 -0.41 -7.77
C ARG B 300 35.60 -1.84 -8.27
N ARG B 301 36.62 -2.53 -7.75
CA ARG B 301 36.99 -3.92 -8.15
C ARG B 301 35.80 -4.85 -7.86
N LEU B 302 35.17 -4.71 -6.69
CA LEU B 302 33.99 -5.51 -6.28
C LEU B 302 32.83 -5.26 -7.24
N ARG B 303 32.58 -4.01 -7.61
CA ARG B 303 31.55 -3.60 -8.61
C ARG B 303 31.86 -4.28 -9.96
N ASP B 304 33.11 -4.22 -10.42
CA ASP B 304 33.57 -4.82 -11.70
C ASP B 304 33.26 -6.33 -11.71
N ALA B 305 33.32 -7.00 -10.55
CA ALA B 305 33.05 -8.45 -10.39
C ALA B 305 31.58 -8.70 -10.01
N GLY B 306 30.71 -7.68 -10.13
CA GLY B 306 29.25 -7.81 -9.98
C GLY B 306 28.81 -8.06 -8.54
N PHE B 307 29.61 -7.63 -7.56
CA PHE B 307 29.29 -7.73 -6.11
C PHE B 307 28.59 -6.46 -5.63
N ARG B 308 27.37 -6.62 -5.11
CA ARG B 308 26.72 -5.67 -4.17
C ARG B 308 27.40 -5.88 -2.81
N VAL B 309 27.52 -4.83 -2.00
CA VAL B 309 28.30 -4.89 -0.72
C VAL B 309 27.48 -4.25 0.42
N THR B 310 27.50 -4.90 1.58
CA THR B 310 26.95 -4.37 2.85
C THR B 310 28.08 -4.27 3.88
N LEU B 311 27.89 -3.43 4.90
CA LEU B 311 28.90 -3.17 5.96
C LEU B 311 28.30 -3.45 7.34
N TRP B 312 29.08 -4.11 8.19
CA TRP B 312 28.78 -4.36 9.62
C TRP B 312 28.80 -3.04 10.40
N VAL B 313 27.70 -2.75 11.10
CA VAL B 313 27.54 -1.57 12.00
C VAL B 313 26.96 -2.04 13.33
N HIS B 314 26.99 -1.16 14.32
CA HIS B 314 26.64 -1.42 15.74
C HIS B 314 26.23 -0.11 16.41
N PRO B 315 25.54 -0.16 17.58
CA PRO B 315 25.07 1.05 18.23
C PRO B 315 26.03 1.69 19.24
N PHE B 316 27.31 1.28 19.26
CA PHE B 316 28.30 1.66 20.31
C PHE B 316 29.29 2.69 19.78
N VAL B 317 29.87 3.45 20.72
CA VAL B 317 31.04 4.33 20.50
C VAL B 317 31.97 4.16 21.69
N ASN B 318 33.08 3.44 21.50
CA ASN B 318 34.07 3.16 22.56
C ASN B 318 34.74 4.47 22.99
N TYR B 319 35.36 4.49 24.16
CA TYR B 319 35.90 5.73 24.77
C TYR B 319 37.10 6.24 23.96
N ASN B 320 37.77 5.39 23.20
CA ASN B 320 38.95 5.77 22.35
C ASN B 320 38.55 5.89 20.87
N SER B 321 37.26 5.96 20.55
CA SER B 321 36.79 6.40 19.22
C SER B 321 36.96 7.91 19.11
N SER B 322 37.37 8.39 17.92
CA SER B 322 37.47 9.84 17.60
C SER B 322 36.08 10.50 17.61
N ARG B 323 35.01 9.72 17.80
CA ARG B 323 33.60 10.21 17.80
C ARG B 323 33.01 10.18 19.22
N PHE B 324 33.74 9.71 20.22
CA PHE B 324 33.24 9.60 21.62
C PHE B 324 32.95 10.99 22.18
N GLY B 325 33.94 11.89 22.11
CA GLY B 325 33.83 13.29 22.60
C GLY B 325 32.64 13.98 21.97
N GLU B 326 32.49 13.84 20.66
CA GLU B 326 31.36 14.40 19.86
C GLU B 326 30.04 13.87 20.43
N GLY B 327 29.95 12.57 20.70
CA GLY B 327 28.75 11.93 21.26
C GLY B 327 28.41 12.49 22.63
N VAL B 328 29.39 12.63 23.52
CA VAL B 328 29.21 13.12 24.92
C VAL B 328 28.64 14.54 24.87
N GLU B 329 29.29 15.44 24.12
CA GLU B 329 28.98 16.90 24.12
C GLU B 329 27.65 17.13 23.40
N ARG B 330 27.31 16.30 22.41
CA ARG B 330 26.05 16.43 21.63
C ARG B 330 24.90 15.67 22.34
N GLU B 331 25.21 14.88 23.37
CA GLU B 331 24.25 14.13 24.23
C GLU B 331 23.48 13.10 23.40
N LEU B 332 24.20 12.33 22.58
CA LEU B 332 23.63 11.32 21.64
C LEU B 332 23.51 9.95 22.34
N PHE B 333 24.01 9.81 23.56
CA PHE B 333 24.20 8.51 24.24
C PHE B 333 23.09 8.28 25.27
N VAL B 334 22.79 7.00 25.54
CA VAL B 334 21.93 6.58 26.67
C VAL B 334 22.61 7.09 27.94
N ARG B 335 21.83 7.62 28.88
CA ARG B 335 22.34 8.37 30.05
C ARG B 335 22.17 7.52 31.31
N GLU B 336 22.90 7.84 32.38
CA GLU B 336 22.66 7.32 33.75
C GLU B 336 21.30 7.87 34.21
N PRO B 337 20.67 7.31 35.28
CA PRO B 337 19.29 7.64 35.65
C PRO B 337 18.92 9.12 35.80
N THR B 338 19.82 9.98 36.28
CA THR B 338 19.53 11.42 36.53
C THR B 338 19.35 12.18 35.21
N GLY B 339 19.77 11.59 34.08
CA GLY B 339 19.54 12.11 32.72
C GLY B 339 20.51 13.20 32.31
N ARG B 340 21.67 13.32 32.99
CA ARG B 340 22.63 14.43 32.79
C ARG B 340 23.86 13.96 31.99
N LEU B 341 24.35 12.75 32.23
CA LEU B 341 25.66 12.24 31.69
C LEU B 341 25.45 10.93 30.94
N PRO B 342 26.28 10.64 29.91
CA PRO B 342 26.34 9.30 29.32
C PRO B 342 26.61 8.21 30.37
N ALA B 343 25.98 7.05 30.19
CA ALA B 343 26.26 5.81 30.95
C ALA B 343 27.21 4.95 30.12
N LEU B 344 28.32 4.51 30.72
CA LEU B 344 29.28 3.59 30.08
C LEU B 344 28.65 2.20 29.98
N VAL B 345 29.00 1.45 28.95
CA VAL B 345 28.51 0.06 28.73
C VAL B 345 29.69 -0.81 28.31
N ARG B 346 29.62 -2.10 28.60
CA ARG B 346 30.58 -3.12 28.10
C ARG B 346 29.85 -3.99 27.07
N TRP B 347 30.44 -4.15 25.89
CA TRP B 347 30.08 -5.19 24.88
C TRP B 347 31.34 -5.98 24.54
N TRP B 348 31.22 -6.98 23.65
CA TRP B 348 32.31 -7.93 23.34
C TRP B 348 33.50 -7.21 22.69
N ASN B 349 33.33 -5.98 22.19
CA ASN B 349 34.39 -5.20 21.51
C ASN B 349 34.88 -4.03 22.38
N GLY B 350 34.46 -3.93 23.65
CA GLY B 350 35.12 -3.07 24.65
C GLY B 350 34.16 -2.26 25.50
N ILE B 351 34.63 -1.11 25.99
CA ILE B 351 33.90 -0.18 26.90
C ILE B 351 33.67 1.16 26.16
N GLY B 352 32.45 1.66 26.24
CA GLY B 352 32.06 2.98 25.71
C GLY B 352 30.63 3.34 26.07
N ALA B 353 30.02 4.20 25.26
CA ALA B 353 28.58 4.56 25.37
C ALA B 353 27.83 3.85 24.25
N VAL B 354 26.50 3.86 24.33
CA VAL B 354 25.59 3.30 23.30
C VAL B 354 24.65 4.42 22.86
N LEU B 355 24.36 4.53 21.56
CA LEU B 355 23.56 5.63 20.98
C LEU B 355 22.11 5.51 21.46
N ASP B 356 21.47 6.65 21.74
CA ASP B 356 20.06 6.74 22.18
C ASP B 356 19.17 6.87 20.94
N PHE B 357 18.55 5.77 20.49
CA PHE B 357 17.73 5.75 19.26
C PHE B 357 16.30 6.28 19.55
N THR B 358 16.03 6.76 20.77
CA THR B 358 14.81 7.57 21.09
C THR B 358 15.08 9.05 20.80
N HIS B 359 16.35 9.45 20.61
CA HIS B 359 16.79 10.85 20.41
C HIS B 359 16.93 11.15 18.93
N PRO B 360 16.07 12.03 18.36
CA PRO B 360 16.17 12.43 16.95
C PRO B 360 17.58 12.84 16.49
N LYS B 361 18.32 13.58 17.31
CA LYS B 361 19.71 14.04 17.00
C LYS B 361 20.61 12.81 16.81
N ALA B 362 20.48 11.80 17.68
CA ALA B 362 21.29 10.56 17.64
C ALA B 362 20.90 9.72 16.42
N ARG B 363 19.61 9.68 16.08
CA ARG B 363 19.08 8.95 14.90
C ARG B 363 19.62 9.60 13.62
N ASP B 364 19.47 10.92 13.46
N ASP B 364 19.46 10.92 13.45
CA ASP B 364 19.96 11.66 12.26
CA ASP B 364 19.96 11.69 12.27
C ASP B 364 21.48 11.50 12.14
C ASP B 364 21.47 11.50 12.15
N TRP B 365 22.18 11.54 13.28
CA TRP B 365 23.67 11.44 13.36
C TRP B 365 24.12 10.08 12.82
N PHE B 366 23.52 9.00 13.33
CA PHE B 366 23.76 7.60 12.88
C PHE B 366 23.41 7.49 11.39
N GLN B 367 22.21 7.93 11.02
CA GLN B 367 21.69 7.85 9.62
C GLN B 367 22.63 8.62 8.69
N GLY B 368 23.10 9.80 9.12
CA GLY B 368 24.06 10.64 8.36
C GLY B 368 25.28 9.85 7.94
N HIS B 369 25.88 9.09 8.87
CA HIS B 369 27.09 8.28 8.64
C HIS B 369 26.81 7.13 7.67
N LEU B 370 25.64 6.49 7.80
CA LEU B 370 25.20 5.40 6.90
C LEU B 370 25.04 5.95 5.47
N ARG B 371 24.39 7.11 5.34
CA ARG B 371 24.14 7.77 4.02
C ARG B 371 25.47 8.12 3.36
N ARG B 372 26.45 8.58 4.15
CA ARG B 372 27.79 8.97 3.63
C ARG B 372 28.51 7.74 3.06
N LEU B 373 28.49 6.62 3.79
CA LEU B 373 29.10 5.34 3.35
C LEU B 373 28.44 4.89 2.04
N ARG B 374 27.12 5.11 1.91
CA ARG B 374 26.32 4.76 0.72
C ARG B 374 26.79 5.58 -0.48
N SER B 375 26.75 6.91 -0.40
CA SER B 375 27.11 7.84 -1.50
C SER B 375 28.58 7.71 -1.85
N ARG B 376 29.45 7.55 -0.84
CA ARG B 376 30.93 7.51 -1.03
C ARG B 376 31.34 6.22 -1.75
N TYR B 377 30.83 5.06 -1.31
CA TYR B 377 31.34 3.71 -1.69
C TYR B 377 30.30 2.87 -2.44
N SER B 378 29.08 3.37 -2.66
CA SER B 378 27.96 2.63 -3.32
C SER B 378 27.66 1.34 -2.55
N VAL B 379 27.79 1.37 -1.22
CA VAL B 379 27.33 0.30 -0.29
C VAL B 379 25.81 0.20 -0.45
N ALA B 380 25.24 -0.99 -0.52
CA ALA B 380 23.79 -1.21 -0.74
C ALA B 380 23.03 -1.01 0.58
N SER B 381 23.51 -1.61 1.66
CA SER B 381 22.81 -1.65 2.97
C SER B 381 23.81 -2.01 4.09
N PHE B 382 23.33 -2.37 5.28
CA PHE B 382 24.19 -2.64 6.47
C PHE B 382 23.67 -3.83 7.27
N LYS B 383 24.60 -4.57 7.88
CA LYS B 383 24.31 -5.56 8.93
C LYS B 383 24.34 -4.83 10.28
N PHE B 384 23.18 -4.70 10.92
CA PHE B 384 23.00 -4.00 12.22
C PHE B 384 23.20 -5.02 13.33
N ASP B 385 24.41 -5.06 13.90
CA ASP B 385 24.77 -6.07 14.93
C ASP B 385 24.41 -5.52 16.31
N ALA B 386 24.43 -6.40 17.32
CA ALA B 386 23.96 -6.12 18.69
C ALA B 386 22.50 -5.67 18.63
N GLY B 387 22.08 -4.78 19.53
CA GLY B 387 20.72 -4.23 19.58
C GLY B 387 19.96 -4.72 20.80
N GLU B 388 20.56 -5.61 21.60
CA GLU B 388 19.96 -6.16 22.84
C GLU B 388 20.14 -5.13 23.96
N VAL B 389 19.18 -5.04 24.87
CA VAL B 389 19.20 -4.07 26.00
C VAL B 389 20.03 -4.66 27.14
N SER B 390 20.42 -5.93 27.06
CA SER B 390 21.41 -6.53 27.98
C SER B 390 22.73 -5.76 27.88
N TYR B 391 22.95 -4.98 26.80
CA TYR B 391 24.15 -4.11 26.60
C TYR B 391 23.88 -2.67 27.06
N LEU B 392 22.65 -2.30 27.41
CA LEU B 392 22.37 -1.02 28.11
C LEU B 392 22.58 -1.24 29.60
N PRO B 393 22.74 -0.18 30.42
CA PRO B 393 22.88 -0.34 31.87
C PRO B 393 21.58 -0.91 32.46
N ARG B 394 21.65 -1.55 33.64
CA ARG B 394 20.46 -2.00 34.39
C ARG B 394 19.51 -0.79 34.54
N ASP B 395 20.00 0.33 35.10
CA ASP B 395 19.21 1.58 35.29
C ASP B 395 19.76 2.67 34.36
N PHE B 396 18.91 3.18 33.46
CA PHE B 396 19.29 4.20 32.44
C PHE B 396 18.15 5.18 32.20
N SER B 397 18.45 6.27 31.47
CA SER B 397 17.46 7.27 30.98
C SER B 397 17.76 7.54 29.51
N THR B 398 16.72 7.93 28.75
CA THR B 398 16.78 8.25 27.31
C THR B 398 15.96 9.52 27.05
N TYR B 399 16.21 10.17 25.91
CA TYR B 399 15.54 11.42 25.49
C TYR B 399 14.02 11.30 25.66
N ARG B 400 13.43 10.18 25.23
CA ARG B 400 12.01 9.79 25.51
C ARG B 400 12.01 8.63 26.50
N PRO B 401 11.24 8.70 27.60
CA PRO B 401 11.26 7.64 28.62
C PRO B 401 10.81 6.29 28.04
N LEU B 402 11.48 5.21 28.45
CA LEU B 402 11.20 3.83 27.99
C LEU B 402 10.85 2.99 29.23
N PRO B 403 9.58 3.00 29.68
CA PRO B 403 9.16 2.13 30.76
C PRO B 403 9.52 0.67 30.43
N ASP B 404 9.30 0.28 29.17
CA ASP B 404 9.76 -1.00 28.57
C ASP B 404 11.11 -0.78 27.89
N PRO B 405 12.22 -1.32 28.43
CA PRO B 405 13.54 -1.08 27.85
C PRO B 405 13.71 -1.64 26.43
N SER B 406 13.03 -2.72 26.08
CA SER B 406 13.20 -3.44 24.79
C SER B 406 12.73 -2.58 23.62
N VAL B 407 11.91 -1.56 23.87
CA VAL B 407 11.48 -0.60 22.80
C VAL B 407 12.73 0.07 22.23
N TRP B 408 13.82 0.14 23.00
CA TRP B 408 15.12 0.64 22.53
C TRP B 408 15.59 -0.24 21.37
N SER B 409 15.56 -1.57 21.54
CA SER B 409 15.87 -2.58 20.49
C SER B 409 15.04 -2.27 19.24
N ARG B 410 13.73 -2.07 19.39
CA ARG B 410 12.81 -1.62 18.30
C ARG B 410 13.36 -0.37 17.63
N ARG B 411 13.77 0.65 18.41
CA ARG B 411 14.19 1.95 17.84
C ARG B 411 15.48 1.76 17.05
N TYR B 412 16.36 0.86 17.48
CA TYR B 412 17.60 0.49 16.74
C TYR B 412 17.20 -0.15 15.39
N THR B 413 16.23 -1.08 15.40
CA THR B 413 15.82 -1.83 14.17
C THR B 413 15.24 -0.84 13.15
N GLU B 414 14.71 0.30 13.59
CA GLU B 414 14.15 1.35 12.70
C GLU B 414 15.26 1.93 11.80
N MET B 415 16.52 1.88 12.23
CA MET B 415 17.67 2.43 11.45
C MET B 415 17.88 1.63 10.17
N ALA B 416 17.31 0.41 10.07
CA ALA B 416 17.37 -0.44 8.86
C ALA B 416 16.35 0.02 7.82
N LEU B 417 15.28 0.71 8.23
CA LEU B 417 14.11 1.03 7.36
C LEU B 417 14.57 1.68 6.06
N PRO B 418 15.46 2.70 6.07
CA PRO B 418 15.86 3.37 4.84
C PRO B 418 16.72 2.51 3.92
N PHE B 419 17.29 1.40 4.42
CA PHE B 419 18.18 0.49 3.67
C PHE B 419 17.65 -0.95 3.74
N PHE B 420 16.34 -1.13 3.89
CA PHE B 420 15.68 -2.41 4.28
C PHE B 420 15.99 -3.52 3.26
N SER B 421 16.19 -3.17 1.98
CA SER B 421 16.19 -4.12 0.85
C SER B 421 17.27 -5.20 0.99
N LEU B 422 18.45 -4.86 1.54
CA LEU B 422 19.54 -5.83 1.81
C LEU B 422 20.04 -5.70 3.26
N ALA B 423 19.25 -5.10 4.15
CA ALA B 423 19.58 -4.96 5.60
C ALA B 423 19.32 -6.30 6.30
N GLU B 424 20.09 -6.56 7.37
CA GLU B 424 19.72 -7.57 8.40
C GLU B 424 19.89 -6.95 9.79
N VAL B 425 19.09 -7.42 10.74
CA VAL B 425 19.16 -7.12 12.20
C VAL B 425 19.14 -8.47 12.93
N ARG B 426 19.56 -8.51 14.19
CA ARG B 426 19.51 -9.76 15.00
C ARG B 426 18.64 -9.56 16.26
N VAL B 427 17.87 -8.47 16.33
CA VAL B 427 16.89 -8.21 17.41
C VAL B 427 15.55 -7.84 16.76
N GLY B 428 14.46 -8.14 17.47
CA GLY B 428 13.09 -7.79 17.05
C GLY B 428 12.19 -7.69 18.27
N TYR B 429 11.65 -6.51 18.51
CA TYR B 429 10.66 -6.22 19.58
C TYR B 429 9.56 -5.38 18.94
N GLN B 430 8.48 -6.05 18.53
N GLN B 430 8.49 -6.06 18.53
CA GLN B 430 7.42 -5.44 17.71
CA GLN B 430 7.42 -5.45 17.71
C GLN B 430 8.09 -4.78 16.50
C GLN B 430 8.09 -4.78 16.50
N SER B 431 9.07 -5.46 15.89
CA SER B 431 9.83 -4.98 14.70
C SER B 431 9.30 -5.65 13.41
N GLN B 432 8.21 -6.42 13.48
CA GLN B 432 7.70 -7.28 12.37
C GLN B 432 7.43 -6.45 11.12
N ASN B 433 7.00 -5.19 11.24
CA ASN B 433 6.62 -4.35 10.07
C ASN B 433 7.86 -3.74 9.40
N ILE B 434 9.06 -4.03 9.91
CA ILE B 434 10.34 -3.63 9.26
C ILE B 434 10.73 -4.74 8.27
N SER B 435 10.68 -4.45 6.97
CA SER B 435 10.69 -5.47 5.88
C SER B 435 12.12 -5.90 5.55
N CYS B 436 13.01 -6.04 6.53
CA CYS B 436 14.38 -6.55 6.32
C CYS B 436 14.48 -8.00 6.82
N PHE B 437 15.66 -8.61 6.65
CA PHE B 437 15.95 -9.98 7.15
C PHE B 437 16.27 -9.91 8.64
N PHE B 438 15.86 -10.93 9.37
CA PHE B 438 16.13 -11.12 10.82
C PHE B 438 17.03 -12.34 10.98
N ARG B 439 18.23 -12.12 11.55
CA ARG B 439 19.28 -13.14 11.69
C ARG B 439 19.17 -13.80 13.07
N LEU B 440 19.17 -15.13 13.12
CA LEU B 440 19.32 -15.90 14.38
C LEU B 440 20.64 -15.47 15.03
N VAL B 441 20.68 -15.40 16.35
CA VAL B 441 21.92 -15.03 17.09
C VAL B 441 22.99 -16.07 16.77
N ASP B 442 24.24 -15.61 16.69
CA ASP B 442 25.46 -16.32 16.21
C ASP B 442 25.41 -17.81 16.61
N ARG B 443 25.36 -18.70 15.61
CA ARG B 443 25.32 -20.18 15.82
C ARG B 443 26.74 -20.70 16.03
N ASP B 444 26.87 -21.79 16.79
CA ASP B 444 28.17 -22.47 17.02
C ASP B 444 28.29 -23.68 16.09
N SER B 445 29.53 -24.01 15.71
CA SER B 445 29.91 -25.15 14.84
C SER B 445 29.84 -26.45 15.65
N VAL B 446 28.67 -26.73 16.23
CA VAL B 446 28.35 -27.99 16.97
C VAL B 446 27.05 -28.56 16.40
N TRP B 447 26.69 -29.79 16.78
CA TRP B 447 25.55 -30.57 16.21
C TRP B 447 24.25 -30.26 16.95
N GLY B 448 24.32 -29.80 18.20
CA GLY B 448 23.21 -29.89 19.17
C GLY B 448 22.21 -28.75 19.10
N TYR B 449 21.30 -28.71 20.07
CA TYR B 449 20.23 -27.69 20.22
C TYR B 449 20.79 -26.39 20.84
N ASP B 450 21.99 -26.46 21.42
CA ASP B 450 22.71 -25.30 22.00
C ASP B 450 23.42 -24.53 20.87
N LEU B 451 22.65 -23.78 20.07
CA LEU B 451 23.14 -22.89 18.97
C LEU B 451 23.76 -23.71 17.83
N GLY B 452 23.54 -25.03 17.83
CA GLY B 452 24.11 -25.96 16.83
C GLY B 452 23.15 -26.25 15.69
N LEU B 453 23.46 -27.26 14.89
CA LEU B 453 22.67 -27.66 13.70
C LEU B 453 21.23 -27.99 14.10
N ARG B 454 21.03 -28.72 15.21
CA ARG B 454 19.68 -29.18 15.65
C ARG B 454 18.89 -28.02 16.23
N SER B 455 19.53 -26.88 16.52
CA SER B 455 18.87 -25.62 16.97
C SER B 455 18.20 -24.91 15.78
N LEU B 456 18.68 -25.12 14.55
CA LEU B 456 18.27 -24.29 13.38
C LEU B 456 16.76 -24.35 13.19
N ILE B 457 16.15 -25.52 13.19
CA ILE B 457 14.69 -25.66 12.84
C ILE B 457 13.84 -25.12 13.98
N PRO B 458 14.08 -25.51 15.26
CA PRO B 458 13.40 -24.87 16.39
C PRO B 458 13.45 -23.33 16.38
N ALA B 459 14.63 -22.76 16.14
CA ALA B 459 14.86 -21.29 16.17
C ALA B 459 14.10 -20.64 15.02
N VAL B 460 14.26 -21.14 13.79
CA VAL B 460 13.59 -20.57 12.58
C VAL B 460 12.07 -20.61 12.80
N LEU B 461 11.53 -21.73 13.30
CA LEU B 461 10.07 -21.90 13.54
C LEU B 461 9.60 -20.92 14.61
N THR B 462 10.32 -20.82 15.74
CA THR B 462 10.06 -19.87 16.84
C THR B 462 9.95 -18.45 16.27
N VAL B 463 10.96 -18.03 15.51
CA VAL B 463 10.99 -16.66 14.92
C VAL B 463 9.83 -16.52 13.92
N SER B 464 9.49 -17.58 13.16
CA SER B 464 8.32 -17.60 12.24
C SER B 464 7.03 -17.40 13.03
N MET B 465 6.87 -18.06 14.19
CA MET B 465 5.68 -17.91 15.08
C MET B 465 5.50 -16.45 15.47
N LEU B 466 6.58 -15.69 15.63
CA LEU B 466 6.53 -14.29 16.11
C LEU B 466 6.27 -13.34 14.94
N GLY B 467 5.99 -13.87 13.74
CA GLY B 467 5.53 -13.10 12.57
C GLY B 467 6.64 -12.36 11.84
N TYR B 468 7.89 -12.83 11.93
CA TYR B 468 9.05 -12.37 11.14
C TYR B 468 9.28 -13.36 10.00
N PRO B 469 8.78 -13.10 8.76
CA PRO B 469 8.90 -14.06 7.67
C PRO B 469 10.30 -14.23 7.07
N PHE B 470 11.08 -13.16 6.98
CA PHE B 470 12.38 -13.10 6.26
C PHE B 470 13.49 -13.41 7.27
N ILE B 471 13.76 -14.70 7.45
CA ILE B 471 14.69 -15.24 8.49
C ILE B 471 15.99 -15.67 7.81
N LEU B 472 17.11 -15.31 8.45
CA LEU B 472 18.48 -15.71 8.02
C LEU B 472 19.10 -16.54 9.15
N PRO B 473 19.20 -17.87 9.00
CA PRO B 473 19.73 -18.71 10.08
C PRO B 473 21.26 -18.63 10.23
N ASP B 474 21.81 -17.42 10.21
CA ASP B 474 23.24 -17.10 10.46
C ASP B 474 24.13 -17.82 9.41
N MET B 475 25.30 -18.33 9.81
CA MET B 475 26.39 -18.81 8.92
C MET B 475 26.26 -20.33 8.72
N VAL B 476 26.38 -20.80 7.47
CA VAL B 476 26.52 -22.25 7.17
C VAL B 476 27.72 -22.77 7.96
N GLY B 477 27.51 -23.78 8.81
CA GLY B 477 28.55 -24.45 9.61
C GLY B 477 28.82 -23.77 10.95
N GLY B 478 28.19 -22.63 11.23
CA GLY B 478 28.41 -21.85 12.46
C GLY B 478 29.62 -20.92 12.35
N ASN B 479 30.04 -20.33 13.47
CA ASN B 479 31.00 -19.19 13.51
C ASN B 479 32.42 -19.68 13.79
N ALA B 480 32.61 -20.99 14.05
CA ALA B 480 33.92 -21.63 14.23
C ALA B 480 34.69 -20.99 15.39
N VAL B 481 34.03 -20.82 16.53
CA VAL B 481 34.65 -20.23 17.76
C VAL B 481 35.50 -21.30 18.42
N PRO B 482 36.80 -21.02 18.71
CA PRO B 482 37.64 -21.93 19.48
C PRO B 482 36.90 -22.43 20.72
N GLN B 483 37.03 -23.74 21.01
CA GLN B 483 36.47 -24.43 22.21
C GLN B 483 34.98 -24.76 21.97
N ARG B 484 34.36 -24.21 20.91
CA ARG B 484 32.92 -24.40 20.59
C ARG B 484 32.79 -24.77 19.11
N THR B 485 33.72 -25.59 18.61
CA THR B 485 33.80 -26.04 17.20
C THR B 485 34.11 -27.54 17.18
N ALA B 486 33.11 -28.37 16.88
CA ALA B 486 33.29 -29.79 16.52
C ALA B 486 34.11 -29.84 15.23
N GLY B 487 35.42 -30.08 15.33
CA GLY B 487 36.38 -30.13 14.20
C GLY B 487 37.62 -29.25 14.39
N GLY B 488 37.72 -28.48 15.47
CA GLY B 488 38.92 -27.69 15.83
C GLY B 488 38.91 -26.29 15.21
N ASP B 489 39.62 -26.11 14.09
CA ASP B 489 39.83 -24.82 13.36
C ASP B 489 38.53 -24.37 12.69
N VAL B 490 37.83 -25.32 12.08
CA VAL B 490 36.60 -25.11 11.25
C VAL B 490 35.65 -26.25 11.54
N PRO B 491 34.32 -26.10 11.31
CA PRO B 491 33.38 -27.19 11.50
C PRO B 491 33.81 -28.45 10.73
N GLU B 492 33.69 -29.63 11.36
CA GLU B 492 33.79 -30.97 10.73
C GLU B 492 33.17 -30.96 9.33
N ARG B 493 33.78 -31.66 8.38
CA ARG B 493 33.31 -31.80 6.98
C ARG B 493 31.82 -32.20 6.95
N GLU B 494 31.44 -33.18 7.77
CA GLU B 494 30.07 -33.76 7.75
C GLU B 494 29.07 -32.74 8.32
N LEU B 495 29.43 -32.05 9.40
CA LEU B 495 28.59 -30.99 10.02
C LEU B 495 28.36 -29.88 8.99
N TYR B 496 29.42 -29.41 8.33
CA TYR B 496 29.39 -28.35 7.29
C TYR B 496 28.44 -28.76 6.16
N ILE B 497 28.51 -30.01 5.70
CA ILE B 497 27.69 -30.53 4.56
C ILE B 497 26.23 -30.57 4.98
N ARG B 498 25.92 -31.21 6.11
CA ARG B 498 24.51 -31.37 6.58
C ARG B 498 23.90 -29.99 6.83
N TRP B 499 24.66 -29.06 7.41
CA TRP B 499 24.22 -27.66 7.71
C TRP B 499 23.89 -26.93 6.39
N LEU B 500 24.80 -26.99 5.42
CA LEU B 500 24.64 -26.34 4.08
C LEU B 500 23.32 -26.81 3.46
N GLU B 501 23.00 -28.10 3.58
CA GLU B 501 21.80 -28.72 2.96
C GLU B 501 20.52 -28.16 3.60
N VAL B 502 20.48 -28.06 4.92
CA VAL B 502 19.27 -27.49 5.61
C VAL B 502 19.22 -25.98 5.31
N ALA B 503 20.36 -25.30 5.26
CA ALA B 503 20.46 -23.84 5.01
C ALA B 503 19.97 -23.51 3.60
N ALA B 504 20.08 -24.44 2.66
CA ALA B 504 19.67 -24.25 1.24
C ALA B 504 18.15 -24.09 1.12
N PHE B 505 17.40 -24.50 2.14
CA PHE B 505 15.91 -24.55 2.14
C PHE B 505 15.32 -23.41 3.02
N MET B 506 16.16 -22.57 3.59
CA MET B 506 15.72 -21.44 4.48
C MET B 506 15.64 -20.16 3.65
N PRO B 507 14.91 -19.12 4.11
CA PRO B 507 14.66 -17.95 3.26
C PRO B 507 15.92 -17.27 2.71
N ALA B 508 16.98 -17.17 3.51
CA ALA B 508 18.28 -16.59 3.10
C ALA B 508 19.40 -17.53 3.51
N MET B 509 20.41 -17.62 2.65
CA MET B 509 21.56 -18.54 2.81
C MET B 509 22.83 -17.70 2.86
N GLN B 510 23.66 -17.89 3.88
CA GLN B 510 24.89 -17.09 4.09
C GLN B 510 26.06 -18.03 4.35
N PHE B 511 27.07 -17.97 3.48
CA PHE B 511 28.40 -18.60 3.67
C PHE B 511 29.34 -17.58 4.30
N SER B 512 30.22 -18.06 5.19
CA SER B 512 31.44 -17.33 5.60
C SER B 512 32.64 -18.23 5.30
N ILE B 513 32.83 -19.31 6.07
CA ILE B 513 33.80 -20.37 5.72
C ILE B 513 33.28 -21.03 4.43
N PRO B 514 33.99 -20.90 3.29
CA PRO B 514 33.43 -21.30 2.01
C PRO B 514 33.62 -22.79 1.75
N PRO B 515 32.87 -23.37 0.78
CA PRO B 515 32.99 -24.79 0.46
C PRO B 515 34.40 -25.27 0.10
N TRP B 516 35.17 -24.43 -0.60
CA TRP B 516 36.50 -24.79 -1.15
C TRP B 516 37.56 -24.82 -0.04
N ARG B 517 37.18 -24.51 1.20
CA ARG B 517 38.04 -24.71 2.39
C ARG B 517 38.16 -26.21 2.69
N TYR B 518 37.25 -27.04 2.16
CA TYR B 518 37.19 -28.49 2.44
C TYR B 518 37.84 -29.28 1.30
N ASP B 519 37.11 -29.50 0.20
CA ASP B 519 37.54 -30.32 -0.97
C ASP B 519 36.53 -30.14 -2.10
N ALA B 520 36.84 -30.67 -3.28
CA ALA B 520 36.07 -30.51 -4.54
C ALA B 520 34.67 -31.11 -4.40
N GLU B 521 34.50 -32.16 -3.60
CA GLU B 521 33.19 -32.82 -3.42
C GLU B 521 32.28 -31.86 -2.65
N VAL B 522 32.79 -31.26 -1.57
CA VAL B 522 32.03 -30.25 -0.77
C VAL B 522 31.65 -29.09 -1.69
N VAL B 523 32.56 -28.63 -2.54
CA VAL B 523 32.28 -27.53 -3.53
C VAL B 523 31.17 -27.99 -4.47
N ALA B 524 31.22 -29.25 -4.91
CA ALA B 524 30.22 -29.85 -5.83
C ALA B 524 28.87 -29.93 -5.11
N ILE B 525 28.85 -30.34 -3.84
CA ILE B 525 27.61 -30.41 -3.01
C ILE B 525 27.02 -28.99 -2.92
N ALA B 526 27.86 -27.97 -2.69
CA ALA B 526 27.43 -26.56 -2.59
C ALA B 526 26.78 -26.13 -3.90
N GLN B 527 27.41 -26.40 -5.04
CA GLN B 527 26.92 -26.01 -6.38
C GLN B 527 25.59 -26.72 -6.67
N LYS B 528 25.45 -27.96 -6.21
CA LYS B 528 24.21 -28.77 -6.39
C LYS B 528 23.04 -28.12 -5.63
N PHE B 529 23.27 -27.74 -4.37
CA PHE B 529 22.23 -27.14 -3.49
C PHE B 529 21.96 -25.70 -3.91
N ALA B 530 22.97 -24.98 -4.42
CA ALA B 530 22.81 -23.63 -5.02
C ALA B 530 21.87 -23.72 -6.23
N ALA B 531 22.04 -24.75 -7.06
CA ALA B 531 21.23 -25.00 -8.27
C ALA B 531 19.81 -25.39 -7.86
N LEU B 532 19.68 -26.28 -6.87
CA LEU B 532 18.38 -26.78 -6.33
C LEU B 532 17.63 -25.61 -5.70
N ARG B 533 18.34 -24.76 -4.95
CA ARG B 533 17.77 -23.55 -4.31
C ARG B 533 17.22 -22.62 -5.40
N ALA B 534 17.95 -22.47 -6.51
CA ALA B 534 17.58 -21.55 -7.61
C ALA B 534 16.32 -22.05 -8.34
N SER B 535 16.18 -23.36 -8.53
CA SER B 535 15.14 -23.96 -9.41
C SER B 535 13.89 -24.33 -8.62
N LEU B 536 14.03 -24.81 -7.39
CA LEU B 536 12.90 -25.33 -6.57
C LEU B 536 12.52 -24.33 -5.46
N VAL B 537 13.48 -23.92 -4.64
CA VAL B 537 13.22 -23.25 -3.33
C VAL B 537 12.94 -21.76 -3.55
N ALA B 538 13.82 -21.06 -4.28
CA ALA B 538 13.79 -19.59 -4.47
C ALA B 538 12.44 -19.14 -5.06
N PRO B 539 11.92 -19.77 -6.15
CA PRO B 539 10.64 -19.34 -6.72
C PRO B 539 9.51 -19.38 -5.69
N LEU B 540 9.50 -20.38 -4.82
CA LEU B 540 8.48 -20.58 -3.76
C LEU B 540 8.67 -19.53 -2.65
N LEU B 541 9.91 -19.30 -2.21
CA LEU B 541 10.24 -18.28 -1.17
C LEU B 541 9.73 -16.91 -1.64
N LEU B 542 10.01 -16.52 -2.89
CA LEU B 542 9.60 -15.22 -3.47
C LEU B 542 8.07 -15.13 -3.50
N GLU B 543 7.39 -16.20 -3.92
CA GLU B 543 5.90 -16.21 -4.01
C GLU B 543 5.34 -16.00 -2.60
N LEU B 544 5.86 -16.73 -1.61
CA LEU B 544 5.39 -16.70 -0.21
C LEU B 544 5.75 -15.35 0.43
N ALA B 545 6.90 -14.78 0.05
CA ALA B 545 7.38 -13.46 0.51
C ALA B 545 6.40 -12.37 0.05
N GLY B 546 5.96 -12.46 -1.21
CA GLY B 546 4.97 -11.54 -1.83
C GLY B 546 3.60 -11.68 -1.21
N GLU B 547 3.28 -12.84 -0.62
CA GLU B 547 1.95 -13.09 -0.02
C GLU B 547 1.85 -12.44 1.37
N VAL B 548 2.96 -12.27 2.06
CA VAL B 548 3.02 -11.87 3.51
C VAL B 548 2.13 -10.65 3.73
N THR B 549 2.25 -9.63 2.87
CA THR B 549 1.53 -8.34 3.00
C THR B 549 0.03 -8.62 3.08
N ASP B 550 -0.49 -9.58 2.33
CA ASP B 550 -1.93 -9.95 2.28
C ASP B 550 -2.30 -10.86 3.45
N THR B 551 -1.58 -11.98 3.62
CA THR B 551 -2.00 -13.13 4.48
C THR B 551 -1.42 -13.01 5.89
N GLY B 552 -0.29 -12.31 6.06
CA GLY B 552 0.45 -12.27 7.34
C GLY B 552 1.07 -13.61 7.71
N ASP B 553 1.01 -14.60 6.81
CA ASP B 553 1.50 -15.98 7.07
C ASP B 553 3.02 -16.01 6.90
N PRO B 554 3.74 -16.81 7.73
CA PRO B 554 5.19 -16.95 7.60
C PRO B 554 5.58 -17.80 6.38
N ILE B 555 6.86 -17.80 6.03
CA ILE B 555 7.44 -18.55 4.88
C ILE B 555 7.76 -19.97 5.36
N VAL B 556 8.56 -20.08 6.43
CA VAL B 556 8.93 -21.38 7.06
C VAL B 556 7.85 -21.74 8.08
N ARG B 557 7.23 -22.92 7.95
CA ARG B 557 6.05 -23.32 8.77
C ARG B 557 6.32 -24.67 9.44
N PRO B 558 5.75 -24.90 10.65
CA PRO B 558 5.83 -26.20 11.29
C PRO B 558 4.89 -27.20 10.58
N LEU B 559 5.16 -28.49 10.69
CA LEU B 559 4.32 -29.56 10.10
C LEU B 559 2.86 -29.36 10.53
N TRP B 560 2.64 -28.93 11.78
CA TRP B 560 1.27 -28.82 12.37
C TRP B 560 0.47 -27.69 11.70
N TRP B 561 1.12 -26.81 10.94
CA TRP B 561 0.43 -25.73 10.18
C TRP B 561 -0.67 -26.35 9.31
N ILE B 562 -0.36 -27.38 8.53
CA ILE B 562 -1.32 -28.05 7.60
C ILE B 562 -1.99 -29.26 8.29
N ALA B 563 -1.42 -29.76 9.39
CA ALA B 563 -1.94 -30.92 10.15
C ALA B 563 -2.17 -30.52 11.61
N PRO B 564 -3.06 -29.54 11.90
CA PRO B 564 -3.19 -28.98 13.25
C PRO B 564 -3.73 -29.96 14.31
N GLY B 565 -4.42 -31.02 13.89
CA GLY B 565 -4.99 -32.04 14.79
C GLY B 565 -4.11 -33.28 14.91
N ASP B 566 -2.86 -33.20 14.44
CA ASP B 566 -1.92 -34.35 14.33
C ASP B 566 -0.91 -34.27 15.50
N GLU B 567 -1.08 -35.10 16.53
CA GLU B 567 -0.21 -35.15 17.74
C GLU B 567 1.27 -35.34 17.34
N THR B 568 1.56 -36.05 16.24
CA THR B 568 2.94 -36.34 15.78
C THR B 568 3.54 -35.06 15.18
N ALA B 569 2.75 -34.34 14.38
CA ALA B 569 3.11 -33.05 13.78
C ALA B 569 3.42 -32.01 14.88
N HIS B 570 2.69 -32.06 16.00
CA HIS B 570 2.88 -31.12 17.15
C HIS B 570 4.32 -31.25 17.70
N ARG B 571 4.90 -32.46 17.64
CA ARG B 571 6.16 -32.83 18.33
C ARG B 571 7.40 -32.65 17.43
N ILE B 572 7.24 -32.71 16.11
CA ILE B 572 8.38 -32.83 15.13
C ILE B 572 9.26 -31.56 15.17
N ASP B 573 10.55 -31.72 15.45
CA ASP B 573 11.57 -30.63 15.46
C ASP B 573 12.63 -30.86 14.37
N SER B 574 12.48 -31.89 13.53
CA SER B 574 13.49 -32.33 12.52
C SER B 574 12.99 -32.08 11.10
N GLN B 575 11.77 -31.57 10.95
CA GLN B 575 11.13 -31.34 9.63
C GLN B 575 10.43 -29.97 9.65
N PHE B 576 10.24 -29.39 8.48
CA PHE B 576 9.57 -28.07 8.33
C PHE B 576 8.96 -28.00 6.93
N LEU B 577 8.06 -27.04 6.74
CA LEU B 577 7.43 -26.72 5.45
C LEU B 577 7.98 -25.38 4.95
N ILE B 578 8.07 -25.22 3.62
CA ILE B 578 8.13 -23.92 2.92
C ILE B 578 6.74 -23.71 2.30
N GLY B 579 5.98 -22.74 2.79
CA GLY B 579 4.54 -22.65 2.55
C GLY B 579 3.84 -23.92 3.02
N ASP B 580 2.80 -24.36 2.30
CA ASP B 580 1.97 -25.54 2.65
C ASP B 580 2.37 -26.75 1.80
N THR B 581 3.26 -26.55 0.82
CA THR B 581 3.52 -27.40 -0.38
C THR B 581 4.83 -28.19 -0.28
N LEU B 582 5.88 -27.60 0.28
CA LEU B 582 7.25 -28.21 0.27
C LEU B 582 7.60 -28.67 1.67
N LEU B 583 7.80 -29.98 1.84
CA LEU B 583 8.12 -30.65 3.13
C LEU B 583 9.59 -31.08 3.09
N VAL B 584 10.37 -30.68 4.09
CA VAL B 584 11.85 -30.84 4.11
C VAL B 584 12.24 -31.65 5.34
N ALA B 585 13.11 -32.65 5.15
CA ALA B 585 13.54 -33.61 6.18
C ALA B 585 15.05 -33.82 6.07
N PRO B 586 15.86 -32.88 6.58
CA PRO B 586 17.32 -33.01 6.54
C PRO B 586 17.83 -34.06 7.53
N VAL B 587 18.98 -34.67 7.25
CA VAL B 587 19.74 -35.50 8.23
C VAL B 587 20.45 -34.53 9.18
N LEU B 588 20.26 -34.70 10.48
CA LEU B 588 20.76 -33.78 11.54
C LEU B 588 21.60 -34.56 12.55
N GLU B 589 22.11 -35.73 12.13
CA GLU B 589 22.93 -36.65 12.97
C GLU B 589 24.16 -37.07 12.17
N PRO B 590 25.33 -37.18 12.83
CA PRO B 590 26.56 -37.59 12.15
C PRO B 590 26.58 -39.10 11.89
N GLY B 591 27.30 -39.52 10.84
CA GLY B 591 27.49 -40.93 10.43
C GLY B 591 26.18 -41.58 10.01
N LYS B 592 25.22 -40.82 9.49
CA LYS B 592 23.89 -41.32 9.07
C LYS B 592 23.73 -41.09 7.56
N GLN B 593 23.28 -42.11 6.82
CA GLN B 593 22.92 -42.04 5.39
C GLN B 593 21.44 -42.39 5.22
N GLU B 594 20.65 -42.26 6.30
CA GLU B 594 19.18 -42.43 6.29
C GLU B 594 18.60 -41.73 7.52
N ARG B 595 17.29 -41.54 7.55
CA ARG B 595 16.54 -41.06 8.74
C ARG B 595 15.06 -41.44 8.61
N ASP B 596 14.36 -41.51 9.73
CA ASP B 596 12.88 -41.63 9.77
C ASP B 596 12.29 -40.29 9.30
N VAL B 597 11.26 -40.35 8.43
CA VAL B 597 10.57 -39.17 7.84
C VAL B 597 9.07 -39.36 8.07
N TYR B 598 8.42 -38.43 8.78
CA TYR B 598 6.96 -38.44 9.03
C TYR B 598 6.29 -37.63 7.93
N LEU B 599 5.37 -38.26 7.19
CA LEU B 599 4.48 -37.58 6.23
C LEU B 599 3.09 -37.48 6.86
N PRO B 600 2.52 -36.27 6.98
CA PRO B 600 1.16 -36.12 7.49
C PRO B 600 0.12 -36.45 6.42
N ALA B 601 -1.16 -36.34 6.77
CA ALA B 601 -2.31 -36.62 5.88
C ALA B 601 -2.11 -35.89 4.55
N GLY B 602 -2.64 -36.46 3.47
CA GLY B 602 -2.48 -35.94 2.09
C GLY B 602 -1.46 -36.73 1.31
N LYS B 603 -1.30 -36.42 0.02
CA LYS B 603 -0.39 -37.11 -0.92
C LYS B 603 0.88 -36.27 -1.06
N TRP B 604 2.04 -36.93 -1.00
CA TRP B 604 3.39 -36.31 -1.04
C TRP B 604 4.24 -37.00 -2.09
N ARG B 605 4.75 -36.24 -3.06
CA ARG B 605 5.67 -36.75 -4.11
C ARG B 605 7.12 -36.45 -3.69
N SER B 606 7.89 -37.50 -3.40
CA SER B 606 9.32 -37.43 -3.00
C SER B 606 10.13 -36.70 -4.06
N TYR B 607 11.37 -36.32 -3.73
CA TYR B 607 12.33 -35.68 -4.65
C TYR B 607 12.74 -36.66 -5.75
N LYS B 608 12.51 -37.97 -5.55
CA LYS B 608 12.87 -39.04 -6.49
C LYS B 608 11.67 -39.40 -7.38
N GLY B 609 10.48 -38.88 -7.07
CA GLY B 609 9.24 -39.12 -7.85
C GLY B 609 8.32 -40.13 -7.20
N GLU B 610 8.64 -40.62 -6.00
CA GLU B 610 7.79 -41.58 -5.23
C GLU B 610 6.51 -40.87 -4.77
N LEU B 611 5.33 -41.37 -5.12
CA LEU B 611 4.03 -40.88 -4.59
C LEU B 611 3.70 -41.64 -3.32
N PHE B 612 3.72 -40.97 -2.15
CA PHE B 612 3.21 -41.54 -0.88
C PHE B 612 1.78 -41.04 -0.65
N ASP B 613 0.78 -41.91 -0.83
CA ASP B 613 -0.66 -41.56 -0.72
C ASP B 613 -1.34 -42.41 0.35
N LYS B 614 -0.60 -43.19 1.14
CA LYS B 614 -1.13 -43.91 2.32
C LYS B 614 -0.53 -43.26 3.57
N THR B 615 -1.20 -42.22 4.04
CA THR B 615 -0.70 -41.22 5.03
C THR B 615 -1.82 -40.94 6.03
N PRO B 616 -1.50 -40.45 7.26
CA PRO B 616 -0.12 -40.23 7.68
C PRO B 616 0.66 -41.56 7.79
N VAL B 617 1.97 -41.51 7.60
CA VAL B 617 2.87 -42.69 7.69
C VAL B 617 4.25 -42.21 8.14
N LEU B 618 4.94 -43.05 8.92
CA LEU B 618 6.38 -42.88 9.25
C LEU B 618 7.19 -43.69 8.24
N LEU B 619 7.97 -43.04 7.38
CA LEU B 619 8.95 -43.70 6.48
C LEU B 619 10.21 -43.99 7.30
N THR B 620 10.43 -45.25 7.69
CA THR B 620 11.57 -45.67 8.54
C THR B 620 12.80 -45.90 7.64
N ASP B 621 13.98 -45.55 8.15
CA ASP B 621 15.29 -45.67 7.45
C ASP B 621 15.16 -45.24 6.00
N TYR B 622 14.54 -44.08 5.75
CA TYR B 622 14.45 -43.47 4.41
C TYR B 622 15.84 -43.01 3.97
N PRO B 623 16.38 -43.55 2.85
CA PRO B 623 17.77 -43.26 2.44
C PRO B 623 18.00 -41.78 2.09
N VAL B 624 19.05 -41.20 2.68
CA VAL B 624 19.51 -39.81 2.42
C VAL B 624 21.03 -39.81 2.48
N ASP B 625 21.71 -39.88 1.33
CA ASP B 625 23.19 -39.91 1.25
C ASP B 625 23.72 -38.59 1.83
N LEU B 626 25.03 -38.54 2.12
CA LEU B 626 25.72 -37.35 2.66
C LEU B 626 25.43 -36.13 1.77
N ASP B 627 25.34 -36.33 0.45
CA ASP B 627 25.17 -35.27 -0.56
C ASP B 627 23.69 -35.09 -0.93
N GLU B 628 22.77 -35.55 -0.09
CA GLU B 628 21.29 -35.47 -0.38
C GLU B 628 20.55 -34.82 0.79
N ILE B 629 19.35 -34.31 0.49
CA ILE B 629 18.30 -33.95 1.47
C ILE B 629 16.97 -34.58 1.01
N ALA B 630 16.21 -35.14 1.95
CA ALA B 630 14.84 -35.67 1.71
C ALA B 630 13.88 -34.49 1.66
N TYR B 631 13.16 -34.32 0.54
CA TYR B 631 12.05 -33.33 0.44
C TYR B 631 10.90 -33.95 -0.37
N PHE B 632 9.70 -33.42 -0.14
CA PHE B 632 8.42 -33.96 -0.68
C PHE B 632 7.51 -32.79 -1.03
N THR B 633 6.92 -32.81 -2.22
CA THR B 633 5.97 -31.78 -2.72
C THR B 633 4.54 -32.33 -2.58
N TRP B 634 3.61 -31.50 -2.12
CA TRP B 634 2.16 -31.77 -2.02
C TRP B 634 1.61 -32.21 -3.40
N ALA B 635 0.78 -33.25 -3.44
CA ALA B 635 0.12 -33.77 -4.66
C ALA B 635 -1.37 -34.04 -4.37
N LEU C 14 16.84 14.30 85.03
CA LEU C 14 16.43 15.69 84.63
C LEU C 14 15.77 15.71 83.24
N LEU C 15 15.48 14.54 82.66
CA LEU C 15 14.77 14.39 81.36
C LEU C 15 13.27 14.24 81.63
N ASP C 16 12.45 14.86 80.79
CA ASP C 16 10.98 14.95 80.92
C ASP C 16 10.39 14.41 79.61
N LEU C 17 10.10 13.10 79.54
CA LEU C 17 9.65 12.41 78.30
C LEU C 17 8.12 12.43 78.22
N LYS C 18 7.57 12.81 77.06
CA LYS C 18 6.12 12.83 76.75
C LYS C 18 5.89 12.07 75.44
N ALA C 19 4.63 11.91 75.04
CA ALA C 19 4.21 11.12 73.86
C ALA C 19 4.88 11.71 72.60
N GLY C 20 4.78 13.03 72.41
CA GLY C 20 5.15 13.74 71.16
C GLY C 20 6.52 14.39 71.19
N GLY C 21 7.31 14.19 72.25
CA GLY C 21 8.69 14.72 72.37
C GLY C 21 9.22 14.62 73.79
N PHE C 22 10.44 15.11 74.03
CA PHE C 22 11.04 15.23 75.40
C PHE C 22 11.80 16.56 75.53
N SER C 23 12.12 16.91 76.79
CA SER C 23 12.94 18.08 77.16
C SER C 23 13.92 17.68 78.28
N ILE C 24 15.03 18.41 78.39
CA ILE C 24 16.08 18.19 79.43
C ILE C 24 16.35 19.50 80.16
N ARG C 25 16.56 19.42 81.48
CA ARG C 25 16.97 20.55 82.35
C ARG C 25 18.39 20.27 82.87
N ASN C 26 19.06 21.30 83.40
CA ASN C 26 20.36 21.18 84.11
C ASN C 26 20.11 21.27 85.62
N GLN C 27 21.18 21.11 86.42
CA GLN C 27 21.14 21.13 87.91
C GLN C 27 20.51 22.45 88.41
N LYS C 28 20.73 23.56 87.70
CA LYS C 28 20.23 24.93 88.07
C LYS C 28 18.72 25.05 87.79
N GLY C 29 18.13 24.17 86.98
CA GLY C 29 16.68 24.10 86.71
C GLY C 29 16.27 24.62 85.34
N GLU C 30 17.21 25.15 84.54
CA GLU C 30 16.97 25.73 83.19
C GLU C 30 16.71 24.61 82.16
N GLN C 31 15.76 24.82 81.23
CA GLN C 31 15.54 23.94 80.05
C GLN C 31 16.64 24.23 79.01
N VAL C 32 17.54 23.27 78.77
CA VAL C 32 18.73 23.42 77.88
C VAL C 32 18.58 22.58 76.61
N PHE C 33 17.51 21.79 76.48
CA PHE C 33 17.26 20.92 75.29
C PHE C 33 15.77 20.57 75.19
N ARG C 34 15.20 20.67 73.99
CA ARG C 34 13.79 20.32 73.69
C ARG C 34 13.72 19.70 72.30
N LEU C 35 12.94 18.63 72.14
CA LEU C 35 12.86 17.86 70.87
C LEU C 35 11.45 17.31 70.69
N ALA C 36 10.89 17.45 69.47
CA ALA C 36 9.58 16.87 69.08
C ALA C 36 9.82 15.70 68.13
N PHE C 37 9.09 14.60 68.33
CA PHE C 37 9.04 13.44 67.40
C PHE C 37 8.13 13.85 66.23
N ARG C 38 8.59 13.66 64.99
CA ARG C 38 7.88 14.20 63.78
C ARG C 38 7.64 13.10 62.73
N SER C 39 7.99 11.85 63.03
CA SER C 39 7.65 10.65 62.22
C SER C 39 6.65 9.78 63.00
N GLY C 40 6.05 10.34 64.05
CA GLY C 40 5.10 9.64 64.95
C GLY C 40 5.16 10.15 66.37
N ALA C 41 4.44 9.48 67.27
CA ALA C 41 4.45 9.70 68.73
C ALA C 41 4.66 8.36 69.44
N LEU C 42 5.05 8.40 70.70
CA LEU C 42 5.19 7.20 71.57
C LEU C 42 3.83 6.81 72.13
N ASP C 43 3.69 5.54 72.52
CA ASP C 43 2.69 5.05 73.50
C ASP C 43 3.39 4.91 74.85
N LEU C 44 3.03 5.74 75.83
CA LEU C 44 3.69 5.82 77.16
C LEU C 44 3.31 4.61 78.03
N ASP C 45 2.21 3.92 77.71
CA ASP C 45 1.80 2.64 78.35
C ASP C 45 2.75 1.51 77.91
N SER C 46 3.55 1.74 76.85
CA SER C 46 4.53 0.79 76.28
C SER C 46 5.93 1.06 76.83
N CYS C 47 6.08 2.12 77.63
CA CYS C 47 7.38 2.58 78.21
C CYS C 47 7.57 1.98 79.60
N SER C 48 8.76 1.45 79.88
CA SER C 48 9.16 0.88 81.20
C SER C 48 10.60 1.30 81.54
N ARG C 49 10.84 1.67 82.80
CA ARG C 49 12.14 2.14 83.32
C ARG C 49 12.83 0.98 84.05
N ASP C 50 14.06 0.64 83.63
CA ASP C 50 14.94 -0.36 84.28
C ASP C 50 16.29 0.31 84.59
N GLY C 51 16.40 0.94 85.76
CA GLY C 51 17.58 1.72 86.20
C GLY C 51 17.77 2.93 85.32
N ALA C 52 18.91 3.03 84.63
CA ALA C 52 19.29 4.16 83.74
C ALA C 52 18.49 4.12 82.43
N LEU C 53 18.11 2.92 81.98
CA LEU C 53 17.43 2.66 80.67
C LEU C 53 15.92 2.92 80.80
N LEU C 54 15.37 3.75 79.91
CA LEU C 54 13.91 3.94 79.70
C LEU C 54 13.58 3.52 78.25
N GLY C 55 12.93 2.36 78.09
CA GLY C 55 12.62 1.76 76.78
C GLY C 55 11.14 1.81 76.48
N CYS C 56 10.77 1.99 75.20
CA CYS C 56 9.36 2.03 74.70
C CYS C 56 9.25 1.18 73.44
N SER C 57 8.22 0.33 73.34
CA SER C 57 8.11 -0.78 72.35
C SER C 57 7.03 -0.50 71.29
N LEU C 58 6.23 0.57 71.42
CA LEU C 58 5.07 0.82 70.52
C LEU C 58 4.89 2.33 70.25
N THR C 59 4.60 2.70 69.00
CA THR C 59 4.13 4.04 68.56
C THR C 59 2.69 4.24 69.06
N ALA C 60 2.20 5.49 69.04
CA ALA C 60 0.79 5.84 69.36
C ALA C 60 -0.17 5.24 68.32
N ASP C 61 0.28 5.08 67.06
CA ASP C 61 -0.49 4.43 65.97
C ASP C 61 -0.49 2.90 66.14
N GLY C 62 0.40 2.38 66.99
CA GLY C 62 0.45 0.94 67.36
C GLY C 62 1.62 0.21 66.72
N LEU C 63 2.42 0.89 65.91
CA LEU C 63 3.59 0.31 65.18
C LEU C 63 4.65 -0.16 66.19
N PRO C 64 5.26 -1.36 66.01
CA PRO C 64 6.34 -1.81 66.88
C PRO C 64 7.62 -0.97 66.67
N LEU C 65 8.35 -0.73 67.75
CA LEU C 65 9.39 0.33 67.89
C LEU C 65 10.49 -0.13 68.86
N HIS C 66 11.75 -0.01 68.47
CA HIS C 66 12.93 0.01 69.37
C HIS C 66 13.28 1.47 69.66
N PHE C 67 12.73 2.01 70.76
CA PHE C 67 13.04 3.36 71.30
C PHE C 67 13.63 3.21 72.70
N PHE C 68 14.65 3.98 73.04
CA PHE C 68 15.18 4.07 74.43
C PHE C 68 15.89 5.42 74.66
N ILE C 69 15.95 5.82 75.93
CA ILE C 69 16.77 6.93 76.46
C ILE C 69 17.58 6.38 77.64
N GLN C 70 18.89 6.21 77.47
CA GLN C 70 19.80 5.72 78.54
C GLN C 70 20.56 6.91 79.12
N THR C 71 20.36 7.20 80.41
CA THR C 71 21.12 8.24 81.15
C THR C 71 22.51 7.69 81.50
N VAL C 72 23.54 8.51 81.32
CA VAL C 72 24.95 8.18 81.70
C VAL C 72 25.54 9.38 82.47
N ARG C 73 26.25 9.13 83.58
CA ARG C 73 27.00 10.13 84.37
C ARG C 73 28.49 9.84 84.21
N PRO C 74 29.15 10.32 83.12
CA PRO C 74 30.56 10.04 82.88
C PRO C 74 31.52 10.81 83.82
N LYS C 75 31.07 11.96 84.33
CA LYS C 75 31.85 12.89 85.20
C LYS C 75 30.89 13.52 86.21
N ASP C 76 31.46 14.14 87.25
CA ASP C 76 30.73 14.85 88.36
C ASP C 76 29.82 15.94 87.76
N THR C 77 30.24 16.55 86.64
CA THR C 77 29.64 17.79 86.09
C THR C 77 28.97 17.55 84.73
N VAL C 78 29.09 16.35 84.16
CA VAL C 78 28.54 15.98 82.82
C VAL C 78 27.46 14.91 83.00
N MET C 79 26.30 15.13 82.40
CA MET C 79 25.17 14.16 82.32
C MET C 79 24.84 13.96 80.83
N CYS C 80 24.90 12.73 80.33
CA CYS C 80 24.62 12.39 78.91
C CYS C 80 23.37 11.52 78.80
N TYR C 81 22.66 11.64 77.68
CA TYR C 81 21.39 10.95 77.36
C TYR C 81 21.50 10.31 75.97
N ARG C 82 21.74 8.99 75.92
CA ARG C 82 21.75 8.20 74.65
C ARG C 82 20.29 7.97 74.23
N VAL C 83 19.94 8.28 72.98
CA VAL C 83 18.55 8.22 72.46
C VAL C 83 18.54 7.43 71.14
N ARG C 84 17.55 6.55 70.95
CA ARG C 84 17.36 5.77 69.70
C ARG C 84 15.88 5.71 69.33
N TRP C 85 15.58 5.81 68.03
CA TRP C 85 14.27 5.53 67.42
C TRP C 85 14.49 4.66 66.19
N GLU C 86 14.04 3.41 66.24
CA GLU C 86 14.12 2.42 65.13
C GLU C 86 12.79 1.66 65.06
N GLU C 87 12.08 1.72 63.94
CA GLU C 87 10.79 1.01 63.72
C GLU C 87 11.12 -0.38 63.16
N ALA C 88 10.38 -1.44 63.53
CA ALA C 88 10.64 -2.82 63.09
C ALA C 88 10.49 -2.89 61.56
N ALA C 89 9.27 -2.69 61.07
CA ALA C 89 8.93 -2.63 59.63
C ALA C 89 9.87 -1.65 58.93
N PRO C 90 10.63 -2.07 57.89
CA PRO C 90 11.53 -1.16 57.18
C PRO C 90 10.81 -0.07 56.38
N GLY C 91 11.57 0.95 55.94
CA GLY C 91 11.21 1.88 54.86
C GLY C 91 10.17 2.92 55.26
N ARG C 92 10.37 3.61 56.40
CA ARG C 92 9.64 4.85 56.79
C ARG C 92 10.65 5.79 57.49
N ALA C 93 10.96 6.94 56.88
CA ALA C 93 11.91 7.95 57.40
C ALA C 93 11.62 8.25 58.87
N VAL C 94 12.67 8.32 59.71
CA VAL C 94 12.59 8.85 61.10
C VAL C 94 13.00 10.32 61.07
N GLU C 95 12.17 11.22 61.60
CA GLU C 95 12.51 12.65 61.79
C GLU C 95 12.17 13.06 63.22
N HIS C 96 13.14 13.70 63.90
CA HIS C 96 12.99 14.46 65.17
C HIS C 96 13.34 15.93 64.91
N ALA C 97 12.59 16.86 65.49
CA ALA C 97 12.84 18.32 65.40
C ALA C 97 13.52 18.78 66.69
N MET C 98 14.79 19.21 66.60
CA MET C 98 15.55 19.78 67.74
C MET C 98 15.32 21.29 67.79
N PHE C 99 14.71 21.79 68.87
CA PHE C 99 14.39 23.23 69.09
C PHE C 99 15.63 23.92 69.68
N LEU C 100 16.10 24.96 69.00
CA LEU C 100 17.27 25.77 69.46
C LEU C 100 16.86 26.58 70.70
N GLY C 101 15.63 27.09 70.73
CA GLY C 101 14.99 27.67 71.93
C GLY C 101 14.87 29.18 71.85
N ASP C 102 14.90 29.88 72.99
CA ASP C 102 14.65 31.34 73.07
C ASP C 102 15.94 32.07 72.65
N ALA C 103 15.83 33.36 72.30
CA ALA C 103 16.90 34.20 71.69
C ALA C 103 18.21 34.11 72.50
N ALA C 104 18.12 33.84 73.81
CA ALA C 104 19.25 33.81 74.76
C ALA C 104 20.11 32.56 74.54
N ALA C 105 19.56 31.53 73.87
CA ALA C 105 20.25 30.26 73.57
C ALA C 105 20.88 30.34 72.17
N HIS C 106 22.21 30.25 72.10
CA HIS C 106 23.00 30.37 70.85
C HIS C 106 23.67 29.04 70.54
N TRP C 107 23.74 28.65 69.26
CA TRP C 107 24.26 27.32 68.82
C TRP C 107 25.41 27.47 67.81
N TYR C 108 26.34 26.52 67.85
CA TYR C 108 27.60 26.50 67.08
C TYR C 108 27.83 25.10 66.51
N GLY C 109 28.67 24.99 65.49
CA GLY C 109 29.10 23.72 64.89
C GLY C 109 28.37 23.40 63.59
N GLY C 110 28.01 22.13 63.39
CA GLY C 110 27.42 21.65 62.14
C GLY C 110 28.43 21.69 61.02
N ALA C 111 28.02 22.18 59.84
CA ALA C 111 28.81 22.17 58.60
C ALA C 111 29.30 23.58 58.27
N GLU C 112 30.46 23.68 57.63
CA GLU C 112 30.84 24.85 56.82
C GLU C 112 29.70 25.09 55.82
N MET C 113 29.31 26.34 55.61
CA MET C 113 28.12 26.71 54.79
C MET C 113 28.51 27.88 53.87
N ARG C 114 27.74 28.10 52.80
CA ARG C 114 27.92 29.22 51.84
C ARG C 114 27.76 30.54 52.61
N THR C 115 26.68 30.66 53.39
CA THR C 115 26.37 31.81 54.26
C THR C 115 26.64 31.40 55.71
N GLN C 116 27.80 31.73 56.27
CA GLN C 116 28.17 31.32 57.66
C GLN C 116 27.92 32.45 58.65
N HIS C 117 27.01 32.20 59.59
CA HIS C 117 26.74 33.06 60.76
C HIS C 117 27.28 32.40 62.02
N TRP C 118 27.52 33.19 63.06
CA TRP C 118 28.02 32.75 64.38
C TRP C 118 27.43 33.66 65.45
N PRO C 119 26.50 33.17 66.31
CA PRO C 119 26.02 31.79 66.26
C PRO C 119 25.19 31.47 65.00
N ILE C 120 24.84 30.19 64.82
CA ILE C 120 24.10 29.64 63.65
C ILE C 120 22.75 30.34 63.52
N ARG C 121 22.41 30.81 62.32
CA ARG C 121 21.09 31.39 61.97
C ARG C 121 20.42 30.46 60.97
N LEU C 122 19.15 30.14 61.21
CA LEU C 122 18.26 29.32 60.35
C LEU C 122 17.47 30.28 59.45
N ASP C 123 17.69 30.22 58.14
CA ASP C 123 16.96 31.09 57.16
C ASP C 123 15.93 30.23 56.42
N GLY C 124 14.64 30.53 56.60
CA GLY C 124 13.53 29.97 55.81
C GLY C 124 13.23 28.51 56.17
N GLN C 125 12.69 27.77 55.20
CA GLN C 125 12.29 26.35 55.33
C GLN C 125 13.21 25.52 54.43
N GLN C 126 13.75 24.43 54.97
CA GLN C 126 14.62 23.48 54.23
C GLN C 126 14.17 22.06 54.59
N GLU C 127 13.67 21.31 53.60
CA GLU C 127 13.37 19.86 53.71
C GLU C 127 14.70 19.15 53.99
N PRO C 128 14.72 18.12 54.87
CA PRO C 128 15.95 17.40 55.18
C PRO C 128 16.64 16.91 53.91
N GLN C 129 17.95 17.17 53.79
CA GLN C 129 18.77 16.78 52.62
C GLN C 129 20.02 16.09 53.14
N PRO C 130 20.65 15.19 52.34
CA PRO C 130 21.78 14.41 52.82
C PRO C 130 22.83 15.34 53.47
N PHE C 131 23.20 15.05 54.72
CA PHE C 131 24.29 15.73 55.45
C PHE C 131 25.60 15.09 55.02
N VAL C 132 26.10 15.52 53.85
CA VAL C 132 27.29 14.95 53.15
C VAL C 132 28.14 16.11 52.65
N THR C 133 29.43 15.85 52.42
CA THR C 133 30.41 16.83 51.87
C THR C 133 29.90 17.26 50.50
N SER C 134 29.47 18.53 50.37
CA SER C 134 29.06 19.17 49.10
C SER C 134 29.91 20.41 48.84
N ASP C 135 29.96 20.84 47.57
CA ASP C 135 30.59 22.11 47.10
C ASP C 135 29.53 23.20 47.27
N VAL C 136 29.69 24.05 48.29
CA VAL C 136 28.64 25.03 48.66
C VAL C 136 28.94 26.39 48.02
N TYR C 137 29.90 26.45 47.08
CA TYR C 137 30.22 27.72 46.38
C TYR C 137 28.95 28.37 45.84
N SER C 138 28.05 27.58 45.23
CA SER C 138 26.85 28.11 44.52
C SER C 138 25.53 27.61 45.13
N SER C 139 25.52 27.08 46.35
CA SER C 139 24.30 26.51 47.00
C SER C 139 24.22 26.89 48.50
N ASP C 140 23.08 27.45 48.92
CA ASP C 140 22.76 27.76 50.35
C ASP C 140 21.92 26.62 50.97
N ALA C 141 21.52 25.64 50.16
CA ALA C 141 20.76 24.43 50.60
C ALA C 141 21.73 23.35 51.12
N ALA C 142 22.87 23.16 50.47
CA ALA C 142 23.80 22.05 50.72
C ALA C 142 24.73 22.38 51.90
N PHE C 143 25.52 21.38 52.32
CA PHE C 143 26.48 21.43 53.44
C PHE C 143 27.90 21.30 52.90
N GLY C 144 28.84 22.05 53.48
CA GLY C 144 30.19 22.28 52.93
C GLY C 144 31.12 21.09 53.15
N GLY C 145 32.35 21.22 52.67
CA GLY C 145 33.33 20.13 52.63
C GLY C 145 33.80 19.69 54.01
N ILE C 146 33.72 20.57 55.01
CA ILE C 146 34.11 20.26 56.41
C ILE C 146 32.83 20.28 57.27
N LEU C 147 32.51 19.16 57.91
CA LEU C 147 31.29 19.02 58.74
C LEU C 147 31.40 17.84 59.69
N GLU C 148 30.68 17.95 60.80
CA GLU C 148 30.39 16.86 61.76
C GLU C 148 28.93 17.02 62.17
N ARG C 149 28.32 15.95 62.66
CA ARG C 149 26.92 15.95 63.16
C ARG C 149 26.97 16.36 64.62
N TYR C 150 27.48 17.56 64.89
CA TYR C 150 27.77 18.09 66.25
C TYR C 150 27.24 19.52 66.36
N TRP C 151 26.37 19.75 67.34
CA TRP C 151 25.79 21.08 67.63
C TRP C 151 25.97 21.38 69.13
N LEU C 152 26.47 22.57 69.45
CA LEU C 152 26.83 23.02 70.82
C LEU C 152 26.00 24.26 71.14
N SER C 153 25.45 24.32 72.37
CA SER C 153 24.60 25.43 72.87
C SER C 153 25.38 26.26 73.89
N SER C 154 25.14 27.57 73.92
CA SER C 154 25.71 28.52 74.91
C SER C 154 25.19 28.19 76.32
N ARG C 155 24.08 27.45 76.44
CA ARG C 155 23.46 27.01 77.73
C ARG C 155 24.13 25.72 78.25
N ALA C 156 25.17 25.23 77.56
CA ALA C 156 26.04 24.10 77.98
C ALA C 156 25.32 22.77 77.75
N ALA C 157 24.56 22.67 76.65
CA ALA C 157 24.06 21.41 76.07
C ALA C 157 24.75 21.19 74.72
N ALA C 158 24.96 19.93 74.33
CA ALA C 158 25.57 19.53 73.05
C ALA C 158 24.93 18.24 72.55
N ILE C 159 24.84 18.04 71.23
CA ILE C 159 24.29 16.80 70.62
C ILE C 159 25.29 16.30 69.57
N LYS C 160 25.65 15.02 69.65
CA LYS C 160 26.41 14.28 68.60
C LYS C 160 25.48 13.22 68.01
N VAL C 161 25.05 13.39 66.77
CA VAL C 161 24.25 12.37 66.03
C VAL C 161 25.18 11.18 65.73
N ASN C 162 24.72 9.96 66.01
CA ASN C 162 25.49 8.69 65.90
C ASN C 162 26.00 8.56 64.45
N ASP C 163 27.24 8.08 64.28
CA ASP C 163 27.90 7.92 62.94
C ASP C 163 27.14 6.91 62.07
N SER C 164 26.38 6.00 62.69
CA SER C 164 25.60 4.92 62.03
C SER C 164 24.46 5.50 61.18
N VAL C 165 23.86 6.61 61.62
CA VAL C 165 22.60 7.16 61.04
C VAL C 165 22.85 7.49 59.57
N PRO C 166 21.91 7.13 58.67
CA PRO C 166 21.88 7.69 57.32
C PRO C 166 21.26 9.09 57.43
N PHE C 167 22.07 10.05 57.87
CA PHE C 167 21.63 11.33 58.48
C PHE C 167 21.36 12.35 57.39
N HIS C 168 20.17 12.95 57.44
CA HIS C 168 19.70 14.07 56.59
C HIS C 168 19.33 15.22 57.52
N LEU C 169 19.64 16.45 57.14
CA LEU C 169 19.41 17.67 57.97
C LEU C 169 18.57 18.66 57.17
N GLY C 170 17.49 19.14 57.77
CA GLY C 170 16.72 20.32 57.33
C GLY C 170 16.60 21.29 58.47
N TRP C 171 15.76 22.31 58.32
CA TRP C 171 15.50 23.29 59.40
C TRP C 171 14.18 24.03 59.14
N ASN C 172 13.69 24.71 60.17
CA ASN C 172 12.39 25.44 60.17
C ASN C 172 12.58 26.71 61.00
N SER C 173 12.62 27.87 60.35
CA SER C 173 12.93 29.19 61.00
C SER C 173 11.81 29.57 61.96
N THR C 174 10.55 29.34 61.57
CA THR C 174 9.34 29.70 62.34
C THR C 174 9.47 29.22 63.79
N GLU C 175 9.74 27.93 63.99
CA GLU C 175 9.84 27.28 65.33
C GLU C 175 11.32 27.16 65.76
N ARG C 176 12.25 27.62 64.91
CA ARG C 176 13.72 27.63 65.17
C ARG C 176 14.19 26.23 65.54
N SER C 177 14.04 25.28 64.61
CA SER C 177 14.35 23.84 64.82
C SER C 177 15.35 23.35 63.77
N LEU C 178 16.20 22.40 64.17
CA LEU C 178 16.95 21.52 63.23
C LEU C 178 16.11 20.26 63.00
N ARG C 179 15.84 19.94 61.73
CA ARG C 179 15.08 18.73 61.34
C ARG C 179 16.07 17.58 61.12
N LEU C 180 16.19 16.69 62.11
CA LEU C 180 17.11 15.52 62.13
C LEU C 180 16.38 14.31 61.54
N GLN C 181 16.85 13.80 60.40
CA GLN C 181 16.15 12.74 59.63
C GLN C 181 17.09 11.57 59.33
N ALA C 182 16.61 10.34 59.47
CA ALA C 182 17.21 9.11 58.92
C ALA C 182 16.29 8.58 57.82
N ARG C 183 16.84 8.23 56.65
CA ARG C 183 16.07 7.66 55.51
C ARG C 183 17.06 6.96 54.56
N TYR C 184 16.57 6.01 53.77
CA TYR C 184 17.37 5.24 52.76
C TYR C 184 16.80 5.46 51.35
N HIS C 185 15.74 6.25 51.20
CA HIS C 185 15.14 6.60 49.88
C HIS C 185 15.63 7.97 49.40
N ASP C 186 15.93 8.09 48.10
CA ASP C 186 16.34 9.37 47.45
C ASP C 186 17.51 9.97 48.25
N THR C 187 18.69 9.32 48.19
CA THR C 187 19.86 9.62 49.05
C THR C 187 21.08 8.82 48.60
N PRO C 188 22.31 9.36 48.77
CA PRO C 188 23.54 8.62 48.45
C PRO C 188 23.97 7.65 49.58
N TYR C 189 23.23 7.65 50.69
CA TYR C 189 23.43 6.67 51.80
C TYR C 189 22.99 5.30 51.32
N LYS C 190 23.76 4.26 51.65
CA LYS C 190 23.46 2.84 51.36
C LYS C 190 23.25 2.12 52.69
N PRO C 191 22.35 1.11 52.77
CA PRO C 191 22.24 0.27 53.96
C PRO C 191 23.43 -0.69 54.07
N PRO C 192 23.75 -1.21 55.28
CA PRO C 192 24.99 -1.98 55.49
C PRO C 192 24.80 -3.49 55.41
N ALA C 197 17.57 -2.84 55.54
CA ALA C 197 17.37 -1.38 55.32
C ALA C 197 16.17 -0.89 56.15
N ALA C 198 16.36 -0.73 57.46
CA ALA C 198 15.40 -0.10 58.41
C ALA C 198 16.03 1.17 58.96
N PRO C 199 15.53 2.37 58.60
CA PRO C 199 16.17 3.61 59.02
C PRO C 199 16.15 3.77 60.54
N GLU C 200 17.27 4.21 61.11
CA GLU C 200 17.51 4.36 62.56
C GLU C 200 18.04 5.77 62.83
N LEU C 201 17.36 6.54 63.68
CA LEU C 201 17.88 7.83 64.21
C LEU C 201 18.35 7.59 65.65
N SER C 202 19.64 7.79 65.89
CA SER C 202 20.28 7.66 67.23
C SER C 202 21.26 8.83 67.45
N TYR C 203 21.32 9.32 68.68
CA TYR C 203 22.17 10.48 69.07
C TYR C 203 22.44 10.46 70.57
N ARG C 204 23.41 11.25 71.01
CA ARG C 204 23.71 11.50 72.43
C ARG C 204 23.65 13.01 72.69
N VAL C 205 22.82 13.41 73.64
CA VAL C 205 22.72 14.80 74.18
C VAL C 205 23.45 14.82 75.53
N CYS C 206 24.48 15.66 75.68
CA CYS C 206 25.20 15.85 76.95
C CYS C 206 24.99 17.28 77.48
N VAL C 207 25.03 17.41 78.80
CA VAL C 207 24.77 18.67 79.55
C VAL C 207 25.92 18.87 80.54
N GLY C 208 26.61 20.01 80.45
CA GLY C 208 27.72 20.38 81.34
C GLY C 208 27.44 21.65 82.10
N SER C 209 28.44 22.17 82.81
CA SER C 209 28.34 23.38 83.68
C SER C 209 28.37 24.65 82.83
N ASP C 210 29.17 24.68 81.76
CA ASP C 210 29.29 25.86 80.84
C ASP C 210 29.67 25.39 79.43
N VAL C 211 29.47 26.27 78.45
CA VAL C 211 29.63 25.99 76.98
C VAL C 211 31.03 25.44 76.69
N THR C 212 32.07 25.92 77.38
CA THR C 212 33.48 25.54 77.08
C THR C 212 33.76 24.14 77.62
N SER C 213 33.39 23.84 78.87
CA SER C 213 33.64 22.52 79.48
C SER C 213 32.88 21.45 78.68
N ILE C 214 31.62 21.69 78.35
CA ILE C 214 30.78 20.68 77.64
C ILE C 214 31.33 20.48 76.23
N HIS C 215 31.79 21.55 75.58
CA HIS C 215 32.43 21.47 74.25
C HIS C 215 33.69 20.59 74.32
N LYS C 216 34.54 20.83 75.30
CA LYS C 216 35.82 20.10 75.48
C LYS C 216 35.54 18.62 75.73
N TYR C 217 34.50 18.29 76.51
CA TYR C 217 34.07 16.89 76.78
C TYR C 217 33.71 16.22 75.45
N MET C 218 32.88 16.88 74.62
CA MET C 218 32.36 16.33 73.35
C MET C 218 33.51 16.12 72.36
N VAL C 219 34.39 17.10 72.19
CA VAL C 219 35.54 17.06 71.21
C VAL C 219 36.46 15.90 71.62
N ARG C 220 36.74 15.76 72.92
CA ARG C 220 37.68 14.71 73.44
C ARG C 220 37.03 13.33 73.24
N ARG C 221 35.69 13.28 73.29
CA ARG C 221 34.93 12.02 73.12
C ARG C 221 34.95 11.54 71.66
N TYR C 222 34.77 12.43 70.68
CA TYR C 222 34.37 12.06 69.30
C TYR C 222 35.43 12.37 68.24
N PHE C 223 36.29 13.37 68.46
CA PHE C 223 37.25 13.86 67.43
C PHE C 223 38.68 13.52 67.83
N ASN C 224 39.46 12.95 66.90
CA ASN C 224 40.90 12.71 67.08
C ASN C 224 41.64 14.04 66.86
N LYS C 225 42.65 14.31 67.67
CA LYS C 225 43.57 15.45 67.49
C LYS C 225 44.67 15.04 66.52
N PRO C 226 45.20 15.95 65.69
CA PRO C 226 46.39 15.66 64.89
C PRO C 226 47.63 15.56 65.77
N SER C 227 48.56 14.68 65.40
CA SER C 227 49.77 14.32 66.16
C SER C 227 51.00 15.08 65.64
N ARG C 228 50.88 15.71 64.46
CA ARG C 228 51.99 16.43 63.77
C ARG C 228 51.62 17.91 63.61
N VAL C 229 52.58 18.73 63.14
CA VAL C 229 52.39 20.20 62.91
C VAL C 229 52.97 20.55 61.54
N PRO C 230 52.21 21.28 60.69
CA PRO C 230 52.73 21.77 59.41
C PRO C 230 54.02 22.59 59.58
N ALA C 231 54.75 22.79 58.46
CA ALA C 231 56.02 23.55 58.43
C ALA C 231 55.85 24.87 59.18
N PRO C 232 56.78 25.25 60.08
CA PRO C 232 56.67 26.52 60.81
C PRO C 232 56.43 27.74 59.90
N GLU C 233 57.09 27.78 58.74
CA GLU C 233 57.07 28.96 57.83
C GLU C 233 55.63 29.21 57.36
N ALA C 234 54.79 28.17 57.28
CA ALA C 234 53.38 28.27 56.82
C ALA C 234 52.53 29.03 57.85
N PHE C 235 53.01 29.14 59.09
CA PHE C 235 52.34 29.89 60.19
C PHE C 235 52.82 31.35 60.22
N ARG C 236 53.78 31.72 59.38
CA ARG C 236 54.43 33.07 59.43
C ARG C 236 54.39 33.72 58.05
N ASP C 237 55.11 33.15 57.09
CA ASP C 237 55.32 33.77 55.76
C ASP C 237 54.07 33.54 54.91
N PRO C 238 53.69 34.50 54.05
CA PRO C 238 52.52 34.36 53.20
C PRO C 238 52.72 33.23 52.18
N ILE C 239 51.64 32.55 51.83
CA ILE C 239 51.54 31.61 50.68
C ILE C 239 51.13 32.44 49.46
N TRP C 240 51.68 32.13 48.29
CA TRP C 240 51.38 32.86 47.02
C TRP C 240 50.76 31.88 46.03
N SER C 241 49.54 32.17 45.57
CA SER C 241 48.77 31.27 44.68
C SER C 241 48.53 31.95 43.33
N THR C 242 48.64 31.19 42.24
CA THR C 242 48.44 31.69 40.85
C THR C 242 46.95 31.80 40.52
N TRP C 243 46.05 31.19 41.30
CA TRP C 243 44.65 30.91 40.87
C TRP C 243 43.90 32.20 40.59
N ALA C 244 43.68 33.05 41.59
CA ALA C 244 42.89 34.29 41.46
C ALA C 244 43.59 35.28 40.52
N LEU C 245 44.93 35.31 40.53
CA LEU C 245 45.73 36.29 39.75
C LEU C 245 45.60 35.98 38.26
N TYR C 246 45.90 34.74 37.84
CA TYR C 246 46.04 34.36 36.41
C TYR C 246 44.93 33.40 35.96
N GLY C 247 44.31 32.65 36.89
CA GLY C 247 43.33 31.60 36.55
C GLY C 247 43.94 30.50 35.70
N ARG C 248 43.15 29.92 34.80
CA ARG C 248 43.51 28.72 33.99
C ARG C 248 44.73 29.06 33.12
N ALA C 249 44.80 30.30 32.64
CA ALA C 249 45.79 30.77 31.63
C ALA C 249 47.21 30.83 32.20
N VAL C 250 47.41 30.51 33.48
CA VAL C 250 48.77 30.45 34.11
C VAL C 250 49.73 29.72 33.16
N ASP C 251 50.98 30.17 33.08
CA ASP C 251 52.04 29.54 32.24
C ASP C 251 53.40 29.78 32.90
N GLN C 252 54.47 29.26 32.31
CA GLN C 252 55.86 29.28 32.84
C GLN C 252 56.32 30.72 33.03
N ASP C 253 56.00 31.61 32.09
CA ASP C 253 56.39 33.04 32.14
C ASP C 253 55.72 33.70 33.36
N LYS C 254 54.41 33.48 33.53
CA LYS C 254 53.57 34.14 34.56
C LYS C 254 54.01 33.70 35.96
N VAL C 255 54.34 32.43 36.16
CA VAL C 255 54.84 31.89 37.46
C VAL C 255 56.15 32.60 37.82
N LEU C 256 57.07 32.74 36.86
CA LEU C 256 58.41 33.35 37.06
C LEU C 256 58.29 34.87 37.27
N ARG C 257 57.43 35.54 36.50
CA ARG C 257 57.12 36.98 36.67
C ARG C 257 56.59 37.21 38.10
N PHE C 258 55.69 36.34 38.55
CA PHE C 258 55.05 36.39 39.89
C PHE C 258 56.15 36.28 40.97
N ALA C 259 56.97 35.23 40.91
CA ALA C 259 58.10 34.97 41.84
C ALA C 259 59.04 36.17 41.88
N GLN C 260 59.36 36.74 40.71
CA GLN C 260 60.22 37.95 40.59
C GLN C 260 59.56 39.11 41.34
N GLN C 261 58.26 39.36 41.10
CA GLN C 261 57.51 40.54 41.64
C GLN C 261 57.35 40.40 43.16
N ILE C 262 57.22 39.17 43.67
CA ILE C 262 57.15 38.84 45.13
C ILE C 262 58.45 39.28 45.82
N ARG C 263 59.60 38.96 45.22
CA ARG C 263 60.94 39.33 45.75
C ARG C 263 61.21 40.82 45.55
N LEU C 264 60.83 41.39 44.40
CA LEU C 264 61.02 42.84 44.07
C LEU C 264 60.37 43.70 45.15
N HIS C 265 59.20 43.26 45.66
CA HIS C 265 58.38 44.01 46.66
C HIS C 265 58.71 43.56 48.09
N HIS C 266 59.77 42.77 48.28
CA HIS C 266 60.38 42.42 49.60
C HIS C 266 59.40 41.66 50.47
N PHE C 267 58.82 40.57 49.96
CA PHE C 267 57.96 39.63 50.75
C PHE C 267 58.67 38.28 50.88
N ASN C 268 58.56 37.66 52.06
CA ASN C 268 58.87 36.22 52.25
C ASN C 268 57.78 35.38 51.59
N SER C 269 58.03 34.08 51.44
CA SER C 269 57.05 33.07 51.00
C SER C 269 57.19 31.81 51.84
N SER C 270 56.07 31.25 52.33
CA SER C 270 56.01 29.84 52.80
C SER C 270 56.35 28.98 51.59
N HIS C 271 55.63 29.22 50.50
CA HIS C 271 55.75 28.51 49.20
C HIS C 271 54.92 29.21 48.12
N LEU C 272 55.19 28.87 46.87
CA LEU C 272 54.41 29.30 45.68
C LEU C 272 53.57 28.10 45.24
N GLU C 273 52.27 28.30 45.04
CA GLU C 273 51.30 27.25 44.69
C GLU C 273 50.86 27.48 43.24
N ILE C 274 51.31 26.61 42.33
CA ILE C 274 50.92 26.64 40.89
C ILE C 274 49.58 25.91 40.77
N ASP C 275 48.54 26.63 40.38
CA ASP C 275 47.13 26.15 40.39
C ASP C 275 46.69 25.72 38.98
N ASP C 276 45.43 25.31 38.85
CA ASP C 276 44.69 25.04 37.59
C ASP C 276 45.04 26.15 36.59
N MET C 277 45.52 25.86 35.37
CA MET C 277 45.77 24.54 34.80
C MET C 277 47.22 24.50 34.27
N TYR C 278 48.01 23.50 34.67
CA TYR C 278 49.42 23.32 34.22
C TYR C 278 49.59 22.00 33.46
N THR C 279 48.54 21.19 33.31
CA THR C 279 48.58 19.87 32.61
C THR C 279 47.85 19.96 31.27
N PRO C 280 48.20 19.13 30.26
CA PRO C 280 47.55 19.18 28.94
C PRO C 280 46.04 18.95 29.03
N ALA C 281 45.61 17.98 29.85
CA ALA C 281 44.19 17.70 30.15
C ALA C 281 44.06 17.31 31.62
N TYR C 282 42.84 17.41 32.16
CA TYR C 282 42.52 17.09 33.57
C TYR C 282 42.53 15.57 33.71
N GLY C 283 43.47 15.06 34.53
CA GLY C 283 43.74 13.62 34.68
C GLY C 283 45.19 13.29 34.35
N ASP C 284 45.84 14.09 33.48
CA ASP C 284 47.30 14.00 33.23
C ASP C 284 48.01 14.66 34.43
N PHE C 285 49.22 14.20 34.75
CA PHE C 285 49.97 14.63 35.96
C PHE C 285 51.19 15.47 35.58
N ASP C 286 51.67 15.41 34.34
CA ASP C 286 52.89 16.13 33.89
C ASP C 286 52.50 17.45 33.21
N PHE C 287 53.45 18.38 33.14
CA PHE C 287 53.28 19.77 32.66
C PHE C 287 52.96 19.79 31.16
N ASP C 288 52.03 20.67 30.77
CA ASP C 288 51.72 21.03 29.36
C ASP C 288 52.93 21.80 28.81
N GLU C 289 53.65 21.20 27.86
CA GLU C 289 54.93 21.75 27.29
C GLU C 289 54.65 23.01 26.46
N VAL C 290 53.42 23.23 26.01
CA VAL C 290 53.02 24.47 25.27
C VAL C 290 53.14 25.66 26.22
N LYS C 291 52.56 25.55 27.43
CA LYS C 291 52.51 26.64 28.43
C LYS C 291 53.75 26.58 29.35
N PHE C 292 54.43 25.43 29.42
CA PHE C 292 55.63 25.22 30.29
C PHE C 292 56.74 24.57 29.45
N PRO C 293 57.38 25.33 28.53
CA PRO C 293 58.40 24.79 27.64
C PRO C 293 59.53 23.99 28.29
N ASN C 294 59.94 24.36 29.51
CA ASN C 294 61.03 23.70 30.27
C ASN C 294 60.73 23.84 31.77
N ALA C 295 59.84 22.98 32.28
CA ALA C 295 59.40 22.95 33.70
C ALA C 295 60.61 22.84 34.64
N SER C 296 61.56 21.96 34.33
CA SER C 296 62.79 21.72 35.13
C SER C 296 63.52 23.04 35.38
N ASP C 297 63.68 23.85 34.33
CA ASP C 297 64.36 25.18 34.39
C ASP C 297 63.52 26.14 35.25
N MET C 298 62.19 26.10 35.10
CA MET C 298 61.26 26.95 35.89
C MET C 298 61.50 26.66 37.38
N PHE C 299 61.54 25.38 37.76
CA PHE C 299 61.68 24.94 39.17
C PHE C 299 63.08 25.30 39.69
N ARG C 300 64.10 25.18 38.84
CA ARG C 300 65.50 25.60 39.18
C ARG C 300 65.50 27.09 39.56
N ARG C 301 64.90 27.94 38.72
CA ARG C 301 64.86 29.41 38.92
C ARG C 301 64.13 29.73 40.23
N LEU C 302 63.01 29.04 40.49
CA LEU C 302 62.20 29.23 41.73
C LEU C 302 63.04 28.83 42.95
N ARG C 303 63.79 27.72 42.86
CA ARG C 303 64.72 27.26 43.93
C ARG C 303 65.80 28.34 44.17
N ASP C 304 66.40 28.87 43.10
CA ASP C 304 67.45 29.92 43.18
C ASP C 304 66.91 31.15 43.95
N ALA C 305 65.62 31.46 43.81
CA ALA C 305 64.96 32.60 44.48
C ALA C 305 64.34 32.18 45.82
N GLY C 306 64.68 30.99 46.33
CA GLY C 306 64.31 30.51 47.69
C GLY C 306 62.83 30.19 47.83
N PHE C 307 62.16 29.82 46.74
CA PHE C 307 60.74 29.40 46.72
C PHE C 307 60.64 27.88 46.86
N ARG C 308 59.94 27.43 47.91
CA ARG C 308 59.32 26.08 47.98
C ARG C 308 58.07 26.14 47.09
N VAL C 309 57.69 25.02 46.47
CA VAL C 309 56.58 25.01 45.47
C VAL C 309 55.64 23.84 45.76
N THR C 310 54.34 24.09 45.67
CA THR C 310 53.26 23.07 45.73
C THR C 310 52.47 23.13 44.42
N LEU C 311 51.76 22.04 44.11
CA LEU C 311 51.00 21.88 42.84
C LEU C 311 49.55 21.52 43.15
N TRP C 312 48.63 22.16 42.44
CA TRP C 312 47.17 21.88 42.47
C TRP C 312 46.90 20.51 41.85
N VAL C 313 46.21 19.65 42.60
CA VAL C 313 45.74 18.30 42.18
C VAL C 313 44.26 18.15 42.56
N HIS C 314 43.63 17.10 42.03
CA HIS C 314 42.19 16.82 42.10
C HIS C 314 41.96 15.31 41.90
N PRO C 315 40.76 14.79 42.26
CA PRO C 315 40.51 13.35 42.18
C PRO C 315 39.91 12.87 40.85
N PHE C 316 39.91 13.70 39.80
CA PHE C 316 39.19 13.44 38.53
C PHE C 316 40.18 13.02 37.42
N VAL C 317 39.64 12.32 36.43
CA VAL C 317 40.30 12.02 35.14
C VAL C 317 39.25 12.18 34.04
N ASN C 318 39.33 13.27 33.28
CA ASN C 318 38.37 13.62 32.21
C ASN C 318 38.51 12.58 31.09
N TYR C 319 37.50 12.46 30.23
CA TYR C 319 37.43 11.38 29.20
C TYR C 319 38.51 11.59 28.14
N ASN C 320 39.00 12.82 27.96
CA ASN C 320 40.07 13.16 26.97
C ASN C 320 41.44 13.32 27.64
N SER C 321 41.60 12.86 28.88
CA SER C 321 42.94 12.66 29.50
C SER C 321 43.58 11.42 28.90
N SER C 322 44.89 11.48 28.66
CA SER C 322 45.73 10.33 28.20
C SER C 322 45.76 9.23 29.28
N ARG C 323 45.19 9.47 30.46
CA ARG C 323 45.21 8.52 31.61
C ARG C 323 43.80 7.93 31.84
N PHE C 324 42.79 8.34 31.07
CA PHE C 324 41.39 7.86 31.22
C PHE C 324 41.31 6.36 30.92
N GLY C 325 41.81 5.95 29.75
CA GLY C 325 41.85 4.55 29.32
C GLY C 325 42.52 3.66 30.36
N GLU C 326 43.67 4.11 30.86
CA GLU C 326 44.45 3.40 31.92
C GLU C 326 43.57 3.22 33.16
N GLY C 327 42.85 4.27 33.58
CA GLY C 327 41.92 4.24 34.73
C GLY C 327 40.80 3.23 34.52
N VAL C 328 40.16 3.22 33.35
CA VAL C 328 39.03 2.30 33.00
C VAL C 328 39.52 0.85 33.09
N GLU C 329 40.60 0.51 32.41
CA GLU C 329 41.10 -0.88 32.26
C GLU C 329 41.65 -1.38 33.60
N ARG C 330 42.21 -0.50 34.42
CA ARG C 330 42.80 -0.86 35.74
C ARG C 330 41.72 -0.82 36.83
N GLU C 331 40.52 -0.28 36.53
CA GLU C 331 39.32 -0.25 37.41
C GLU C 331 39.60 0.61 38.65
N LEU C 332 40.19 1.80 38.44
CA LEU C 332 40.62 2.72 39.53
C LEU C 332 39.50 3.70 39.90
N PHE C 333 38.38 3.69 39.18
CA PHE C 333 37.34 4.74 39.25
C PHE C 333 36.16 4.27 40.10
N VAL C 334 35.45 5.22 40.70
CA VAL C 334 34.13 4.98 41.36
C VAL C 334 33.22 4.42 40.27
N ARG C 335 32.43 3.39 40.60
CA ARG C 335 31.65 2.61 39.61
C ARG C 335 30.16 2.96 39.75
N GLU C 336 29.38 2.66 38.71
CA GLU C 336 27.89 2.65 38.78
C GLU C 336 27.47 1.54 39.75
N PRO C 337 26.21 1.52 40.25
CA PRO C 337 25.81 0.61 41.33
C PRO C 337 26.11 -0.89 41.17
N THR C 338 26.06 -1.44 39.95
CA THR C 338 26.27 -2.89 39.70
C THR C 338 27.73 -3.27 39.94
N GLY C 339 28.65 -2.29 40.02
CA GLY C 339 30.06 -2.48 40.40
C GLY C 339 30.94 -2.96 39.25
N ARG C 340 30.49 -2.82 37.99
CA ARG C 340 31.18 -3.40 36.81
C ARG C 340 31.94 -2.33 36.02
N LEU C 341 31.37 -1.12 35.87
CA LEU C 341 31.89 -0.04 34.99
C LEU C 341 32.11 1.25 35.75
N PRO C 342 33.06 2.10 35.32
CA PRO C 342 33.16 3.47 35.81
C PRO C 342 31.84 4.24 35.66
N ALA C 343 31.54 5.09 36.64
CA ALA C 343 30.45 6.09 36.58
C ALA C 343 31.06 7.43 36.15
N LEU C 344 30.51 8.05 35.12
CA LEU C 344 30.92 9.41 34.69
C LEU C 344 30.44 10.44 35.73
N VAL C 345 31.19 11.53 35.89
CA VAL C 345 30.85 12.64 36.82
C VAL C 345 31.10 13.97 36.10
N ARG C 346 30.36 15.00 36.49
CA ARG C 346 30.60 16.39 36.04
C ARG C 346 31.16 17.18 37.23
N TRP C 347 32.28 17.87 37.01
CA TRP C 347 32.83 18.92 37.90
C TRP C 347 33.04 20.18 37.07
N TRP C 348 33.52 21.26 37.70
CA TRP C 348 33.60 22.61 37.08
C TRP C 348 34.60 22.58 35.91
N ASN C 349 35.47 21.57 35.81
CA ASN C 349 36.50 21.45 34.74
C ASN C 349 36.15 20.36 33.73
N GLY C 350 34.95 19.77 33.77
CA GLY C 350 34.39 18.97 32.66
C GLY C 350 33.78 17.65 33.09
N ILE C 351 33.81 16.67 32.18
CA ILE C 351 33.18 15.33 32.35
C ILE C 351 34.28 14.26 32.33
N GLY C 352 34.23 13.34 33.30
CA GLY C 352 35.12 12.17 33.36
C GLY C 352 34.73 11.24 34.50
N ALA C 353 35.70 10.45 34.98
CA ALA C 353 35.53 9.58 36.15
C ALA C 353 36.22 10.23 37.34
N VAL C 354 35.97 9.71 38.55
CA VAL C 354 36.61 10.16 39.80
C VAL C 354 37.28 8.92 40.43
N LEU C 355 38.50 9.09 40.97
CA LEU C 355 39.31 7.97 41.49
C LEU C 355 38.65 7.42 42.75
N ASP C 356 38.69 6.09 42.94
CA ASP C 356 38.12 5.38 44.10
C ASP C 356 39.20 5.26 45.18
N PHE C 357 39.18 6.13 46.19
CA PHE C 357 40.21 6.19 47.25
C PHE C 357 39.93 5.12 48.32
N THR C 358 38.93 4.26 48.14
CA THR C 358 38.76 3.00 48.93
C THR C 358 39.56 1.86 48.30
N HIS C 359 40.02 2.03 47.06
CA HIS C 359 40.75 0.99 46.27
C HIS C 359 42.25 1.19 46.39
N PRO C 360 42.97 0.25 47.05
CA PRO C 360 44.44 0.31 47.15
C PRO C 360 45.19 0.60 45.84
N LYS C 361 44.75 0.00 44.73
CA LYS C 361 45.38 0.18 43.39
C LYS C 361 45.25 1.65 42.98
N ALA C 362 44.08 2.27 43.21
CA ALA C 362 43.80 3.68 42.85
C ALA C 362 44.61 4.62 43.76
N ARG C 363 44.77 4.26 45.04
CA ARG C 363 45.54 5.03 46.04
C ARG C 363 47.03 5.02 45.64
N ASP C 364 47.61 3.83 45.40
CA ASP C 364 49.03 3.67 45.00
C ASP C 364 49.26 4.42 43.68
N TRP C 365 48.31 4.33 42.76
CA TRP C 365 48.39 4.95 41.40
C TRP C 365 48.49 6.47 41.53
N PHE C 366 47.58 7.07 42.29
CA PHE C 366 47.55 8.53 42.62
C PHE C 366 48.86 8.91 43.32
N GLN C 367 49.20 8.17 44.38
CA GLN C 367 50.42 8.43 45.21
C GLN C 367 51.66 8.35 44.31
N GLY C 368 51.71 7.35 43.42
CA GLY C 368 52.82 7.17 42.46
C GLY C 368 53.09 8.44 41.67
N HIS C 369 52.05 9.07 41.14
CA HIS C 369 52.15 10.30 40.31
C HIS C 369 52.61 11.48 41.17
N LEU C 370 52.14 11.58 42.41
CA LEU C 370 52.56 12.64 43.37
C LEU C 370 54.06 12.48 43.66
N ARG C 371 54.51 11.25 43.94
CA ARG C 371 55.93 10.94 44.24
C ARG C 371 56.81 11.30 43.03
N ARG C 372 56.34 11.03 41.81
CA ARG C 372 57.11 11.32 40.56
C ARG C 372 57.29 12.83 40.42
N LEU C 373 56.23 13.62 40.64
CA LEU C 373 56.29 15.11 40.59
C LEU C 373 57.29 15.61 41.63
N ARG C 374 57.33 14.96 42.79
CA ARG C 374 58.25 15.30 43.91
C ARG C 374 59.70 15.06 43.49
N SER C 375 60.06 13.84 43.07
CA SER C 375 61.44 13.46 42.70
C SER C 375 61.89 14.22 41.44
N ARG C 376 60.99 14.41 40.47
CA ARG C 376 61.32 15.06 39.17
C ARG C 376 61.60 16.55 39.37
N TYR C 377 60.75 17.26 40.12
CA TYR C 377 60.72 18.75 40.17
C TYR C 377 61.00 19.31 41.57
N SER C 378 61.23 18.46 42.58
CA SER C 378 61.48 18.84 44.00
C SER C 378 60.32 19.68 44.54
N VAL C 379 59.10 19.37 44.10
CA VAL C 379 57.83 19.92 44.64
C VAL C 379 57.75 19.48 46.11
N ALA C 380 57.33 20.37 47.01
CA ALA C 380 57.29 20.11 48.47
C ALA C 380 56.05 19.28 48.81
N SER C 381 54.89 19.68 48.30
CA SER C 381 53.57 19.11 48.65
C SER C 381 52.52 19.49 47.59
N PHE C 382 51.23 19.31 47.87
CA PHE C 382 50.14 19.52 46.89
C PHE C 382 48.92 20.17 47.56
N LYS C 383 48.20 20.97 46.77
CA LYS C 383 46.85 21.47 47.12
C LYS C 383 45.86 20.47 46.53
N PHE C 384 45.16 19.74 47.42
CA PHE C 384 44.15 18.72 47.07
C PHE C 384 42.79 19.40 46.95
N ASP C 385 42.39 19.74 45.71
CA ASP C 385 41.14 20.47 45.44
C ASP C 385 39.99 19.47 45.30
N ALA C 386 38.75 19.96 45.30
CA ALA C 386 37.51 19.17 45.34
C ALA C 386 37.55 18.24 46.56
N GLY C 387 36.96 17.05 46.46
CA GLY C 387 36.93 16.05 47.55
C GLY C 387 35.54 15.87 48.13
N GLU C 388 34.57 16.66 47.67
CA GLU C 388 33.15 16.58 48.10
C GLU C 388 32.48 15.43 47.34
N VAL C 389 31.54 14.74 48.00
CA VAL C 389 30.80 13.58 47.39
C VAL C 389 29.66 14.12 46.53
N SER C 390 29.36 15.41 46.59
CA SER C 390 28.44 16.07 45.64
C SER C 390 28.96 15.89 44.21
N TYR C 391 30.25 15.57 44.02
CA TYR C 391 30.86 15.29 42.70
C TYR C 391 30.88 13.79 42.38
N LEU C 392 30.52 12.92 43.32
CA LEU C 392 30.27 11.48 43.00
C LEU C 392 28.83 11.36 42.53
N PRO C 393 28.45 10.26 41.84
CA PRO C 393 27.07 10.04 41.43
C PRO C 393 26.14 9.88 42.65
N ARG C 394 24.84 10.17 42.51
CA ARG C 394 23.83 9.94 43.58
C ARG C 394 23.99 8.49 44.09
N ASP C 395 23.89 7.52 43.17
CA ASP C 395 24.06 6.06 43.46
C ASP C 395 25.37 5.57 42.81
N PHE C 396 26.28 5.03 43.62
CA PHE C 396 27.61 4.54 43.18
C PHE C 396 28.02 3.31 43.98
N SER C 397 29.09 2.65 43.52
CA SER C 397 29.77 1.55 44.23
C SER C 397 31.28 1.81 44.23
N THR C 398 31.98 1.29 45.24
CA THR C 398 33.44 1.43 45.43
C THR C 398 34.01 0.06 45.86
N TYR C 399 35.32 -0.12 45.71
CA TYR C 399 36.06 -1.36 46.04
C TYR C 399 35.66 -1.85 47.44
N ARG C 400 35.59 -0.95 48.43
CA ARG C 400 35.02 -1.21 49.77
C ARG C 400 33.71 -0.44 49.90
N PRO C 401 32.59 -1.09 50.32
CA PRO C 401 31.30 -0.41 50.40
C PRO C 401 31.33 0.77 51.38
N LEU C 402 30.67 1.87 51.02
CA LEU C 402 30.59 3.11 51.82
C LEU C 402 29.12 3.40 52.13
N PRO C 403 28.57 2.78 53.21
CA PRO C 403 27.21 3.10 53.64
C PRO C 403 27.06 4.62 53.83
N ASP C 404 28.08 5.24 54.44
CA ASP C 404 28.26 6.71 54.58
C ASP C 404 29.13 7.20 53.42
N PRO C 405 28.57 7.94 52.43
CA PRO C 405 29.35 8.34 51.26
C PRO C 405 30.54 9.27 51.60
N SER C 406 30.40 10.09 52.65
CA SER C 406 31.39 11.16 53.00
C SER C 406 32.72 10.53 53.45
N VAL C 407 32.73 9.26 53.82
CA VAL C 407 34.00 8.53 54.17
C VAL C 407 34.91 8.57 52.94
N TRP C 408 34.35 8.68 51.72
CA TRP C 408 35.13 8.86 50.48
C TRP C 408 35.97 10.15 50.62
N SER C 409 35.35 11.26 51.00
CA SER C 409 36.04 12.56 51.30
C SER C 409 37.21 12.32 52.26
N ARG C 410 36.97 11.60 53.37
CA ARG C 410 38.03 11.17 54.33
C ARG C 410 39.15 10.44 53.57
N ARG C 411 38.82 9.48 52.70
CA ARG C 411 39.83 8.62 52.03
C ARG C 411 40.67 9.49 51.09
N TYR C 412 40.07 10.50 50.45
CA TYR C 412 40.79 11.48 49.61
C TYR C 412 41.76 12.28 50.49
N THR C 413 41.33 12.73 51.67
CA THR C 413 42.17 13.59 52.57
C THR C 413 43.40 12.77 53.03
N GLU C 414 43.32 11.44 53.06
CA GLU C 414 44.43 10.55 53.44
C GLU C 414 45.59 10.70 52.46
N MET C 415 45.33 11.08 51.21
CA MET C 415 46.37 11.25 50.16
C MET C 415 47.33 12.40 50.53
N ALA C 416 46.94 13.28 51.46
CA ALA C 416 47.78 14.40 51.95
C ALA C 416 48.79 13.88 52.99
N LEU C 417 48.51 12.76 53.65
CA LEU C 417 49.30 12.27 54.82
C LEU C 417 50.79 12.22 54.50
N PRO C 418 51.23 11.63 53.36
CA PRO C 418 52.65 11.53 53.05
C PRO C 418 53.32 12.88 52.73
N PHE C 419 52.55 13.92 52.45
CA PHE C 419 53.05 15.28 52.09
C PHE C 419 52.45 16.34 53.02
N PHE C 420 52.09 15.95 54.24
CA PHE C 420 51.21 16.75 55.15
C PHE C 420 51.82 18.13 55.45
N SER C 421 53.14 18.25 55.46
CA SER C 421 53.88 19.41 56.02
C SER C 421 53.51 20.73 55.34
N LEU C 422 53.27 20.73 54.02
CA LEU C 422 52.81 21.92 53.26
C LEU C 422 51.56 21.59 52.41
N ALA C 423 50.85 20.51 52.74
CA ALA C 423 49.60 20.11 52.06
C ALA C 423 48.45 21.00 52.56
N GLU C 424 47.45 21.22 51.70
CA GLU C 424 46.10 21.68 52.11
C GLU C 424 45.03 20.81 51.43
N VAL C 425 43.89 20.68 52.11
CA VAL C 425 42.64 20.04 51.60
C VAL C 425 41.50 21.01 51.89
N ARG C 426 40.36 20.87 51.22
CA ARG C 426 39.17 21.75 51.46
C ARG C 426 37.97 20.93 51.91
N VAL C 427 38.18 19.65 52.26
CA VAL C 427 37.14 18.75 52.85
C VAL C 427 37.70 18.11 54.11
N GLY C 428 36.81 17.78 55.04
CA GLY C 428 37.15 17.08 56.29
C GLY C 428 35.95 16.32 56.80
N TYR C 429 36.07 14.99 56.85
CA TYR C 429 35.04 14.08 57.42
C TYR C 429 35.77 13.11 58.34
N GLN C 430 35.79 13.43 59.64
CA GLN C 430 36.63 12.71 60.63
C GLN C 430 38.06 12.68 60.09
N SER C 431 38.53 13.81 59.54
CA SER C 431 39.90 14.00 58.97
C SER C 431 40.81 14.74 59.97
N GLN C 432 40.35 14.99 61.19
CA GLN C 432 41.04 15.87 62.19
C GLN C 432 42.46 15.36 62.48
N ASN C 433 42.71 14.05 62.44
CA ASN C 433 44.05 13.50 62.80
C ASN C 433 45.02 13.61 61.61
N ILE C 434 44.59 14.16 60.49
CA ILE C 434 45.49 14.45 59.33
C ILE C 434 46.08 15.85 59.54
N SER C 435 47.38 15.94 59.80
CA SER C 435 48.05 17.14 60.36
C SER C 435 48.41 18.14 59.26
N CYS C 436 47.55 18.32 58.25
CA CYS C 436 47.76 19.34 57.19
C CYS C 436 46.83 20.52 57.43
N PHE C 437 46.91 21.56 56.58
CA PHE C 437 46.02 22.74 56.63
C PHE C 437 44.69 22.39 55.97
N PHE C 438 43.61 22.97 56.50
CA PHE C 438 42.23 22.84 55.99
C PHE C 438 41.80 24.21 55.48
N ARG C 439 41.48 24.29 54.19
CA ARG C 439 41.12 25.55 53.49
C ARG C 439 39.61 25.72 53.49
N LEU C 440 39.13 26.91 53.86
CA LEU C 440 37.71 27.28 53.69
C LEU C 440 37.40 27.21 52.19
N VAL C 441 36.19 26.78 51.84
CA VAL C 441 35.76 26.70 50.41
C VAL C 441 35.84 28.12 49.82
N ASP C 442 36.21 28.19 48.53
CA ASP C 442 36.57 29.41 47.75
C ASP C 442 35.69 30.61 48.16
N ARG C 443 36.31 31.65 48.73
CA ARG C 443 35.62 32.90 49.18
C ARG C 443 35.41 33.83 47.97
N ASP C 444 34.35 34.63 48.01
CA ASP C 444 34.05 35.66 46.97
C ASP C 444 34.53 37.04 47.46
N SER C 445 34.94 37.88 46.51
CA SER C 445 35.40 39.27 46.71
C SER C 445 34.19 40.18 46.99
N VAL C 446 33.40 39.83 48.02
CA VAL C 446 32.25 40.62 48.54
C VAL C 446 32.44 40.78 50.05
N TRP C 447 31.62 41.64 50.68
CA TRP C 447 31.76 42.05 52.10
C TRP C 447 31.02 41.08 53.03
N GLY C 448 30.02 40.36 52.52
CA GLY C 448 28.95 39.78 53.34
C GLY C 448 29.29 38.42 53.93
N TYR C 449 28.29 37.78 54.54
CA TYR C 449 28.38 36.44 55.19
C TYR C 449 28.31 35.34 54.12
N ASP C 450 27.88 35.67 52.90
CA ASP C 450 27.82 34.74 51.74
C ASP C 450 29.21 34.63 51.10
N LEU C 451 30.13 33.91 51.76
CA LEU C 451 31.51 33.61 51.29
C LEU C 451 32.36 34.88 51.23
N GLY C 452 31.89 35.97 51.84
CA GLY C 452 32.57 37.27 51.84
C GLY C 452 33.42 37.48 53.08
N LEU C 453 33.86 38.72 53.29
CA LEU C 453 34.75 39.12 54.42
C LEU C 453 34.08 38.76 55.76
N ARG C 454 32.78 39.03 55.92
CA ARG C 454 32.07 38.81 57.20
C ARG C 454 31.84 37.31 57.44
N SER C 455 32.01 36.46 56.42
CA SER C 455 31.96 34.99 56.54
C SER C 455 33.23 34.43 57.21
N LEU C 456 34.35 35.14 57.12
CA LEU C 456 35.68 34.57 57.50
C LEU C 456 35.66 34.11 58.95
N ILE C 457 35.19 34.93 59.89
CA ILE C 457 35.33 34.62 61.34
C ILE C 457 34.33 33.51 61.72
N PRO C 458 33.04 33.59 61.34
CA PRO C 458 32.13 32.46 61.51
C PRO C 458 32.66 31.11 60.98
N ALA C 459 33.22 31.10 59.77
CA ALA C 459 33.71 29.88 59.11
C ALA C 459 34.92 29.33 59.88
N VAL C 460 35.91 30.18 60.15
CA VAL C 460 37.16 29.76 60.87
C VAL C 460 36.77 29.19 62.24
N LEU C 461 35.85 29.84 62.96
CA LEU C 461 35.40 29.39 64.31
C LEU C 461 34.68 28.04 64.21
N THR C 462 33.75 27.92 63.25
CA THR C 462 33.00 26.68 62.94
C THR C 462 34.00 25.54 62.75
N VAL C 463 34.97 25.73 61.86
CA VAL C 463 35.99 24.70 61.54
C VAL C 463 36.83 24.42 62.80
N SER C 464 37.14 25.44 63.61
CA SER C 464 37.85 25.27 64.90
C SER C 464 37.02 24.40 65.86
N MET C 465 35.70 24.61 65.94
CA MET C 465 34.77 23.81 66.79
C MET C 465 34.86 22.34 66.43
N LEU C 466 35.09 22.02 65.15
CA LEU C 466 35.09 20.62 64.64
C LEU C 466 36.47 20.00 64.86
N GLY C 467 37.38 20.70 65.54
CA GLY C 467 38.69 20.16 65.98
C GLY C 467 39.75 20.10 64.89
N TYR C 468 39.64 20.96 63.86
CA TYR C 468 40.69 21.19 62.83
C TYR C 468 41.45 22.47 63.19
N PRO C 469 42.63 22.39 63.85
CA PRO C 469 43.34 23.59 64.30
C PRO C 469 44.00 24.44 63.20
N PHE C 470 44.54 23.80 62.16
CA PHE C 470 45.38 24.41 61.11
C PHE C 470 44.49 24.85 59.96
N ILE C 471 43.94 26.05 60.06
CA ILE C 471 42.89 26.60 59.15
C ILE C 471 43.53 27.64 58.22
N LEU C 472 43.19 27.57 56.93
CA LEU C 472 43.61 28.52 55.89
C LEU C 472 42.35 29.17 55.32
N PRO C 473 42.04 30.44 55.68
CA PRO C 473 40.82 31.10 55.20
C PRO C 473 40.91 31.56 53.73
N ASP C 474 41.40 30.69 52.85
CA ASP C 474 41.42 30.87 51.37
C ASP C 474 42.27 32.11 51.02
N MET C 475 41.85 32.89 50.00
CA MET C 475 42.64 33.97 49.35
C MET C 475 42.31 35.33 49.98
N VAL C 476 43.33 36.14 50.32
CA VAL C 476 43.14 37.57 50.71
C VAL C 476 42.36 38.25 49.57
N GLY C 477 41.20 38.82 49.90
CA GLY C 477 40.35 39.59 48.96
C GLY C 477 39.37 38.72 48.18
N GLY C 478 39.43 37.39 48.33
CA GLY C 478 38.56 36.45 47.61
C GLY C 478 39.12 36.11 46.23
N ASN C 479 38.30 35.43 45.42
CA ASN C 479 38.76 34.76 44.16
C ASN C 479 38.49 35.65 42.94
N ALA C 480 37.83 36.80 43.11
CA ALA C 480 37.62 37.84 42.07
C ALA C 480 36.84 37.25 40.90
N VAL C 481 35.74 36.55 41.18
CA VAL C 481 34.88 35.91 40.15
C VAL C 481 34.02 36.99 39.53
N PRO C 482 34.02 37.13 38.18
CA PRO C 482 33.10 38.04 37.49
C PRO C 482 31.67 37.89 38.03
N GLN C 483 30.98 39.01 38.25
CA GLN C 483 29.58 39.13 38.73
C GLN C 483 29.49 38.91 40.25
N ARG C 484 30.58 38.47 40.89
CA ARG C 484 30.65 38.17 42.35
C ARG C 484 31.88 38.86 42.95
N THR C 485 32.17 40.08 42.49
CA THR C 485 33.35 40.90 42.87
C THR C 485 32.89 42.35 43.09
N ALA C 486 32.78 42.79 44.34
CA ALA C 486 32.66 44.23 44.70
C ALA C 486 33.94 44.93 44.24
N GLY C 487 33.91 45.60 43.08
CA GLY C 487 35.05 46.29 42.47
C GLY C 487 35.32 45.91 41.01
N GLY C 488 34.59 44.95 40.44
CA GLY C 488 34.66 44.58 39.01
C GLY C 488 35.71 43.52 38.71
N ASP C 489 36.90 43.94 38.25
CA ASP C 489 38.04 43.08 37.83
C ASP C 489 38.68 42.40 39.05
N VAL C 490 38.85 43.16 40.14
CA VAL C 490 39.54 42.74 41.38
C VAL C 490 38.76 43.32 42.56
N PRO C 491 38.88 42.75 43.78
CA PRO C 491 38.21 43.31 44.95
C PRO C 491 38.56 44.80 45.11
N GLU C 492 37.57 45.63 45.45
CA GLU C 492 37.81 47.07 45.72
C GLU C 492 38.91 47.20 46.78
N ARG C 493 39.68 48.29 46.67
CA ARG C 493 40.87 48.60 47.49
C ARG C 493 40.57 48.41 48.97
N GLU C 494 39.44 48.92 49.45
CA GLU C 494 39.06 48.93 50.89
C GLU C 494 38.77 47.51 51.37
N LEU C 495 38.03 46.73 50.57
CA LEU C 495 37.71 45.30 50.86
C LEU C 495 39.02 44.50 50.96
N TYR C 496 39.92 44.66 49.98
CA TYR C 496 41.25 44.01 49.92
C TYR C 496 42.05 44.32 51.20
N ILE C 497 42.06 45.59 51.63
CA ILE C 497 42.87 46.05 52.79
C ILE C 497 42.28 45.43 54.07
N ARG C 498 40.97 45.58 54.29
CA ARG C 498 40.33 45.06 55.53
C ARG C 498 40.50 43.54 55.61
N TRP C 499 40.35 42.83 54.48
CA TRP C 499 40.52 41.35 54.37
C TRP C 499 41.95 40.96 54.75
N LEU C 500 42.94 41.62 54.16
CA LEU C 500 44.39 41.37 54.40
C LEU C 500 44.66 41.45 55.91
N GLU C 501 44.08 42.44 56.58
CA GLU C 501 44.30 42.71 58.02
C GLU C 501 43.76 41.55 58.87
N VAL C 502 42.56 41.08 58.59
CA VAL C 502 41.96 39.93 59.36
C VAL C 502 42.75 38.66 59.01
N ALA C 503 43.15 38.50 57.75
CA ALA C 503 43.89 37.31 57.25
C ALA C 503 45.27 37.22 57.93
N ALA C 504 45.86 38.34 58.31
CA ALA C 504 47.20 38.41 58.96
C ALA C 504 47.18 37.74 60.33
N PHE C 505 46.00 37.56 60.94
CA PHE C 505 45.82 37.05 62.32
C PHE C 505 45.32 35.59 62.35
N MET C 506 45.15 34.97 61.17
CA MET C 506 44.65 33.59 61.04
C MET C 506 45.84 32.64 60.89
N PRO C 507 45.67 31.32 61.13
CA PRO C 507 46.83 30.42 61.20
C PRO C 507 47.74 30.42 59.95
N ALA C 508 47.14 30.49 58.76
CA ALA C 508 47.88 30.59 57.47
C ALA C 508 47.30 31.74 56.65
N MET C 509 48.18 32.44 55.94
CA MET C 509 47.84 33.64 55.13
C MET C 509 48.25 33.35 53.69
N GLN C 510 47.34 33.57 52.74
CA GLN C 510 47.56 33.24 51.32
C GLN C 510 47.13 34.44 50.48
N PHE C 511 48.08 34.99 49.72
CA PHE C 511 47.85 36.00 48.66
C PHE C 511 47.72 35.28 47.32
N SER C 512 46.82 35.78 46.47
CA SER C 512 46.82 35.48 45.01
C SER C 512 46.93 36.81 44.26
N ILE C 513 45.87 37.61 44.27
CA ILE C 513 45.93 39.03 43.80
C ILE C 513 46.87 39.75 44.76
N PRO C 514 48.06 40.21 44.32
CA PRO C 514 49.07 40.73 45.23
C PRO C 514 48.83 42.18 45.60
N PRO C 515 49.45 42.69 46.68
CA PRO C 515 49.29 44.07 47.09
C PRO C 515 49.64 45.11 46.00
N TRP C 516 50.65 44.85 45.19
CA TRP C 516 51.20 45.81 44.19
C TRP C 516 50.28 45.92 42.98
N ARG C 517 49.19 45.16 42.95
CA ARG C 517 48.10 45.32 41.95
C ARG C 517 47.34 46.62 42.24
N TYR C 518 47.44 47.17 43.45
CA TYR C 518 46.69 48.37 43.92
C TYR C 518 47.59 49.61 43.83
N ASP C 519 48.45 49.83 44.83
CA ASP C 519 49.30 51.04 44.95
C ASP C 519 50.31 50.81 46.09
N ALA C 520 51.26 51.74 46.24
CA ALA C 520 52.41 51.66 47.18
C ALA C 520 51.91 51.63 48.63
N GLU C 521 50.79 52.27 48.93
CA GLU C 521 50.23 52.32 50.31
C GLU C 521 49.75 50.91 50.67
N VAL C 522 49.01 50.27 49.77
CA VAL C 522 48.52 48.87 49.95
C VAL C 522 49.73 47.96 50.15
N VAL C 523 50.79 48.12 49.35
CA VAL C 523 52.05 47.34 49.49
C VAL C 523 52.64 47.59 50.88
N ALA C 524 52.64 48.84 51.34
CA ALA C 524 53.17 49.26 52.66
C ALA C 524 52.31 48.61 53.76
N ILE C 525 50.98 48.63 53.61
CA ILE C 525 50.04 48.00 54.58
C ILE C 525 50.36 46.49 54.66
N ALA C 526 50.60 45.84 53.52
CA ALA C 526 50.91 44.41 53.44
C ALA C 526 52.21 44.13 54.20
N GLN C 527 53.26 44.92 53.97
CA GLN C 527 54.59 44.74 54.59
C GLN C 527 54.46 44.94 56.11
N LYS C 528 53.60 45.86 56.54
CA LYS C 528 53.35 46.16 57.97
C LYS C 528 52.72 44.93 58.65
N PHE C 529 51.70 44.34 58.03
CA PHE C 529 50.95 43.20 58.63
C PHE C 529 51.78 41.92 58.50
N ALA C 530 52.60 41.80 57.45
CA ALA C 530 53.59 40.70 57.30
C ALA C 530 54.60 40.72 58.45
N ALA C 531 55.08 41.92 58.80
CA ALA C 531 56.05 42.17 59.89
C ALA C 531 55.38 41.90 61.24
N LEU C 532 54.14 42.37 61.43
CA LEU C 532 53.34 42.20 62.67
C LEU C 532 53.03 40.71 62.86
N ARG C 533 52.68 40.02 61.78
CA ARG C 533 52.43 38.56 61.78
C ARG C 533 53.70 37.82 62.23
N ALA C 534 54.86 38.25 61.76
CA ALA C 534 56.16 37.61 62.05
C ALA C 534 56.54 37.78 63.54
N SER C 535 56.28 38.95 64.11
CA SER C 535 56.78 39.35 65.46
C SER C 535 55.78 39.01 66.56
N LEU C 536 54.47 39.17 66.30
CA LEU C 536 53.40 39.01 67.32
C LEU C 536 52.65 37.68 67.12
N VAL C 537 52.12 37.42 65.92
CA VAL C 537 51.08 36.39 65.66
C VAL C 537 51.74 35.01 65.52
N ALA C 538 52.75 34.90 64.65
CA ALA C 538 53.42 33.62 64.28
C ALA C 538 53.96 32.90 65.52
N PRO C 539 54.71 33.57 66.43
CA PRO C 539 55.23 32.88 67.62
C PRO C 539 54.11 32.22 68.43
N LEU C 540 52.97 32.87 68.55
CA LEU C 540 51.79 32.39 69.32
C LEU C 540 51.12 31.22 68.57
N LEU C 541 50.93 31.34 67.25
CA LEU C 541 50.34 30.28 66.40
C LEU C 541 51.16 28.99 66.56
N LEU C 542 52.50 29.09 66.46
CA LEU C 542 53.43 27.94 66.56
C LEU C 542 53.32 27.31 67.95
N GLU C 543 53.29 28.12 69.01
CA GLU C 543 53.18 27.62 70.41
C GLU C 543 51.88 26.83 70.54
N LEU C 544 50.77 27.41 70.06
CA LEU C 544 49.41 26.80 70.18
C LEU C 544 49.32 25.56 69.28
N ALA C 545 49.99 25.58 68.13
CA ALA C 545 50.06 24.46 67.16
C ALA C 545 50.74 23.26 67.82
N GLY C 546 51.85 23.52 68.54
CA GLY C 546 52.64 22.51 69.27
C GLY C 546 51.87 21.95 70.45
N GLU C 547 50.90 22.68 70.99
CA GLU C 547 50.11 22.24 72.17
C GLU C 547 49.02 21.24 71.75
N VAL C 548 48.55 21.31 70.50
CA VAL C 548 47.32 20.61 70.01
C VAL C 548 47.40 19.13 70.39
N THR C 549 48.54 18.49 70.14
CA THR C 549 48.77 17.04 70.36
C THR C 549 48.43 16.70 71.82
N ASP C 550 48.78 17.57 72.77
CA ASP C 550 48.54 17.37 74.23
C ASP C 550 47.10 17.75 74.60
N THR C 551 46.67 18.97 74.27
CA THR C 551 45.44 19.60 74.83
C THR C 551 44.22 19.33 73.95
N GLY C 552 44.41 19.08 72.65
CA GLY C 552 43.31 18.97 71.68
C GLY C 552 42.59 20.29 71.45
N ASP C 553 43.09 21.40 72.02
CA ASP C 553 42.45 22.73 71.93
C ASP C 553 42.78 23.37 70.58
N PRO C 554 41.83 24.11 69.97
CA PRO C 554 42.06 24.80 68.70
C PRO C 554 42.96 26.03 68.88
N ILE C 555 43.43 26.58 67.77
CA ILE C 555 44.31 27.79 67.72
C ILE C 555 43.40 29.04 67.76
N VAL C 556 42.47 29.13 66.80
CA VAL C 556 41.49 30.24 66.70
C VAL C 556 40.29 29.89 67.58
N ARG C 557 39.95 30.76 68.54
CA ARG C 557 38.94 30.47 69.58
C ARG C 557 37.89 31.58 69.59
N PRO C 558 36.62 31.24 69.91
CA PRO C 558 35.59 32.25 70.12
C PRO C 558 35.84 32.99 71.45
N LEU C 559 35.33 34.21 71.57
CA LEU C 559 35.44 35.00 72.82
C LEU C 559 34.94 34.16 73.99
N TRP C 560 33.89 33.36 73.79
CA TRP C 560 33.21 32.60 74.88
C TRP C 560 34.11 31.48 75.42
N TRP C 561 35.19 31.15 74.72
CA TRP C 561 36.18 30.14 75.19
C TRP C 561 36.66 30.51 76.60
N ILE C 562 37.08 31.77 76.81
CA ILE C 562 37.64 32.27 78.10
C ILE C 562 36.51 32.87 78.96
N ALA C 563 35.38 33.24 78.35
CA ALA C 563 34.22 33.88 79.02
C ALA C 563 32.96 33.06 78.76
N PRO C 564 32.90 31.78 79.19
CA PRO C 564 31.80 30.89 78.83
C PRO C 564 30.43 31.28 79.41
N GLY C 565 30.41 32.10 80.48
CA GLY C 565 29.16 32.58 81.11
C GLY C 565 28.77 33.97 80.65
N ASP C 566 29.37 34.47 79.57
CA ASP C 566 29.22 35.87 79.06
C ASP C 566 28.28 35.85 77.85
N GLU C 567 27.02 36.27 78.05
CA GLU C 567 25.96 36.31 77.01
C GLU C 567 26.44 37.12 75.79
N THR C 568 27.27 38.15 75.99
CA THR C 568 27.77 39.04 74.90
C THR C 568 28.80 38.27 74.07
N ALA C 569 29.71 37.55 74.74
CA ALA C 569 30.73 36.68 74.12
C ALA C 569 30.05 35.58 73.28
N HIS C 570 28.90 35.05 73.73
CA HIS C 570 28.16 33.98 73.02
C HIS C 570 27.76 34.46 71.62
N ARG C 571 27.48 35.76 71.46
CA ARG C 571 26.80 36.36 70.27
C ARG C 571 27.83 36.92 69.26
N ILE C 572 29.05 37.25 69.69
CA ILE C 572 30.04 38.03 68.87
C ILE C 572 30.50 37.20 67.67
N ASP C 573 30.35 37.74 66.45
CA ASP C 573 30.83 37.15 65.18
C ASP C 573 31.91 38.02 64.52
N SER C 574 32.32 39.11 65.18
CA SER C 574 33.21 40.16 64.61
C SER C 574 34.57 40.15 65.32
N GLN C 575 34.75 39.29 66.32
CA GLN C 575 35.98 39.21 67.15
C GLN C 575 36.33 37.73 67.37
N PHE C 576 37.59 37.45 67.62
CA PHE C 576 38.11 36.08 67.85
C PHE C 576 39.38 36.19 68.69
N LEU C 577 39.78 35.07 69.29
CA LEU C 577 41.04 34.93 70.06
C LEU C 577 42.01 34.08 69.25
N ILE C 578 43.31 34.33 69.42
CA ILE C 578 44.40 33.36 69.13
C ILE C 578 44.89 32.86 70.50
N GLY C 579 44.67 31.59 70.80
CA GLY C 579 44.77 31.06 72.17
C GLY C 579 43.82 31.82 73.09
N ASP C 580 44.24 32.06 74.32
CA ASP C 580 43.41 32.71 75.37
C ASP C 580 43.83 34.18 75.53
N THR C 581 44.92 34.60 74.88
CA THR C 581 45.69 35.83 75.24
C THR C 581 45.64 36.92 74.15
N LEU C 582 45.43 36.59 72.88
CA LEU C 582 45.39 37.62 71.79
C LEU C 582 43.96 37.78 71.32
N LEU C 583 43.38 38.97 71.49
CA LEU C 583 41.99 39.31 71.11
C LEU C 583 42.02 40.23 69.89
N VAL C 584 41.29 39.88 68.84
CA VAL C 584 41.36 40.56 67.51
C VAL C 584 39.98 41.07 67.14
N ALA C 585 39.90 42.33 66.71
CA ALA C 585 38.66 43.05 66.38
C ALA C 585 38.86 43.84 65.09
N PRO C 586 38.80 43.16 63.91
CA PRO C 586 38.95 43.84 62.64
C PRO C 586 37.73 44.69 62.26
N VAL C 587 37.92 45.74 61.46
CA VAL C 587 36.81 46.49 60.81
C VAL C 587 36.32 45.62 59.63
N LEU C 588 35.02 45.35 59.58
CA LEU C 588 34.40 44.41 58.61
C LEU C 588 33.30 45.13 57.82
N GLU C 589 33.32 46.47 57.81
CA GLU C 589 32.32 47.32 57.14
C GLU C 589 33.04 48.37 56.31
N PRO C 590 32.51 48.70 55.11
CA PRO C 590 33.13 49.72 54.25
C PRO C 590 32.85 51.13 54.75
N GLY C 591 33.75 52.07 54.44
CA GLY C 591 33.68 53.49 54.82
C GLY C 591 33.68 53.72 56.32
N LYS C 592 34.33 52.83 57.07
CA LYS C 592 34.39 52.89 58.55
C LYS C 592 35.85 53.03 58.96
N GLN C 593 36.14 54.01 59.84
CA GLN C 593 37.47 54.22 60.47
C GLN C 593 37.35 54.04 61.98
N GLU C 594 36.31 53.33 62.42
CA GLU C 594 36.08 52.94 63.84
C GLU C 594 35.12 51.75 63.89
N ARG C 595 35.01 51.10 65.05
CA ARG C 595 34.00 50.05 65.33
C ARG C 595 33.84 49.88 66.85
N ASP C 596 32.71 49.34 67.29
CA ASP C 596 32.50 48.90 68.70
C ASP C 596 33.37 47.66 68.94
N VAL C 597 34.06 47.61 70.08
CA VAL C 597 34.96 46.50 70.49
C VAL C 597 34.52 46.06 71.89
N TYR C 598 34.13 44.79 72.05
CA TYR C 598 33.79 44.19 73.36
C TYR C 598 35.04 43.56 73.96
N LEU C 599 35.43 43.98 75.16
CA LEU C 599 36.47 43.32 75.99
C LEU C 599 35.76 42.56 77.11
N PRO C 600 36.00 41.23 77.23
CA PRO C 600 35.44 40.46 78.34
C PRO C 600 36.23 40.68 79.65
N ALA C 601 35.82 40.01 80.72
CA ALA C 601 36.46 40.09 82.05
C ALA C 601 37.97 39.89 81.90
N GLY C 602 38.74 40.51 82.80
CA GLY C 602 40.22 40.49 82.78
C GLY C 602 40.78 41.79 82.23
N LYS C 603 42.10 41.94 82.26
CA LYS C 603 42.84 43.17 81.84
C LYS C 603 43.39 42.92 80.43
N TRP C 604 43.22 43.89 79.54
CA TRP C 604 43.58 43.83 78.10
C TRP C 604 44.39 45.07 77.75
N ARG C 605 45.61 44.87 77.22
CA ARG C 605 46.48 45.96 76.73
C ARG C 605 46.31 46.08 75.21
N SER C 606 45.76 47.22 74.77
CA SER C 606 45.53 47.55 73.34
C SER C 606 46.85 47.50 72.57
N TYR C 607 46.77 47.50 71.25
CA TYR C 607 47.94 47.54 70.33
C TYR C 607 48.68 48.88 70.47
N LYS C 608 48.02 49.90 71.05
CA LYS C 608 48.60 51.26 71.25
C LYS C 608 49.20 51.39 72.66
N GLY C 609 48.95 50.41 73.54
CA GLY C 609 49.47 50.38 74.91
C GLY C 609 48.44 50.77 75.95
N GLU C 610 47.17 51.01 75.54
CA GLU C 610 46.06 51.33 76.47
C GLU C 610 45.75 50.13 77.35
N LEU C 611 45.82 50.26 78.68
CA LEU C 611 45.44 49.17 79.61
C LEU C 611 43.96 49.34 79.96
N PHE C 612 43.10 48.44 79.50
CA PHE C 612 41.67 48.39 79.88
C PHE C 612 41.49 47.34 80.99
N ASP C 613 41.28 47.79 82.24
CA ASP C 613 41.17 46.91 83.43
C ASP C 613 39.82 47.11 84.12
N LYS C 614 38.90 47.86 83.51
CA LYS C 614 37.50 47.99 83.99
C LYS C 614 36.60 47.29 82.97
N THR C 615 36.44 45.98 83.17
CA THR C 615 35.88 45.02 82.19
C THR C 615 34.93 44.06 82.90
N PRO C 616 33.98 43.41 82.20
CA PRO C 616 33.78 43.60 80.77
C PRO C 616 33.34 45.04 80.44
N VAL C 617 33.68 45.52 79.24
CA VAL C 617 33.28 46.88 78.76
C VAL C 617 33.13 46.83 77.24
N LEU C 618 32.17 47.60 76.72
CA LEU C 618 32.02 47.87 75.28
C LEU C 618 32.73 49.18 74.97
N LEU C 619 33.81 49.13 74.17
CA LEU C 619 34.50 50.34 73.65
C LEU C 619 33.73 50.79 72.41
N THR C 620 32.94 51.86 72.53
CA THR C 620 32.09 52.38 71.42
C THR C 620 32.94 53.29 70.53
N ASP C 621 32.72 53.25 69.22
CA ASP C 621 33.43 54.03 68.16
C ASP C 621 34.93 54.05 68.46
N TYR C 622 35.52 52.88 68.75
CA TYR C 622 36.98 52.71 68.94
C TYR C 622 37.69 52.94 67.61
N PRO C 623 38.59 53.94 67.52
CA PRO C 623 39.21 54.31 66.26
C PRO C 623 40.11 53.21 65.67
N VAL C 624 39.88 52.90 64.39
CA VAL C 624 40.69 51.92 63.61
C VAL C 624 40.81 52.46 62.20
N ASP C 625 41.94 53.09 61.86
CA ASP C 625 42.17 53.65 60.51
C ASP C 625 42.15 52.51 59.48
N LEU C 626 42.05 52.84 58.20
CA LEU C 626 42.04 51.88 57.07
C LEU C 626 43.25 50.94 57.19
N ASP C 627 44.39 51.47 57.63
CA ASP C 627 45.69 50.74 57.68
C ASP C 627 45.93 50.14 59.07
N GLU C 628 44.89 49.99 59.89
CA GLU C 628 45.02 49.46 61.28
C GLU C 628 44.06 48.29 61.51
N ILE C 629 44.37 47.45 62.49
CA ILE C 629 43.44 46.46 63.10
C ILE C 629 43.50 46.66 64.62
N ALA C 630 42.36 46.60 65.30
CA ALA C 630 42.27 46.62 66.77
C ALA C 630 42.61 45.22 67.29
N TYR C 631 43.66 45.11 68.11
CA TYR C 631 43.98 43.86 68.85
C TYR C 631 44.43 44.22 70.26
N PHE C 632 44.29 43.27 71.18
CA PHE C 632 44.48 43.43 72.64
C PHE C 632 45.14 42.17 73.18
N THR C 633 46.19 42.34 73.97
CA THR C 633 46.92 41.24 74.65
C THR C 633 46.47 41.19 76.10
N TRP C 634 46.24 39.98 76.62
CA TRP C 634 45.93 39.68 78.04
C TRP C 634 47.01 40.27 78.96
N ALA C 635 46.63 40.91 80.07
CA ALA C 635 47.53 41.50 81.09
C ALA C 635 47.04 41.13 82.50
N PHE D 22 -32.53 -2.21 3.43
CA PHE D 22 -31.71 -2.47 4.66
C PHE D 22 -30.76 -1.31 4.91
N SER D 23 -30.20 -1.26 6.13
CA SER D 23 -29.18 -0.29 6.58
C SER D 23 -28.13 -1.01 7.44
N ILE D 24 -26.92 -0.46 7.50
CA ILE D 24 -25.75 -1.03 8.25
C ILE D 24 -25.16 0.05 9.16
N ARG D 25 -24.73 -0.33 10.35
CA ARG D 25 -24.01 0.53 11.33
C ARG D 25 -22.58 -0.01 11.48
N ASN D 26 -21.68 0.80 12.07
CA ASN D 26 -20.30 0.38 12.48
C ASN D 26 -20.30 0.12 14.00
N GLN D 27 -19.16 -0.33 14.53
CA GLN D 27 -18.97 -0.65 15.97
C GLN D 27 -19.26 0.57 16.84
N LYS D 28 -18.99 1.79 16.34
CA LYS D 28 -19.19 3.07 17.07
C LYS D 28 -20.68 3.45 17.12
N GLY D 29 -21.53 2.86 16.27
CA GLY D 29 -23.01 3.00 16.32
C GLY D 29 -23.58 3.85 15.19
N GLU D 30 -22.72 4.45 14.33
CA GLU D 30 -23.19 5.35 13.24
C GLU D 30 -23.69 4.53 12.03
N GLN D 31 -24.75 5.02 11.39
CA GLN D 31 -25.30 4.47 10.11
C GLN D 31 -24.34 4.86 8.96
N VAL D 32 -23.66 3.87 8.37
CA VAL D 32 -22.60 4.07 7.33
C VAL D 32 -23.11 3.61 5.95
N PHE D 33 -24.28 2.97 5.84
CA PHE D 33 -24.80 2.40 4.57
C PHE D 33 -26.32 2.23 4.66
N ARG D 34 -27.05 2.65 3.62
CA ARG D 34 -28.53 2.54 3.55
C ARG D 34 -28.93 2.28 2.10
N LEU D 35 -29.88 1.36 1.87
CA LEU D 35 -30.28 0.93 0.51
C LEU D 35 -31.77 0.60 0.50
N ALA D 36 -32.49 1.06 -0.53
CA ALA D 36 -33.91 0.74 -0.79
C ALA D 36 -34.01 -0.20 -1.99
N PHE D 37 -34.87 -1.22 -1.89
CA PHE D 37 -35.24 -2.12 -3.01
C PHE D 37 -36.23 -1.36 -3.90
N ARG D 38 -36.01 -1.30 -5.22
CA ARG D 38 -36.81 -0.44 -6.14
C ARG D 38 -37.40 -1.23 -7.32
N SER D 39 -37.08 -2.53 -7.45
CA SER D 39 -37.75 -3.46 -8.40
C SER D 39 -38.95 -4.12 -7.69
N GLY D 40 -38.88 -4.24 -6.36
CA GLY D 40 -39.96 -4.75 -5.48
C GLY D 40 -39.55 -4.84 -4.02
N ALA D 41 -40.41 -5.42 -3.17
CA ALA D 41 -40.16 -5.61 -1.72
C ALA D 41 -40.10 -7.11 -1.40
N HIS D 66 -34.46 -15.71 -5.32
CA HIS D 66 -33.17 -16.01 -4.63
C HIS D 66 -32.57 -14.69 -4.15
N PHE D 67 -32.87 -14.32 -2.89
CA PHE D 67 -32.26 -13.19 -2.16
C PHE D 67 -31.47 -13.73 -0.95
N PHE D 68 -30.29 -13.17 -0.69
CA PHE D 68 -29.50 -13.49 0.53
C PHE D 68 -28.61 -12.32 0.93
N ILE D 69 -28.30 -12.25 2.24
CA ILE D 69 -27.27 -11.37 2.85
C ILE D 69 -26.37 -12.25 3.71
N GLN D 70 -25.14 -12.51 3.28
CA GLN D 70 -24.14 -13.31 4.03
C GLN D 70 -23.14 -12.36 4.71
N THR D 71 -23.09 -12.35 6.04
CA THR D 71 -22.10 -11.56 6.82
C THR D 71 -20.77 -12.33 6.81
N VAL D 72 -19.65 -11.63 6.61
CA VAL D 72 -18.26 -12.18 6.65
C VAL D 72 -17.39 -11.27 7.51
N ARG D 73 -16.55 -11.86 8.38
CA ARG D 73 -15.57 -11.17 9.25
C ARG D 73 -14.17 -11.54 8.77
N PRO D 74 -13.62 -10.88 7.74
CA PRO D 74 -12.29 -11.22 7.22
C PRO D 74 -11.13 -10.73 8.12
N LYS D 75 -11.37 -9.71 8.95
CA LYS D 75 -10.42 -9.19 9.98
C LYS D 75 -11.22 -8.74 11.21
N ASP D 76 -10.54 -8.46 12.33
CA ASP D 76 -11.20 -8.02 13.60
C ASP D 76 -11.93 -6.69 13.39
N THR D 77 -11.47 -5.88 12.42
CA THR D 77 -11.86 -4.44 12.21
C THR D 77 -12.66 -4.27 10.90
N VAL D 78 -12.75 -5.31 10.06
CA VAL D 78 -13.50 -5.29 8.77
C VAL D 78 -14.70 -6.24 8.86
N MET D 79 -15.88 -5.75 8.50
CA MET D 79 -17.13 -6.53 8.43
C MET D 79 -17.71 -6.36 7.02
N CYS D 80 -17.90 -7.46 6.28
CA CYS D 80 -18.43 -7.44 4.88
C CYS D 80 -19.79 -8.13 4.83
N TYR D 81 -20.65 -7.68 3.91
CA TYR D 81 -22.04 -8.14 3.69
C TYR D 81 -22.26 -8.46 2.21
N ARG D 82 -22.21 -9.75 1.84
CA ARG D 82 -22.51 -10.24 0.47
C ARG D 82 -24.04 -10.21 0.27
N VAL D 83 -24.52 -9.58 -0.80
CA VAL D 83 -25.97 -9.36 -1.07
C VAL D 83 -26.30 -9.82 -2.49
N ARG D 84 -27.43 -10.51 -2.68
CA ARG D 84 -27.93 -10.97 -4.00
C ARG D 84 -29.44 -10.80 -4.11
N TRP D 85 -29.92 -10.40 -5.28
CA TRP D 85 -31.35 -10.38 -5.68
C TRP D 85 -31.46 -10.97 -7.09
N GLU D 86 -32.06 -12.15 -7.20
CA GLU D 86 -32.26 -12.90 -8.48
C GLU D 86 -33.66 -13.52 -8.47
N GLU D 87 -34.50 -13.21 -9.46
CA GLU D 87 -35.90 -13.69 -9.55
C GLU D 87 -35.95 -15.02 -10.34
N GLY D 91 -38.12 -12.50 -16.26
CA GLY D 91 -37.06 -11.65 -16.85
C GLY D 91 -37.39 -10.17 -16.80
N ARG D 92 -37.03 -9.48 -15.71
CA ARG D 92 -37.37 -8.06 -15.44
C ARG D 92 -36.29 -7.38 -14.57
N ALA D 93 -35.93 -6.15 -14.93
CA ALA D 93 -34.80 -5.37 -14.38
C ALA D 93 -34.84 -5.40 -12.84
N VAL D 94 -33.67 -5.64 -12.22
CA VAL D 94 -33.46 -5.45 -10.75
C VAL D 94 -32.84 -4.07 -10.55
N GLU D 95 -33.43 -3.24 -9.68
CA GLU D 95 -32.85 -1.94 -9.24
C GLU D 95 -32.88 -1.85 -7.72
N HIS D 96 -31.73 -1.50 -7.12
CA HIS D 96 -31.56 -1.06 -5.71
C HIS D 96 -31.04 0.38 -5.71
N ALA D 97 -31.53 1.23 -4.80
CA ALA D 97 -31.10 2.63 -4.64
C ALA D 97 -30.16 2.72 -3.43
N MET D 98 -28.89 3.03 -3.68
CA MET D 98 -27.88 3.24 -2.60
C MET D 98 -27.87 4.71 -2.21
N PHE D 99 -28.23 5.00 -0.95
CA PHE D 99 -28.29 6.38 -0.37
C PHE D 99 -26.88 6.80 0.08
N LEU D 100 -26.37 7.91 -0.45
CA LEU D 100 -25.05 8.48 -0.07
C LEU D 100 -25.12 9.02 1.37
N GLY D 101 -26.24 9.66 1.73
CA GLY D 101 -26.57 10.04 3.12
C GLY D 101 -26.42 11.53 3.40
N ASP D 102 -26.11 11.87 4.64
CA ASP D 102 -26.39 13.20 5.26
C ASP D 102 -25.30 14.25 4.95
N ALA D 103 -24.60 14.21 3.81
CA ALA D 103 -23.78 15.34 3.30
C ALA D 103 -22.50 15.51 4.13
N ALA D 104 -22.46 15.11 5.41
CA ALA D 104 -21.21 14.83 6.16
C ALA D 104 -20.52 13.57 5.60
N ALA D 105 -21.28 12.73 4.88
CA ALA D 105 -20.81 11.51 4.18
C ALA D 105 -20.40 11.87 2.74
N HIS D 106 -19.13 11.68 2.42
CA HIS D 106 -18.52 11.99 1.09
C HIS D 106 -18.12 10.68 0.40
N TRP D 107 -18.31 10.60 -0.92
CA TRP D 107 -18.09 9.36 -1.72
C TRP D 107 -17.09 9.60 -2.86
N TYR D 108 -16.32 8.56 -3.19
CA TYR D 108 -15.21 8.58 -4.16
C TYR D 108 -15.27 7.32 -5.03
N GLY D 109 -14.60 7.36 -6.18
CA GLY D 109 -14.47 6.20 -7.10
C GLY D 109 -15.41 6.28 -8.27
N GLY D 110 -16.00 5.14 -8.64
CA GLY D 110 -16.83 5.02 -9.86
C GLY D 110 -15.98 5.21 -11.11
N ALA D 111 -16.47 6.00 -12.06
CA ALA D 111 -15.88 6.18 -13.40
C ALA D 111 -15.22 7.56 -13.51
N GLU D 112 -14.15 7.65 -14.30
CA GLU D 112 -13.71 8.92 -14.92
C GLU D 112 -14.93 9.51 -15.62
N MET D 113 -15.15 10.82 -15.48
CA MET D 113 -16.36 11.51 -15.99
C MET D 113 -15.93 12.80 -16.70
N ARG D 114 -16.80 13.33 -17.56
CA ARG D 114 -16.60 14.62 -18.28
C ARG D 114 -16.44 15.74 -17.25
N THR D 115 -17.38 15.82 -16.30
CA THR D 115 -17.37 16.76 -15.16
C THR D 115 -16.97 15.99 -13.90
N GLN D 116 -15.70 16.05 -13.49
CA GLN D 116 -15.17 15.27 -12.35
C GLN D 116 -15.10 16.15 -11.10
N HIS D 117 -15.90 15.80 -10.09
CA HIS D 117 -15.89 16.40 -8.73
C HIS D 117 -15.28 15.42 -7.75
N TRP D 118 -14.78 15.94 -6.63
CA TRP D 118 -14.17 15.15 -5.54
C TRP D 118 -14.43 15.86 -4.22
N PRO D 119 -15.28 15.31 -3.32
CA PRO D 119 -16.00 14.06 -3.57
C PRO D 119 -17.05 14.14 -4.68
N ILE D 120 -17.63 12.99 -5.05
CA ILE D 120 -18.61 12.83 -6.16
C ILE D 120 -19.84 13.70 -5.88
N ARG D 121 -20.29 14.46 -6.87
N ARG D 121 -20.30 14.46 -6.87
CA ARG D 121 -21.55 15.24 -6.83
CA ARG D 121 -21.55 15.26 -6.80
C ARG D 121 -22.53 14.62 -7.83
C ARG D 121 -22.55 14.70 -7.83
N LEU D 122 -23.78 14.40 -7.38
CA LEU D 122 -24.91 13.91 -8.22
C LEU D 122 -25.67 15.14 -8.74
N ASP D 123 -25.68 15.37 -10.05
CA ASP D 123 -26.42 16.51 -10.66
C ASP D 123 -27.67 15.95 -11.37
N GLY D 124 -28.86 16.33 -10.89
CA GLY D 124 -30.15 16.10 -11.56
C GLY D 124 -30.60 14.65 -11.47
N GLN D 125 -31.38 14.21 -12.46
CA GLN D 125 -31.94 12.84 -12.56
C GLN D 125 -31.29 12.15 -13.76
N GLN D 126 -30.86 10.90 -13.59
CA GLN D 126 -30.26 10.07 -14.65
C GLN D 126 -30.87 8.66 -14.55
N GLU D 127 -31.63 8.25 -15.58
CA GLU D 127 -32.12 6.85 -15.72
C GLU D 127 -30.89 5.95 -15.84
N PRO D 128 -30.90 4.75 -15.23
CA PRO D 128 -29.75 3.84 -15.30
C PRO D 128 -29.32 3.59 -16.75
N GLN D 129 -28.02 3.72 -17.04
CA GLN D 129 -27.44 3.52 -18.39
C GLN D 129 -26.25 2.57 -18.26
N PRO D 130 -25.90 1.82 -19.34
CA PRO D 130 -24.84 0.82 -19.25
C PRO D 130 -23.57 1.45 -18.63
N PHE D 131 -23.07 0.84 -17.56
CA PHE D 131 -21.80 1.21 -16.91
C PHE D 131 -20.67 0.52 -17.68
N VAL D 132 -20.29 1.13 -18.80
CA VAL D 132 -19.32 0.58 -19.80
C VAL D 132 -18.36 1.71 -20.18
N THR D 133 -17.17 1.34 -20.67
CA THR D 133 -16.14 2.28 -21.19
C THR D 133 -16.76 3.08 -22.34
N SER D 134 -16.99 4.38 -22.13
CA SER D 134 -17.48 5.33 -23.15
C SER D 134 -16.48 6.49 -23.32
N ASP D 135 -16.55 7.17 -24.46
CA ASP D 135 -15.82 8.43 -24.77
C ASP D 135 -16.64 9.59 -24.19
N VAL D 136 -16.17 10.16 -23.08
CA VAL D 136 -16.90 11.14 -22.24
C VAL D 136 -16.57 12.57 -22.73
N TYR D 137 -15.77 12.72 -23.80
CA TYR D 137 -15.33 14.07 -24.26
C TYR D 137 -16.56 14.98 -24.43
N SER D 138 -17.65 14.46 -25.01
CA SER D 138 -18.84 15.25 -25.41
C SER D 138 -20.12 14.79 -24.70
N SER D 139 -20.04 14.03 -23.60
CA SER D 139 -21.23 13.52 -22.86
C SER D 139 -21.04 13.58 -21.34
N ASP D 140 -21.99 14.19 -20.63
CA ASP D 140 -22.02 14.25 -19.14
C ASP D 140 -22.93 13.13 -18.58
N ALA D 141 -23.61 12.38 -19.46
CA ALA D 141 -24.48 11.22 -19.10
C ALA D 141 -23.62 9.95 -18.98
N ALA D 142 -22.65 9.76 -19.88
CA ALA D 142 -21.91 8.48 -20.05
C ALA D 142 -20.76 8.40 -19.03
N PHE D 143 -20.12 7.23 -18.97
CA PHE D 143 -19.00 6.88 -18.05
C PHE D 143 -17.72 6.70 -18.87
N GLY D 144 -16.60 7.19 -18.34
CA GLY D 144 -15.32 7.36 -19.07
C GLY D 144 -14.57 6.04 -19.25
N GLY D 145 -13.42 6.11 -19.92
CA GLY D 145 -12.62 4.94 -20.34
C GLY D 145 -12.04 4.15 -19.20
N ILE D 146 -11.84 4.78 -18.04
CA ILE D 146 -11.30 4.12 -16.82
C ILE D 146 -12.40 4.13 -15.75
N LEU D 147 -12.83 2.95 -15.31
CA LEU D 147 -13.93 2.79 -14.32
C LEU D 147 -13.86 1.42 -13.66
N GLU D 148 -14.38 1.35 -12.44
CA GLU D 148 -14.72 0.11 -11.70
C GLU D 148 -16.07 0.36 -11.03
N ARG D 149 -16.78 -0.71 -10.68
CA ARG D 149 -18.07 -0.64 -9.96
C ARG D 149 -17.75 -0.58 -8.47
N TYR D 150 -17.01 0.45 -8.06
CA TYR D 150 -16.45 0.60 -6.69
C TYR D 150 -16.73 2.03 -6.20
N TRP D 151 -17.40 2.13 -5.07
CA TRP D 151 -17.71 3.42 -4.40
C TRP D 151 -17.27 3.34 -2.94
N LEU D 152 -16.55 4.37 -2.49
CA LEU D 152 -15.91 4.44 -1.15
C LEU D 152 -16.50 5.66 -0.43
N SER D 153 -16.84 5.49 0.86
CA SER D 153 -17.42 6.54 1.73
C SER D 153 -16.38 7.02 2.74
N SER D 154 -16.41 8.31 3.08
CA SER D 154 -15.56 8.94 4.13
C SER D 154 -15.90 8.35 5.51
N ARG D 155 -17.08 7.75 5.67
CA ARG D 155 -17.55 7.10 6.93
C ARG D 155 -17.01 5.67 7.05
N ALA D 156 -16.18 5.22 6.10
CA ALA D 156 -15.45 3.93 6.10
C ALA D 156 -16.39 2.78 5.73
N ALA D 157 -17.31 3.04 4.79
CA ALA D 157 -18.10 2.03 4.07
C ALA D 157 -17.66 2.02 2.60
N ALA D 158 -17.72 0.86 1.95
CA ALA D 158 -17.37 0.69 0.53
C ALA D 158 -18.27 -0.37 -0.10
N ILE D 159 -18.60 -0.23 -1.38
CA ILE D 159 -19.39 -1.24 -2.14
C ILE D 159 -18.64 -1.61 -3.42
N LYS D 160 -18.45 -2.90 -3.67
CA LYS D 160 -17.99 -3.45 -4.97
C LYS D 160 -19.14 -4.26 -5.59
N VAL D 161 -19.73 -3.75 -6.66
CA VAL D 161 -20.78 -4.48 -7.43
C VAL D 161 -20.12 -5.67 -8.13
N ASN D 162 -20.70 -6.86 -8.02
CA ASN D 162 -20.16 -8.15 -8.54
C ASN D 162 -19.91 -8.02 -10.04
N ASP D 163 -18.81 -8.58 -10.54
CA ASP D 163 -18.39 -8.52 -11.97
C ASP D 163 -19.43 -9.20 -12.87
N SER D 164 -20.22 -10.14 -12.33
CA SER D 164 -21.26 -10.93 -13.04
C SER D 164 -22.40 -10.03 -13.53
N VAL D 165 -22.72 -8.98 -12.76
CA VAL D 165 -23.95 -8.17 -12.97
C VAL D 165 -23.88 -7.54 -14.36
N PRO D 166 -24.99 -7.57 -15.13
CA PRO D 166 -25.14 -6.72 -16.30
C PRO D 166 -25.50 -5.32 -15.80
N PHE D 167 -24.48 -4.59 -15.32
CA PHE D 167 -24.62 -3.44 -14.40
C PHE D 167 -24.90 -2.17 -15.19
N HIS D 168 -25.96 -1.47 -14.80
CA HIS D 168 -26.37 -0.14 -15.31
C HIS D 168 -26.42 0.81 -14.09
N LEU D 169 -25.98 2.05 -14.28
CA LEU D 169 -25.90 3.06 -13.19
C LEU D 169 -26.69 4.29 -13.59
N GLY D 170 -27.61 4.71 -12.71
CA GLY D 170 -28.25 6.03 -12.74
C GLY D 170 -28.06 6.73 -11.41
N TRP D 171 -28.76 7.84 -11.18
CA TRP D 171 -28.71 8.57 -9.88
C TRP D 171 -29.93 9.48 -9.74
N ASN D 172 -30.16 9.93 -8.51
CA ASN D 172 -31.29 10.82 -8.12
C ASN D 172 -30.75 11.83 -7.10
N SER D 173 -30.66 13.10 -7.49
CA SER D 173 -30.08 14.18 -6.64
C SER D 173 -30.98 14.44 -5.44
N THR D 174 -32.31 14.45 -5.65
CA THR D 174 -33.33 14.76 -4.62
C THR D 174 -33.06 13.94 -3.35
N GLU D 175 -32.97 12.62 -3.48
CA GLU D 175 -32.76 11.66 -2.34
C GLU D 175 -31.27 11.28 -2.22
N ARG D 176 -30.42 11.82 -3.10
CA ARG D 176 -28.94 11.62 -3.10
C ARG D 176 -28.62 10.13 -3.13
N SER D 177 -29.03 9.44 -4.19
CA SER D 177 -28.91 7.97 -4.34
C SER D 177 -28.17 7.64 -5.65
N LEU D 178 -27.42 6.53 -5.62
CA LEU D 178 -26.97 5.81 -6.84
C LEU D 178 -28.00 4.74 -7.18
N ARG D 179 -28.52 4.74 -8.40
CA ARG D 179 -29.50 3.75 -8.90
C ARG D 179 -28.74 2.59 -9.54
N LEU D 180 -28.61 1.49 -8.78
CA LEU D 180 -27.86 0.25 -9.19
C LEU D 180 -28.84 -0.69 -9.89
N GLN D 181 -28.63 -0.96 -11.18
CA GLN D 181 -29.60 -1.73 -12.00
C GLN D 181 -28.90 -2.88 -12.70
N ALA D 182 -29.55 -4.05 -12.72
CA ALA D 182 -29.23 -5.19 -13.62
C ALA D 182 -30.37 -5.35 -14.63
N ARG D 183 -30.06 -5.43 -15.92
CA ARG D 183 -31.06 -5.65 -17.00
C ARG D 183 -30.35 -6.22 -18.23
N TYR D 184 -31.09 -6.90 -19.10
CA TYR D 184 -30.57 -7.51 -20.36
C TYR D 184 -31.27 -6.89 -21.59
N HIS D 185 -32.21 -5.96 -21.39
CA HIS D 185 -32.94 -5.26 -22.48
C HIS D 185 -32.32 -3.89 -22.75
N ASP D 186 -32.20 -3.50 -24.03
CA ASP D 186 -31.68 -2.17 -24.48
C ASP D 186 -30.34 -1.92 -23.79
N THR D 187 -29.30 -2.67 -24.19
CA THR D 187 -27.98 -2.72 -23.50
C THR D 187 -26.98 -3.54 -24.31
N PRO D 188 -25.66 -3.21 -24.26
CA PRO D 188 -24.65 -4.02 -24.92
C PRO D 188 -24.23 -5.26 -24.11
N TYR D 189 -24.78 -5.42 -22.91
CA TYR D 189 -24.57 -6.62 -22.07
C TYR D 189 -25.32 -7.80 -22.73
N LYS D 190 -24.68 -8.96 -22.75
CA LYS D 190 -25.25 -10.24 -23.27
C LYS D 190 -25.36 -11.21 -22.10
N PRO D 191 -26.38 -12.12 -22.06
CA PRO D 191 -26.42 -13.18 -21.06
C PRO D 191 -25.38 -14.27 -21.35
N PRO D 192 -24.94 -15.07 -20.35
CA PRO D 192 -23.84 -16.02 -20.54
C PRO D 192 -24.29 -17.44 -20.89
N PRO D 199 -31.67 -12.08 -14.91
CA PRO D 199 -30.98 -10.90 -14.38
C PRO D 199 -30.67 -11.04 -12.89
N GLU D 200 -29.46 -10.69 -12.48
CA GLU D 200 -28.96 -10.80 -11.09
C GLU D 200 -28.31 -9.46 -10.71
N LEU D 201 -28.78 -8.80 -9.63
CA LEU D 201 -28.00 -7.74 -8.94
C LEU D 201 -27.35 -8.34 -7.68
N SER D 202 -26.02 -8.33 -7.64
CA SER D 202 -25.20 -8.89 -6.55
C SER D 202 -24.03 -7.93 -6.26
N TYR D 203 -23.68 -7.74 -4.98
CA TYR D 203 -22.62 -6.81 -4.54
C TYR D 203 -22.12 -7.19 -3.14
N ARG D 204 -20.98 -6.63 -2.74
CA ARG D 204 -20.45 -6.74 -1.36
C ARG D 204 -20.27 -5.33 -0.80
N VAL D 205 -20.88 -5.07 0.36
CA VAL D 205 -20.68 -3.84 1.18
C VAL D 205 -19.76 -4.20 2.35
N CYS D 206 -18.62 -3.52 2.48
CA CYS D 206 -17.68 -3.71 3.61
C CYS D 206 -17.59 -2.42 4.45
N VAL D 207 -17.31 -2.60 5.74
CA VAL D 207 -17.29 -1.53 6.77
C VAL D 207 -15.98 -1.68 7.55
N GLY D 208 -15.15 -0.63 7.59
CA GLY D 208 -13.87 -0.61 8.31
C GLY D 208 -13.87 0.49 9.37
N SER D 209 -12.71 0.72 10.00
CA SER D 209 -12.51 1.73 11.08
C SER D 209 -12.39 3.14 10.48
N ASP D 210 -11.76 3.29 9.32
CA ASP D 210 -11.58 4.61 8.64
C ASP D 210 -11.49 4.43 7.12
N VAL D 211 -11.69 5.53 6.38
CA VAL D 211 -11.80 5.56 4.89
C VAL D 211 -10.56 4.93 4.25
N THR D 212 -9.36 5.11 4.81
CA THR D 212 -8.10 4.64 4.20
C THR D 212 -7.96 3.13 4.40
N SER D 213 -8.19 2.61 5.61
CA SER D 213 -8.07 1.15 5.89
C SER D 213 -9.08 0.39 5.04
N ILE D 214 -10.34 0.87 4.97
CA ILE D 214 -11.42 0.14 4.24
C ILE D 214 -11.12 0.20 2.74
N HIS D 215 -10.60 1.33 2.26
CA HIS D 215 -10.17 1.48 0.84
C HIS D 215 -9.09 0.46 0.51
N LYS D 216 -8.06 0.37 1.36
CA LYS D 216 -6.89 -0.51 1.15
C LYS D 216 -7.36 -1.98 1.13
N TYR D 217 -8.32 -2.34 2.00
CA TYR D 217 -8.90 -3.70 2.06
C TYR D 217 -9.54 -4.02 0.70
N MET D 218 -10.38 -3.11 0.20
CA MET D 218 -11.17 -3.29 -1.06
C MET D 218 -10.23 -3.39 -2.26
N VAL D 219 -9.24 -2.50 -2.38
CA VAL D 219 -8.27 -2.46 -3.51
C VAL D 219 -7.47 -3.76 -3.54
N ARG D 220 -7.02 -4.25 -2.37
CA ARG D 220 -6.20 -5.49 -2.26
C ARG D 220 -7.09 -6.68 -2.62
N ARG D 221 -8.39 -6.60 -2.34
CA ARG D 221 -9.35 -7.69 -2.61
C ARG D 221 -9.64 -7.82 -4.11
N TYR D 222 -9.82 -6.72 -4.84
CA TYR D 222 -10.48 -6.72 -6.18
C TYR D 222 -9.55 -6.31 -7.32
N PHE D 223 -8.52 -5.50 -7.06
CA PHE D 223 -7.67 -4.90 -8.13
C PHE D 223 -6.26 -5.48 -8.05
N ASN D 224 -5.75 -5.94 -9.20
CA ASN D 224 -4.37 -6.47 -9.32
C ASN D 224 -3.42 -5.27 -9.42
N LYS D 225 -2.28 -5.32 -8.76
CA LYS D 225 -1.24 -4.26 -8.86
C LYS D 225 -0.33 -4.56 -10.04
N PRO D 226 0.22 -3.54 -10.75
CA PRO D 226 1.22 -3.79 -11.78
C PRO D 226 2.54 -4.23 -11.15
N SER D 227 3.29 -5.09 -11.82
CA SER D 227 4.56 -5.68 -11.32
C SER D 227 5.77 -4.94 -11.89
N ARG D 228 5.57 -4.10 -12.91
CA ARG D 228 6.67 -3.43 -13.67
C ARG D 228 6.51 -1.92 -13.54
N VAL D 229 7.49 -1.16 -14.00
CA VAL D 229 7.53 0.33 -13.91
C VAL D 229 7.91 0.91 -15.27
N PRO D 230 7.15 1.89 -15.79
CA PRO D 230 7.56 2.62 -16.99
C PRO D 230 8.97 3.22 -16.90
N ALA D 231 9.54 3.59 -18.04
CA ALA D 231 10.90 4.16 -18.17
C ALA D 231 11.06 5.30 -17.16
N PRO D 232 12.17 5.35 -16.39
CA PRO D 232 12.37 6.41 -15.40
C PRO D 232 12.21 7.83 -15.98
N GLU D 233 12.69 8.05 -17.20
CA GLU D 233 12.71 9.40 -17.84
C GLU D 233 11.28 9.94 -17.95
N ALA D 234 10.27 9.06 -18.08
CA ALA D 234 8.84 9.43 -18.24
C ALA D 234 8.30 10.06 -16.95
N PHE D 235 8.97 9.79 -15.82
CA PHE D 235 8.61 10.34 -14.48
C PHE D 235 9.33 11.67 -14.22
N ARG D 236 10.22 12.09 -15.13
CA ARG D 236 11.05 13.32 -14.93
C ARG D 236 10.87 14.28 -16.12
N ASP D 237 11.35 13.86 -17.29
CA ASP D 237 11.44 14.74 -18.49
C ASP D 237 10.06 14.87 -19.12
N PRO D 238 9.71 16.05 -19.67
CA PRO D 238 8.42 16.24 -20.33
C PRO D 238 8.30 15.35 -21.58
N ILE D 239 7.08 14.90 -21.85
CA ILE D 239 6.65 14.26 -23.14
C ILE D 239 6.22 15.39 -24.07
N TRP D 240 6.53 15.29 -25.36
CA TRP D 240 6.17 16.31 -26.38
C TRP D 240 5.26 15.65 -27.42
N SER D 241 4.05 16.18 -27.60
CA SER D 241 3.00 15.60 -28.48
C SER D 241 2.67 16.58 -29.61
N THR D 242 2.49 16.08 -30.83
CA THR D 242 2.18 16.88 -32.03
C THR D 242 0.69 17.26 -32.08
N TRP D 243 -0.16 16.60 -31.29
CA TRP D 243 -1.63 16.60 -31.51
C TRP D 243 -2.21 18.02 -31.40
N ALA D 244 -2.13 18.65 -30.23
CA ALA D 244 -2.73 19.98 -29.97
C ALA D 244 -2.01 21.06 -30.80
N LEU D 245 -0.71 20.91 -31.02
CA LEU D 245 0.11 21.93 -31.72
C LEU D 245 -0.29 21.97 -33.20
N TYR D 246 -0.25 20.83 -33.89
CA TYR D 246 -0.39 20.74 -35.38
C TYR D 246 -1.70 20.07 -35.80
N GLY D 247 -2.28 19.21 -34.95
CA GLY D 247 -3.45 18.38 -35.31
C GLY D 247 -3.15 17.43 -36.46
N ARG D 248 -4.15 17.16 -37.30
CA ARG D 248 -4.10 16.14 -38.38
C ARG D 248 -3.00 16.50 -39.38
N ALA D 249 -2.80 17.80 -39.61
CA ALA D 249 -1.90 18.35 -40.67
C ALA D 249 -0.42 18.09 -40.35
N VAL D 250 -0.09 17.49 -39.21
CA VAL D 250 1.33 17.12 -38.86
C VAL D 250 2.00 16.49 -40.09
N ASP D 251 3.29 16.78 -40.30
CA ASP D 251 4.10 16.24 -41.43
C ASP D 251 5.57 16.17 -40.98
N GLN D 252 6.45 15.66 -41.86
CA GLN D 252 7.88 15.41 -41.58
C GLN D 252 8.58 16.71 -41.18
N ASP D 253 8.26 17.81 -41.87
CA ASP D 253 8.87 19.15 -41.60
C ASP D 253 8.49 19.58 -40.17
N LYS D 254 7.21 19.49 -39.82
CA LYS D 254 6.64 20.00 -38.55
C LYS D 254 7.21 19.23 -37.36
N VAL D 255 7.37 17.90 -37.48
CA VAL D 255 7.97 17.04 -36.42
C VAL D 255 9.41 17.49 -36.16
N LEU D 256 10.18 17.74 -37.23
CA LEU D 256 11.61 18.13 -37.14
C LEU D 256 11.75 19.57 -36.62
N ARG D 257 10.90 20.50 -37.08
CA ARG D 257 10.85 21.90 -36.58
C ARG D 257 10.57 21.86 -35.07
N PHE D 258 9.63 21.02 -34.64
CA PHE D 258 9.21 20.83 -33.22
C PHE D 258 10.43 20.37 -32.40
N ALA D 259 11.07 19.27 -32.82
CA ALA D 259 12.27 18.68 -32.17
C ALA D 259 13.38 19.73 -32.07
N GLN D 260 13.60 20.51 -33.13
CA GLN D 260 14.59 21.62 -33.17
C GLN D 260 14.24 22.64 -32.08
N GLN D 261 12.98 23.09 -32.03
CA GLN D 261 12.50 24.19 -31.14
C GLN D 261 12.57 23.74 -29.67
N ILE D 262 12.33 22.45 -29.40
CA ILE D 262 12.42 21.82 -28.05
C ILE D 262 13.87 21.94 -27.54
N ARG D 263 14.85 21.62 -28.39
CA ARG D 263 16.29 21.69 -28.04
C ARG D 263 16.76 23.15 -27.99
N LEU D 264 16.30 24.01 -28.92
CA LEU D 264 16.68 25.45 -28.98
C LEU D 264 16.33 26.12 -27.64
N HIS D 265 15.21 25.73 -27.02
CA HIS D 265 14.69 26.32 -25.76
C HIS D 265 15.15 25.52 -24.53
N HIS D 266 16.07 24.57 -24.71
CA HIS D 266 16.82 23.88 -23.63
C HIS D 266 15.87 23.08 -22.73
N PHE D 267 15.04 22.21 -23.32
CA PHE D 267 14.20 21.23 -22.61
C PHE D 267 14.69 19.82 -22.89
N ASN D 268 14.66 18.95 -21.88
CA ASN D 268 14.79 17.48 -22.03
C ASN D 268 13.49 16.94 -22.65
N SER D 269 13.50 15.68 -23.08
CA SER D 269 12.30 14.93 -23.53
C SER D 269 12.37 13.50 -22.99
N SER D 270 11.27 13.00 -22.43
CA SER D 270 11.06 11.54 -22.24
C SER D 270 11.06 10.92 -23.64
N HIS D 271 10.24 11.50 -24.52
CA HIS D 271 10.04 11.07 -25.92
C HIS D 271 9.20 12.11 -26.68
N LEU D 272 9.22 12.01 -28.01
CA LEU D 272 8.35 12.79 -28.93
C LEU D 272 7.28 11.83 -29.44
N GLU D 273 6.01 12.24 -29.36
CA GLU D 273 4.84 11.40 -29.73
C GLU D 273 4.23 11.99 -31.02
N ILE D 274 4.41 11.28 -32.14
CA ILE D 274 3.83 11.68 -33.45
C ILE D 274 2.38 11.17 -33.48
N ASP D 275 1.42 12.09 -33.53
CA ASP D 275 -0.03 11.80 -33.37
C ASP D 275 -0.73 11.74 -34.73
N ASP D 276 -2.05 11.51 -34.71
CA ASP D 276 -2.99 11.62 -35.85
C ASP D 276 -2.63 12.89 -36.64
N MET D 277 -2.40 12.80 -37.97
CA MET D 277 -2.44 11.62 -38.83
C MET D 277 -1.11 11.53 -39.60
N TYR D 278 -0.43 10.37 -39.55
CA TYR D 278 0.84 10.12 -40.28
C TYR D 278 0.69 8.99 -41.31
N THR D 279 -0.48 8.36 -41.42
CA THR D 279 -0.75 7.23 -42.35
C THR D 279 -1.65 7.69 -43.50
N PRO D 280 -1.57 7.06 -44.70
CA PRO D 280 -2.39 7.46 -45.85
C PRO D 280 -3.89 7.42 -45.56
N ALA D 281 -4.34 6.36 -44.88
CA ALA D 281 -5.74 6.19 -44.38
C ALA D 281 -5.71 5.52 -43.02
N TYR D 282 -6.79 5.66 -42.26
CA TYR D 282 -6.95 5.06 -40.90
C TYR D 282 -7.16 3.55 -41.08
N GLY D 283 -6.22 2.76 -40.55
CA GLY D 283 -6.15 1.30 -40.74
C GLY D 283 -4.82 0.88 -41.37
N ASP D 284 -4.20 1.76 -42.16
CA ASP D 284 -2.82 1.56 -42.66
C ASP D 284 -1.85 1.84 -41.51
N PHE D 285 -0.70 1.17 -41.50
CA PHE D 285 0.28 1.22 -40.38
C PHE D 285 1.54 1.98 -40.78
N ASP D 286 1.83 2.14 -42.07
CA ASP D 286 3.08 2.80 -42.56
C ASP D 286 2.79 4.26 -42.91
N PHE D 287 3.85 5.06 -43.00
CA PHE D 287 3.83 6.54 -43.16
C PHE D 287 3.31 6.91 -44.55
N ASP D 288 2.47 7.96 -44.60
CA ASP D 288 2.03 8.66 -45.83
C ASP D 288 3.25 9.38 -46.43
N GLU D 289 3.73 8.91 -47.59
CA GLU D 289 4.97 9.42 -48.24
C GLU D 289 4.78 10.86 -48.76
N VAL D 290 3.54 11.33 -48.94
CA VAL D 290 3.24 12.74 -49.33
C VAL D 290 3.66 13.67 -48.19
N LYS D 291 3.27 13.36 -46.96
CA LYS D 291 3.53 14.19 -45.75
C LYS D 291 4.88 13.80 -45.12
N PHE D 292 5.38 12.58 -45.38
CA PHE D 292 6.63 12.03 -44.80
C PHE D 292 7.50 11.45 -45.93
N PRO D 293 8.11 12.32 -46.78
CA PRO D 293 8.90 11.86 -47.93
C PRO D 293 9.97 10.80 -47.64
N ASN D 294 10.60 10.85 -46.47
CA ASN D 294 11.68 9.92 -46.06
C ASN D 294 11.64 9.77 -44.53
N ALA D 295 10.71 8.94 -44.04
CA ALA D 295 10.48 8.68 -42.59
C ALA D 295 11.79 8.21 -41.93
N SER D 296 12.53 7.30 -42.57
CA SER D 296 13.82 6.75 -42.06
C SER D 296 14.77 7.89 -41.69
N ASP D 297 14.90 8.88 -42.58
CA ASP D 297 15.78 10.07 -42.38
C ASP D 297 15.24 10.91 -41.22
N MET D 298 13.92 11.08 -41.13
CA MET D 298 13.26 11.83 -40.04
C MET D 298 13.66 11.20 -38.71
N PHE D 299 13.55 9.88 -38.59
CA PHE D 299 13.83 9.12 -37.34
C PHE D 299 15.32 9.19 -37.01
N ARG D 300 16.19 9.15 -38.04
CA ARG D 300 17.66 9.30 -37.87
C ARG D 300 17.96 10.65 -37.22
N ARG D 301 17.40 11.73 -37.77
CA ARG D 301 17.61 13.12 -37.28
C ARG D 301 17.14 13.22 -35.82
N LEU D 302 15.98 12.64 -35.49
CA LEU D 302 15.40 12.65 -34.13
C LEU D 302 16.34 11.88 -33.18
N ARG D 303 16.88 10.74 -33.61
CA ARG D 303 17.87 9.94 -32.83
C ARG D 303 19.12 10.80 -32.59
N ASP D 304 19.64 11.48 -33.62
CA ASP D 304 20.84 12.35 -33.52
C ASP D 304 20.62 13.44 -32.45
N ALA D 305 19.38 13.92 -32.29
CA ALA D 305 19.00 14.97 -31.30
C ALA D 305 18.53 14.33 -29.98
N GLY D 306 18.75 13.02 -29.78
CA GLY D 306 18.51 12.32 -28.50
C GLY D 306 17.04 12.15 -28.17
N PHE D 307 16.16 12.12 -29.18
CA PHE D 307 14.70 11.89 -29.02
C PHE D 307 14.39 10.40 -29.17
N ARG D 308 13.81 9.80 -28.12
CA ARG D 308 13.00 8.56 -28.20
C ARG D 308 11.65 8.96 -28.82
N VAL D 309 11.00 8.06 -29.56
CA VAL D 309 9.78 8.40 -30.34
C VAL D 309 8.72 7.31 -30.14
N THR D 310 7.47 7.75 -29.94
CA THR D 310 6.26 6.88 -29.91
C THR D 310 5.31 7.31 -31.03
N LEU D 311 4.41 6.41 -31.43
CA LEU D 311 3.45 6.64 -32.55
C LEU D 311 2.01 6.40 -32.06
N TRP D 312 1.10 7.28 -32.46
CA TRP D 312 -0.35 7.19 -32.22
C TRP D 312 -0.93 6.03 -33.03
N VAL D 313 -1.63 5.10 -32.35
CA VAL D 313 -2.35 3.94 -32.96
C VAL D 313 -3.75 3.85 -32.36
N HIS D 314 -4.61 3.03 -32.98
CA HIS D 314 -6.06 2.92 -32.69
C HIS D 314 -6.56 1.54 -33.13
N PRO D 315 -7.75 1.10 -32.68
CA PRO D 315 -8.25 -0.23 -32.99
C PRO D 315 -9.11 -0.33 -34.26
N PHE D 316 -9.12 0.71 -35.10
CA PHE D 316 -10.05 0.84 -36.26
C PHE D 316 -9.32 0.56 -37.57
N VAL D 317 -10.10 0.15 -38.57
CA VAL D 317 -9.68 0.07 -40.00
C VAL D 317 -10.84 0.61 -40.84
N ASN D 318 -10.69 1.83 -41.37
CA ASN D 318 -11.73 2.53 -42.17
C ASN D 318 -11.93 1.75 -43.47
N TYR D 319 -13.06 1.96 -44.14
CA TYR D 319 -13.47 1.17 -45.33
C TYR D 319 -12.53 1.45 -46.50
N ASN D 320 -11.85 2.62 -46.53
CA ASN D 320 -10.92 3.01 -47.62
C ASN D 320 -9.46 2.83 -47.19
N SER D 321 -9.20 2.09 -46.11
CA SER D 321 -7.84 1.59 -45.78
C SER D 321 -7.49 0.44 -46.72
N SER D 322 -6.23 0.37 -47.17
CA SER D 322 -5.67 -0.74 -47.96
C SER D 322 -5.68 -2.05 -47.15
N ARG D 323 -6.03 -2.00 -45.86
CA ARG D 323 -6.01 -3.16 -44.94
C ARG D 323 -7.44 -3.61 -44.60
N PHE D 324 -8.48 -2.91 -45.09
CA PHE D 324 -9.90 -3.23 -44.79
C PHE D 324 -10.27 -4.60 -45.36
N GLY D 325 -10.01 -4.80 -46.66
CA GLY D 325 -10.28 -6.06 -47.37
C GLY D 325 -9.62 -7.23 -46.67
N GLU D 326 -8.35 -7.06 -46.30
CA GLU D 326 -7.55 -8.09 -45.57
C GLU D 326 -8.26 -8.43 -44.24
N GLY D 327 -8.73 -7.42 -43.51
CA GLY D 327 -9.47 -7.60 -42.24
C GLY D 327 -10.75 -8.38 -42.43
N VAL D 328 -11.55 -8.03 -43.46
CA VAL D 328 -12.85 -8.69 -43.77
C VAL D 328 -12.60 -10.18 -44.05
N GLU D 329 -11.70 -10.49 -44.97
CA GLU D 329 -11.46 -11.86 -45.50
C GLU D 329 -10.80 -12.72 -44.40
N ARG D 330 -9.99 -12.12 -43.53
CA ARG D 330 -9.28 -12.84 -42.43
C ARG D 330 -10.18 -12.92 -41.18
N GLU D 331 -11.30 -12.19 -41.16
CA GLU D 331 -12.34 -12.20 -40.08
C GLU D 331 -11.74 -11.67 -38.77
N LEU D 332 -11.01 -10.54 -38.84
CA LEU D 332 -10.27 -9.94 -37.69
C LEU D 332 -11.16 -8.95 -36.94
N PHE D 333 -12.36 -8.65 -37.44
CA PHE D 333 -13.19 -7.51 -36.96
C PHE D 333 -14.30 -7.99 -36.03
N VAL D 334 -14.74 -7.12 -35.13
CA VAL D 334 -15.97 -7.32 -34.32
C VAL D 334 -17.13 -7.47 -35.31
N ARG D 335 -18.03 -8.41 -35.04
CA ARG D 335 -19.05 -8.87 -36.02
C ARG D 335 -20.42 -8.36 -35.57
N GLU D 336 -21.38 -8.30 -36.49
CA GLU D 336 -22.82 -8.11 -36.18
C GLU D 336 -23.29 -9.33 -35.38
N PRO D 337 -24.46 -9.27 -34.70
CA PRO D 337 -24.88 -10.32 -33.76
C PRO D 337 -24.86 -11.78 -34.25
N THR D 338 -25.17 -12.05 -35.52
CA THR D 338 -25.26 -13.44 -36.06
C THR D 338 -23.85 -14.07 -36.15
N GLY D 339 -22.79 -13.27 -36.05
CA GLY D 339 -21.39 -13.74 -35.94
C GLY D 339 -20.78 -14.08 -37.29
N ARG D 340 -21.35 -13.61 -38.39
CA ARG D 340 -20.93 -14.02 -39.77
C ARG D 340 -20.10 -12.91 -40.43
N LEU D 341 -20.47 -11.63 -40.26
CA LEU D 341 -19.91 -10.48 -41.03
C LEU D 341 -19.36 -9.41 -40.09
N PRO D 342 -18.35 -8.63 -40.52
CA PRO D 342 -17.95 -7.43 -39.79
C PRO D 342 -19.13 -6.47 -39.56
N ALA D 343 -19.13 -5.81 -38.40
CA ALA D 343 -20.04 -4.68 -38.07
C ALA D 343 -19.29 -3.39 -38.34
N LEU D 344 -19.87 -2.47 -39.12
CA LEU D 344 -19.30 -1.12 -39.34
C LEU D 344 -19.46 -0.30 -38.04
N VAL D 345 -18.53 0.61 -37.78
CA VAL D 345 -18.55 1.51 -36.59
C VAL D 345 -18.19 2.93 -37.06
N ARG D 346 -18.70 3.93 -36.34
CA ARG D 346 -18.32 5.34 -36.52
C ARG D 346 -17.48 5.78 -35.32
N TRP D 347 -16.30 6.34 -35.59
CA TRP D 347 -15.47 7.08 -34.60
C TRP D 347 -15.18 8.47 -35.18
N TRP D 348 -14.44 9.30 -34.44
CA TRP D 348 -14.23 10.73 -34.80
C TRP D 348 -13.44 10.85 -36.10
N ASN D 349 -12.77 9.78 -36.56
CA ASN D 349 -11.95 9.78 -37.79
C ASN D 349 -12.61 8.99 -38.94
N GLY D 350 -13.88 8.57 -38.80
CA GLY D 350 -14.71 8.13 -39.92
C GLY D 350 -15.46 6.82 -39.67
N ILE D 351 -15.70 6.07 -40.75
CA ILE D 351 -16.51 4.82 -40.76
C ILE D 351 -15.60 3.65 -41.18
N GLY D 352 -15.65 2.55 -40.43
CA GLY D 352 -14.96 1.30 -40.76
C GLY D 352 -15.32 0.19 -39.79
N ALA D 353 -14.45 -0.80 -39.65
CA ALA D 353 -14.57 -1.91 -38.68
C ALA D 353 -13.63 -1.62 -37.52
N VAL D 354 -13.79 -2.37 -36.42
CA VAL D 354 -12.91 -2.31 -35.22
C VAL D 354 -12.37 -3.72 -34.98
N LEU D 355 -11.08 -3.83 -34.66
CA LEU D 355 -10.39 -5.14 -34.51
C LEU D 355 -10.95 -5.88 -33.29
N ASP D 356 -11.10 -7.20 -33.40
CA ASP D 356 -11.60 -8.07 -32.30
C ASP D 356 -10.41 -8.56 -31.49
N PHE D 357 -10.14 -7.95 -30.34
CA PHE D 357 -8.95 -8.27 -29.48
C PHE D 357 -9.24 -9.51 -28.62
N THR D 358 -10.39 -10.17 -28.80
CA THR D 358 -10.65 -11.54 -28.25
C THR D 358 -10.15 -12.60 -29.23
N HIS D 359 -9.85 -12.21 -30.48
CA HIS D 359 -9.42 -13.13 -31.57
C HIS D 359 -7.90 -13.15 -31.66
N PRO D 360 -7.24 -14.29 -31.35
CA PRO D 360 -5.79 -14.43 -31.48
C PRO D 360 -5.21 -13.96 -32.83
N LYS D 361 -5.89 -14.25 -33.94
CA LYS D 361 -5.45 -13.85 -35.32
C LYS D 361 -5.40 -12.32 -35.39
N ALA D 362 -6.40 -11.63 -34.85
CA ALA D 362 -6.51 -10.15 -34.85
C ALA D 362 -5.44 -9.55 -33.94
N ARG D 363 -5.15 -10.19 -32.80
CA ARG D 363 -4.13 -9.76 -31.82
C ARG D 363 -2.74 -9.87 -32.47
N ASP D 364 -2.41 -11.04 -33.03
CA ASP D 364 -1.09 -11.29 -33.70
C ASP D 364 -0.92 -10.31 -34.85
N TRP D 365 -2.00 -10.06 -35.60
CA TRP D 365 -2.02 -9.18 -36.80
C TRP D 365 -1.66 -7.75 -36.40
N PHE D 366 -2.35 -7.21 -35.38
CA PHE D 366 -2.10 -5.87 -34.79
C PHE D 366 -0.65 -5.83 -34.26
N GLN D 367 -0.28 -6.82 -33.43
CA GLN D 367 1.06 -6.90 -32.81
C GLN D 367 2.14 -6.92 -33.90
N GLY D 368 1.91 -7.71 -34.96
CA GLY D 368 2.83 -7.80 -36.11
C GLY D 368 3.19 -6.43 -36.68
N HIS D 369 2.19 -5.58 -36.89
CA HIS D 369 2.35 -4.22 -37.47
C HIS D 369 3.11 -3.31 -36.50
N LEU D 370 2.84 -3.43 -35.19
CA LEU D 370 3.56 -2.65 -34.14
C LEU D 370 5.04 -3.06 -34.14
N ARG D 371 5.33 -4.37 -34.19
CA ARG D 371 6.71 -4.91 -34.19
C ARG D 371 7.47 -4.41 -35.43
N ARG D 372 6.78 -4.34 -36.59
CA ARG D 372 7.40 -3.88 -37.87
C ARG D 372 7.79 -2.41 -37.75
N LEU D 373 6.91 -1.56 -37.20
CA LEU D 373 7.20 -0.12 -36.97
C LEU D 373 8.41 0.02 -36.04
N ARG D 374 8.50 -0.87 -35.05
CA ARG D 374 9.62 -0.90 -34.07
C ARG D 374 10.95 -1.20 -34.78
N SER D 375 11.04 -2.34 -35.49
CA SER D 375 12.27 -2.80 -36.19
C SER D 375 12.65 -1.81 -37.31
N ARG D 376 11.65 -1.31 -38.05
CA ARG D 376 11.87 -0.43 -39.23
C ARG D 376 12.42 0.92 -38.79
N TYR D 377 11.82 1.56 -37.77
CA TYR D 377 12.04 2.99 -37.43
C TYR D 377 12.62 3.17 -36.02
N SER D 378 12.86 2.10 -35.25
CA SER D 378 13.37 2.14 -33.86
C SER D 378 12.43 2.97 -32.97
N VAL D 379 11.13 2.91 -33.26
CA VAL D 379 10.05 3.48 -32.39
C VAL D 379 10.11 2.73 -31.06
N ALA D 380 9.98 3.44 -29.94
CA ALA D 380 10.12 2.85 -28.59
C ALA D 380 8.82 2.14 -28.20
N SER D 381 7.68 2.81 -28.39
CA SER D 381 6.35 2.32 -27.97
C SER D 381 5.25 3.07 -28.72
N PHE D 382 3.99 2.99 -28.25
CA PHE D 382 2.81 3.55 -28.96
C PHE D 382 1.84 4.19 -27.97
N LYS D 383 1.15 5.23 -28.43
CA LYS D 383 -0.05 5.79 -27.77
C LYS D 383 -1.26 5.05 -28.35
N PHE D 384 -1.91 4.23 -27.53
CA PHE D 384 -3.10 3.42 -27.89
C PHE D 384 -4.35 4.26 -27.62
N ASP D 385 -4.87 4.90 -28.67
CA ASP D 385 -6.01 5.85 -28.56
C ASP D 385 -7.32 5.05 -28.70
N ALA D 386 -8.44 5.69 -28.36
CA ALA D 386 -9.77 5.07 -28.27
C ALA D 386 -9.71 3.90 -27.28
N GLY D 387 -10.49 2.83 -27.51
CA GLY D 387 -10.53 1.63 -26.68
C GLY D 387 -11.83 1.51 -25.89
N GLU D 388 -12.71 2.51 -26.00
CA GLU D 388 -14.05 2.52 -25.34
C GLU D 388 -15.00 1.67 -26.19
N VAL D 389 -15.94 0.96 -25.54
CA VAL D 389 -16.92 0.07 -26.21
C VAL D 389 -18.09 0.92 -26.74
N SER D 390 -18.15 2.20 -26.36
CA SER D 390 -19.11 3.16 -26.99
C SER D 390 -18.83 3.25 -28.49
N TYR D 391 -17.64 2.81 -28.96
CA TYR D 391 -17.26 2.77 -30.40
C TYR D 391 -17.52 1.37 -31.02
N LEU D 392 -17.90 0.37 -30.23
CA LEU D 392 -18.40 -0.92 -30.77
C LEU D 392 -19.90 -0.75 -31.01
N PRO D 393 -20.56 -1.59 -31.83
CA PRO D 393 -22.01 -1.49 -32.03
C PRO D 393 -22.76 -1.81 -30.71
N ARG D 394 -23.99 -1.33 -30.55
CA ARG D 394 -24.86 -1.64 -29.38
C ARG D 394 -24.90 -3.17 -29.20
N ASP D 395 -25.29 -3.90 -30.25
CA ASP D 395 -25.31 -5.39 -30.30
C ASP D 395 -24.20 -5.90 -31.24
N PHE D 396 -23.28 -6.72 -30.71
CA PHE D 396 -22.13 -7.27 -31.47
C PHE D 396 -21.82 -8.70 -31.04
N SER D 397 -20.95 -9.38 -31.79
CA SER D 397 -20.37 -10.69 -31.45
C SER D 397 -18.86 -10.64 -31.67
N THR D 398 -18.10 -11.46 -30.94
CA THR D 398 -16.62 -11.57 -30.99
C THR D 398 -16.22 -13.05 -30.95
N TYR D 399 -15.00 -13.37 -31.37
CA TYR D 399 -14.43 -14.75 -31.44
C TYR D 399 -14.70 -15.48 -30.11
N ARG D 400 -14.47 -14.83 -28.97
CA ARG D 400 -14.89 -15.31 -27.62
C ARG D 400 -16.01 -14.43 -27.10
N PRO D 401 -17.15 -14.99 -26.65
CA PRO D 401 -18.29 -14.19 -26.21
C PRO D 401 -17.92 -13.28 -25.03
N LEU D 402 -18.42 -12.05 -25.03
CA LEU D 402 -18.16 -11.03 -23.97
C LEU D 402 -19.50 -10.63 -23.37
N PRO D 403 -20.01 -11.38 -22.37
CA PRO D 403 -21.23 -10.99 -21.66
C PRO D 403 -21.09 -9.55 -21.15
N ASP D 404 -19.91 -9.23 -20.61
CA ASP D 404 -19.47 -7.86 -20.22
C ASP D 404 -18.71 -7.23 -21.39
N PRO D 405 -19.28 -6.22 -22.09
CA PRO D 405 -18.63 -5.66 -23.27
C PRO D 405 -17.27 -4.98 -22.96
N SER D 406 -17.11 -4.42 -21.76
CA SER D 406 -15.92 -3.60 -21.38
C SER D 406 -14.66 -4.48 -21.32
N VAL D 407 -14.80 -5.79 -21.22
CA VAL D 407 -13.64 -6.73 -21.25
C VAL D 407 -12.92 -6.56 -22.60
N TRP D 408 -13.63 -6.09 -23.64
CA TRP D 408 -13.03 -5.74 -24.95
C TRP D 408 -11.98 -4.64 -24.71
N SER D 409 -12.34 -3.57 -24.01
CA SER D 409 -11.42 -2.47 -23.59
C SER D 409 -10.17 -3.07 -22.92
N ARG D 410 -10.35 -3.98 -21.96
CA ARG D 410 -9.25 -4.75 -21.30
C ARG D 410 -8.39 -5.44 -22.37
N ARG D 411 -9.00 -6.13 -23.34
CA ARG D 411 -8.24 -6.93 -24.33
C ARG D 411 -7.41 -5.99 -25.21
N TYR D 412 -7.94 -4.79 -25.53
CA TYR D 412 -7.20 -3.75 -26.28
C TYR D 412 -5.99 -3.31 -25.44
N THR D 413 -6.17 -3.06 -24.14
CA THR D 413 -5.07 -2.55 -23.26
C THR D 413 -3.95 -3.57 -23.19
N GLU D 414 -4.23 -4.87 -23.41
CA GLU D 414 -3.22 -5.95 -23.40
C GLU D 414 -2.20 -5.73 -24.53
N MET D 415 -2.58 -5.06 -25.61
CA MET D 415 -1.69 -4.78 -26.78
C MET D 415 -0.52 -3.87 -26.37
N ALA D 416 -0.61 -3.17 -25.24
CA ALA D 416 0.46 -2.30 -24.70
C ALA D 416 1.53 -3.14 -23.99
N LEU D 417 1.17 -4.33 -23.50
CA LEU D 417 2.05 -5.15 -22.60
C LEU D 417 3.44 -5.32 -23.21
N PRO D 418 3.60 -5.69 -24.50
CA PRO D 418 4.93 -5.90 -25.08
C PRO D 418 5.75 -4.61 -25.26
N PHE D 419 5.12 -3.45 -25.18
CA PHE D 419 5.78 -2.12 -25.37
C PHE D 419 5.52 -1.22 -24.14
N PHE D 420 5.29 -1.83 -22.97
CA PHE D 420 4.70 -1.16 -21.77
C PHE D 420 5.55 0.04 -21.32
N SER D 421 6.87 0.00 -21.52
CA SER D 421 7.84 0.93 -20.85
C SER D 421 7.56 2.40 -21.22
N LEU D 422 7.12 2.70 -22.45
CA LEU D 422 6.75 4.08 -22.87
C LEU D 422 5.35 4.09 -23.52
N ALA D 423 4.54 3.06 -23.28
CA ALA D 423 3.15 2.97 -23.78
C ALA D 423 2.24 3.86 -22.92
N GLU D 424 1.18 4.40 -23.53
CA GLU D 424 0.01 4.94 -22.80
C GLU D 424 -1.28 4.37 -23.44
N VAL D 425 -2.31 4.23 -22.61
CA VAL D 425 -3.70 3.89 -22.99
C VAL D 425 -4.61 4.92 -22.32
N ARG D 426 -5.85 5.07 -22.79
CA ARG D 426 -6.83 6.01 -22.18
C ARG D 426 -8.06 5.26 -21.70
N VAL D 427 -8.01 3.92 -21.65
CA VAL D 427 -9.09 3.06 -21.08
C VAL D 427 -8.46 2.09 -20.08
N GLY D 428 -9.25 1.68 -19.09
CA GLY D 428 -8.86 0.67 -18.09
C GLY D 428 -10.09 -0.02 -17.54
N TYR D 429 -10.18 -1.33 -17.76
CA TYR D 429 -11.26 -2.20 -17.21
C TYR D 429 -10.57 -3.44 -16.66
N GLN D 430 -10.30 -3.44 -15.35
CA GLN D 430 -9.45 -4.45 -14.70
C GLN D 430 -8.14 -4.54 -15.48
N SER D 431 -7.58 -3.39 -15.87
CA SER D 431 -6.30 -3.24 -16.62
C SER D 431 -5.13 -2.86 -15.68
N GLN D 432 -5.37 -2.84 -14.36
CA GLN D 432 -4.40 -2.29 -13.36
C GLN D 432 -3.05 -3.01 -13.44
N ASN D 433 -3.01 -4.29 -13.78
CA ASN D 433 -1.75 -5.09 -13.78
C ASN D 433 -0.96 -4.85 -15.07
N ILE D 434 -1.45 -4.00 -15.97
CA ILE D 434 -0.70 -3.58 -17.20
C ILE D 434 0.15 -2.36 -16.81
N SER D 435 1.48 -2.52 -16.80
CA SER D 435 2.42 -1.57 -16.16
C SER D 435 2.76 -0.40 -17.07
N CYS D 436 1.81 0.13 -17.83
CA CYS D 436 2.00 1.33 -18.69
C CYS D 436 1.30 2.54 -18.03
N PHE D 437 1.43 3.70 -18.66
CA PHE D 437 0.76 4.95 -18.24
C PHE D 437 -0.70 4.92 -18.71
N PHE D 438 -1.58 5.50 -17.88
CA PHE D 438 -3.02 5.67 -18.17
C PHE D 438 -3.30 7.16 -18.29
N ARG D 439 -3.78 7.59 -19.47
CA ARG D 439 -4.01 9.01 -19.79
C ARG D 439 -5.47 9.36 -19.52
N LEU D 440 -5.70 10.47 -18.81
CA LEU D 440 -7.06 11.05 -18.67
C LEU D 440 -7.59 11.35 -20.07
N VAL D 441 -8.89 11.18 -20.28
CA VAL D 441 -9.53 11.52 -21.59
C VAL D 441 -9.31 13.01 -21.85
N ASP D 442 -9.13 13.34 -23.14
CA ASP D 442 -8.70 14.66 -23.71
C ASP D 442 -9.31 15.81 -22.89
N ARG D 443 -8.46 16.62 -22.25
CA ARG D 443 -8.87 17.80 -21.44
C ARG D 443 -9.10 19.00 -22.37
N ASP D 444 -10.00 19.91 -21.99
CA ASP D 444 -10.28 21.17 -22.73
C ASP D 444 -9.55 22.34 -22.06
N SER D 445 -9.17 23.33 -22.86
CA SER D 445 -8.46 24.57 -22.44
C SER D 445 -9.45 25.52 -21.77
N VAL D 446 -10.11 25.05 -20.72
CA VAL D 446 -11.06 25.82 -19.85
C VAL D 446 -10.63 25.64 -18.39
N TRP D 447 -11.19 26.42 -17.46
CA TRP D 447 -10.77 26.48 -16.03
C TRP D 447 -11.50 25.43 -15.19
N GLY D 448 -12.67 24.98 -15.64
CA GLY D 448 -13.69 24.34 -14.79
C GLY D 448 -13.48 22.85 -14.59
N TYR D 449 -14.47 22.21 -13.96
CA TYR D 449 -14.52 20.76 -13.65
C TYR D 449 -14.93 19.95 -14.90
N ASP D 450 -15.46 20.62 -15.92
CA ASP D 450 -15.84 19.99 -17.22
C ASP D 450 -14.58 19.86 -18.10
N LEU D 451 -13.70 18.91 -17.77
CA LEU D 451 -12.47 18.54 -18.54
C LEU D 451 -11.45 19.68 -18.49
N GLY D 452 -11.65 20.66 -17.59
CA GLY D 452 -10.78 21.83 -17.44
C GLY D 452 -9.74 21.65 -16.35
N LEU D 453 -9.07 22.73 -15.96
CA LEU D 453 -7.97 22.74 -14.95
C LEU D 453 -8.48 22.17 -13.61
N ARG D 454 -9.69 22.55 -13.18
CA ARG D 454 -10.25 22.13 -11.86
C ARG D 454 -10.68 20.66 -11.90
N SER D 455 -10.78 20.06 -13.09
CA SER D 455 -11.05 18.61 -13.30
C SER D 455 -9.80 17.77 -12.99
N LEU D 456 -8.60 18.33 -13.13
CA LEU D 456 -7.34 17.53 -13.13
C LEU D 456 -7.22 16.74 -11.82
N ILE D 457 -7.40 17.38 -10.67
CA ILE D 457 -7.12 16.73 -9.36
C ILE D 457 -8.21 15.69 -9.06
N PRO D 458 -9.52 16.02 -9.18
CA PRO D 458 -10.57 15.01 -9.08
C PRO D 458 -10.34 13.76 -9.97
N ALA D 459 -9.98 13.97 -11.24
CA ALA D 459 -9.79 12.87 -12.23
C ALA D 459 -8.58 12.02 -11.81
N VAL D 460 -7.44 12.65 -11.53
CA VAL D 460 -6.19 11.92 -11.15
C VAL D 460 -6.46 11.10 -9.89
N LEU D 461 -7.13 11.68 -8.89
CA LEU D 461 -7.45 11.00 -7.61
C LEU D 461 -8.40 9.82 -7.86
N THR D 462 -9.47 10.04 -8.64
CA THR D 462 -10.44 9.00 -9.06
C THR D 462 -9.69 7.82 -9.67
N VAL D 463 -8.84 8.08 -10.65
CA VAL D 463 -8.06 7.02 -11.35
C VAL D 463 -7.10 6.36 -10.35
N SER D 464 -6.52 7.12 -9.41
CA SER D 464 -5.65 6.58 -8.32
C SER D 464 -6.46 5.63 -7.42
N MET D 465 -7.71 5.99 -7.08
CA MET D 465 -8.63 5.16 -6.25
C MET D 465 -8.82 3.79 -6.92
N LEU D 466 -8.84 3.73 -8.25
CA LEU D 466 -9.13 2.49 -9.00
C LEU D 466 -7.84 1.68 -9.17
N GLY D 467 -6.74 2.07 -8.53
CA GLY D 467 -5.50 1.29 -8.43
C GLY D 467 -4.62 1.37 -9.67
N TYR D 468 -4.72 2.44 -10.45
CA TYR D 468 -3.82 2.76 -11.59
C TYR D 468 -2.82 3.81 -11.13
N PRO D 469 -1.57 3.43 -10.75
CA PRO D 469 -0.61 4.40 -10.22
C PRO D 469 0.00 5.38 -11.23
N PHE D 470 0.25 4.90 -12.46
CA PHE D 470 1.04 5.65 -13.49
C PHE D 470 0.07 6.44 -14.35
N ILE D 471 -0.26 7.65 -13.90
CA ILE D 471 -1.33 8.52 -14.49
C ILE D 471 -0.67 9.66 -15.28
N LEU D 472 -1.20 9.92 -16.47
CA LEU D 472 -0.79 11.04 -17.33
C LEU D 472 -1.99 11.96 -17.52
N PRO D 473 -2.03 13.14 -16.86
CA PRO D 473 -3.19 14.04 -16.96
C PRO D 473 -3.27 14.80 -18.30
N ASP D 474 -3.05 14.11 -19.42
CA ASP D 474 -3.22 14.62 -20.80
C ASP D 474 -2.27 15.81 -21.03
N MET D 475 -2.70 16.84 -21.77
CA MET D 475 -1.85 17.94 -22.33
C MET D 475 -1.87 19.15 -21.37
N VAL D 476 -0.70 19.72 -21.06
CA VAL D 476 -0.60 21.03 -20.37
C VAL D 476 -1.41 22.04 -21.18
N GLY D 477 -2.41 22.67 -20.55
CA GLY D 477 -3.24 23.74 -21.13
C GLY D 477 -4.46 23.20 -21.88
N GLY D 478 -4.60 21.87 -22.00
CA GLY D 478 -5.69 21.23 -22.76
C GLY D 478 -5.40 21.16 -24.25
N ASN D 479 -6.40 20.78 -25.03
CA ASN D 479 -6.26 20.36 -26.45
C ASN D 479 -6.57 21.53 -27.40
N ALA D 480 -7.01 22.68 -26.87
CA ALA D 480 -7.20 23.95 -27.62
C ALA D 480 -8.22 23.74 -28.75
N VAL D 481 -9.36 23.13 -28.43
CA VAL D 481 -10.46 22.88 -29.42
C VAL D 481 -11.21 24.20 -29.61
N PRO D 482 -11.37 24.68 -30.87
CA PRO D 482 -12.20 25.86 -31.14
C PRO D 482 -13.55 25.74 -30.44
N GLN D 483 -14.01 26.85 -29.83
CA GLN D 483 -15.31 27.00 -29.12
C GLN D 483 -15.24 26.38 -27.71
N ARG D 484 -14.14 25.69 -27.37
CA ARG D 484 -13.91 25.06 -26.04
C ARG D 484 -12.52 25.45 -25.53
N THR D 485 -12.11 26.70 -25.78
CA THR D 485 -10.78 27.24 -25.45
C THR D 485 -10.95 28.67 -24.88
N ALA D 486 -10.81 28.83 -23.57
CA ALA D 486 -10.65 30.14 -22.90
C ALA D 486 -9.35 30.78 -23.42
N GLY D 487 -9.46 31.69 -24.40
CA GLY D 487 -8.30 32.37 -25.05
C GLY D 487 -8.32 32.30 -26.57
N GLY D 488 -9.28 31.60 -27.19
CA GLY D 488 -9.48 31.56 -28.65
C GLY D 488 -8.68 30.45 -29.35
N ASP D 489 -7.52 30.81 -29.91
CA ASP D 489 -6.62 29.92 -30.72
C ASP D 489 -5.92 28.93 -29.78
N VAL D 490 -5.47 29.41 -28.62
CA VAL D 490 -4.66 28.63 -27.62
C VAL D 490 -5.16 29.01 -26.23
N PRO D 491 -4.95 28.16 -25.20
CA PRO D 491 -5.33 28.52 -23.84
C PRO D 491 -4.74 29.88 -23.43
N GLU D 492 -5.52 30.74 -22.76
CA GLU D 492 -5.02 32.03 -22.24
C GLU D 492 -3.77 31.77 -21.38
N ARG D 493 -2.87 32.75 -21.40
CA ARG D 493 -1.53 32.72 -20.76
C ARG D 493 -1.62 32.23 -19.31
N GLU D 494 -2.59 32.76 -18.54
CA GLU D 494 -2.71 32.48 -17.08
C GLU D 494 -3.15 31.02 -16.88
N LEU D 495 -4.13 30.55 -17.67
CA LEU D 495 -4.62 29.14 -17.62
C LEU D 495 -3.46 28.20 -17.93
N TYR D 496 -2.71 28.47 -19.01
CA TYR D 496 -1.52 27.68 -19.45
C TYR D 496 -0.50 27.59 -18.30
N ILE D 497 -0.21 28.70 -17.63
CA ILE D 497 0.82 28.78 -16.54
C ILE D 497 0.34 27.95 -15.35
N ARG D 498 -0.88 28.20 -14.86
CA ARG D 498 -1.41 27.50 -13.66
C ARG D 498 -1.49 25.99 -13.94
N TRP D 499 -1.90 25.60 -15.15
CA TRP D 499 -2.01 24.18 -15.58
C TRP D 499 -0.61 23.52 -15.57
N LEU D 500 0.37 24.17 -16.18
CA LEU D 500 1.79 23.70 -16.25
C LEU D 500 2.28 23.39 -14.84
N GLU D 501 1.96 24.25 -13.88
CA GLU D 501 2.43 24.15 -12.47
C GLU D 501 1.84 22.90 -11.81
N VAL D 502 0.54 22.65 -11.97
CA VAL D 502 -0.14 21.44 -11.42
C VAL D 502 0.45 20.21 -12.12
N ALA D 503 0.63 20.28 -13.44
CA ALA D 503 1.10 19.17 -14.29
C ALA D 503 2.53 18.76 -13.89
N ALA D 504 3.33 19.69 -13.38
CA ALA D 504 4.74 19.44 -12.98
C ALA D 504 4.82 18.46 -11.79
N PHE D 505 3.73 18.31 -11.04
CA PHE D 505 3.67 17.53 -9.78
C PHE D 505 2.94 16.19 -9.97
N MET D 506 2.51 15.86 -11.20
CA MET D 506 1.79 14.61 -11.52
C MET D 506 2.79 13.59 -12.04
N PRO D 507 2.47 12.27 -12.05
CA PRO D 507 3.46 11.25 -12.41
C PRO D 507 4.14 11.46 -13.77
N ALA D 508 3.40 11.89 -14.79
CA ALA D 508 3.94 12.17 -16.14
C ALA D 508 3.44 13.54 -16.61
N MET D 509 4.29 14.28 -17.32
CA MET D 509 4.03 15.66 -17.79
C MET D 509 4.15 15.67 -19.31
N GLN D 510 3.14 16.19 -20.01
CA GLN D 510 3.11 16.19 -21.49
C GLN D 510 2.76 17.59 -21.99
N PHE D 511 3.66 18.17 -22.77
CA PHE D 511 3.45 19.41 -23.55
C PHE D 511 3.01 19.04 -24.96
N SER D 512 2.09 19.82 -25.53
CA SER D 512 1.83 19.86 -26.99
C SER D 512 2.03 21.30 -27.47
N ILE D 513 1.12 22.20 -27.13
CA ILE D 513 1.35 23.67 -27.30
C ILE D 513 2.50 24.04 -26.37
N PRO D 514 3.67 24.44 -26.90
CA PRO D 514 4.87 24.60 -26.07
C PRO D 514 4.91 25.96 -25.39
N PRO D 515 5.76 26.12 -24.35
CA PRO D 515 5.88 27.39 -23.63
C PRO D 515 6.21 28.60 -24.51
N TRP D 516 7.07 28.41 -25.53
CA TRP D 516 7.60 29.50 -26.39
C TRP D 516 6.54 30.00 -27.36
N ARG D 517 5.34 29.41 -27.35
CA ARG D 517 4.16 29.94 -28.09
C ARG D 517 3.67 31.22 -27.41
N TYR D 518 4.04 31.46 -26.15
CA TYR D 518 3.55 32.59 -25.32
C TYR D 518 4.61 33.72 -25.30
N ASP D 519 5.63 33.59 -24.45
CA ASP D 519 6.68 34.63 -24.24
C ASP D 519 7.80 34.02 -23.37
N ALA D 520 8.90 34.75 -23.22
CA ALA D 520 10.14 34.32 -22.53
C ALA D 520 9.87 34.01 -21.06
N GLU D 521 8.92 34.71 -20.42
CA GLU D 521 8.59 34.50 -18.98
C GLU D 521 7.94 33.13 -18.84
N VAL D 522 6.97 32.81 -19.70
CA VAL D 522 6.30 31.48 -19.72
C VAL D 522 7.36 30.40 -19.93
N VAL D 523 8.30 30.60 -20.85
CA VAL D 523 9.42 29.65 -21.12
C VAL D 523 10.25 29.51 -19.83
N ALA D 524 10.51 30.62 -19.14
CA ALA D 524 11.30 30.66 -17.89
C ALA D 524 10.54 29.90 -16.79
N ILE D 525 9.23 30.09 -16.69
CA ILE D 525 8.36 29.37 -15.72
C ILE D 525 8.45 27.86 -16.00
N ALA D 526 8.39 27.47 -17.27
CA ALA D 526 8.48 26.04 -17.70
C ALA D 526 9.82 25.45 -17.25
N GLN D 527 10.93 26.15 -17.52
CA GLN D 527 12.31 25.69 -17.19
C GLN D 527 12.45 25.56 -15.67
N LYS D 528 11.82 26.47 -14.91
CA LYS D 528 11.84 26.47 -13.42
C LYS D 528 11.15 25.21 -12.90
N PHE D 529 9.97 24.89 -13.41
CA PHE D 529 9.15 23.74 -12.94
C PHE D 529 9.75 22.44 -13.47
N ALA D 530 10.39 22.45 -14.64
CA ALA D 530 11.16 21.30 -15.19
C ALA D 530 12.31 20.97 -14.23
N ALA D 531 13.01 22.00 -13.75
CA ALA D 531 14.15 21.86 -12.81
C ALA D 531 13.65 21.37 -11.44
N LEU D 532 12.54 21.94 -10.95
CA LEU D 532 11.91 21.59 -9.65
C LEU D 532 11.41 20.14 -9.72
N ARG D 533 10.80 19.76 -10.84
CA ARG D 533 10.33 18.38 -11.10
C ARG D 533 11.51 17.41 -11.04
N ALA D 534 12.65 17.80 -11.61
CA ALA D 534 13.87 16.94 -11.69
C ALA D 534 14.46 16.72 -10.29
N SER D 535 14.47 17.74 -9.44
CA SER D 535 15.22 17.74 -8.16
C SER D 535 14.34 17.27 -7.00
N LEU D 536 13.04 17.63 -6.98
CA LEU D 536 12.11 17.34 -5.87
C LEU D 536 11.14 16.22 -6.22
N VAL D 537 10.40 16.33 -7.33
CA VAL D 537 9.20 15.51 -7.64
C VAL D 537 9.62 14.14 -8.19
N ALA D 538 10.47 14.12 -9.21
CA ALA D 538 10.87 12.90 -9.97
C ALA D 538 11.45 11.83 -9.03
N PRO D 539 12.42 12.16 -8.13
CA PRO D 539 12.99 11.15 -7.23
C PRO D 539 11.90 10.45 -6.41
N LEU D 540 10.90 11.20 -5.94
CA LEU D 540 9.78 10.69 -5.13
C LEU D 540 8.85 9.82 -5.99
N LEU D 541 8.49 10.27 -7.18
CA LEU D 541 7.63 9.52 -8.14
C LEU D 541 8.25 8.15 -8.41
N LEU D 542 9.54 8.11 -8.72
CA LEU D 542 10.28 6.85 -9.02
C LEU D 542 10.26 5.92 -7.80
N GLU D 543 10.52 6.46 -6.61
CA GLU D 543 10.55 5.66 -5.37
C GLU D 543 9.17 5.04 -5.15
N LEU D 544 8.11 5.85 -5.30
CA LEU D 544 6.70 5.42 -5.07
C LEU D 544 6.26 4.45 -6.17
N ALA D 545 6.76 4.65 -7.39
CA ALA D 545 6.50 3.76 -8.55
C ALA D 545 7.07 2.36 -8.26
N GLY D 546 8.28 2.31 -7.71
CA GLY D 546 8.99 1.08 -7.31
C GLY D 546 8.30 0.38 -6.15
N GLU D 547 7.54 1.10 -5.32
CA GLU D 547 6.87 0.54 -4.12
C GLU D 547 5.60 -0.21 -4.53
N VAL D 548 4.98 0.19 -5.65
CA VAL D 548 3.63 -0.27 -6.08
C VAL D 548 3.56 -1.80 -6.04
N THR D 549 4.57 -2.48 -6.57
CA THR D 549 4.59 -3.96 -6.68
C THR D 549 4.38 -4.57 -5.28
N ASP D 550 4.97 -3.98 -4.24
CA ASP D 550 4.85 -4.48 -2.84
C ASP D 550 3.53 -4.02 -2.20
N THR D 551 3.25 -2.73 -2.22
CA THR D 551 2.20 -2.08 -1.38
C THR D 551 0.86 -2.01 -2.11
N GLY D 552 0.85 -1.99 -3.44
CA GLY D 552 -0.35 -1.75 -4.26
C GLY D 552 -0.91 -0.34 -4.09
N ASP D 553 -0.18 0.54 -3.39
CA ASP D 553 -0.63 1.92 -3.07
C ASP D 553 -0.38 2.82 -4.29
N PRO D 554 -1.27 3.80 -4.55
CA PRO D 554 -1.07 4.73 -5.65
C PRO D 554 0.02 5.77 -5.37
N ILE D 555 0.44 6.50 -6.39
CA ILE D 555 1.49 7.56 -6.32
C ILE D 555 0.83 8.87 -5.86
N VAL D 556 -0.21 9.30 -6.57
CA VAL D 556 -1.01 10.51 -6.25
C VAL D 556 -2.11 10.12 -5.27
N ARG D 557 -2.17 10.77 -4.10
CA ARG D 557 -3.07 10.38 -3.00
C ARG D 557 -3.91 11.57 -2.56
N PRO D 558 -5.16 11.35 -2.10
CA PRO D 558 -5.97 12.41 -1.51
C PRO D 558 -5.43 12.78 -0.13
N LEU D 559 -5.71 14.01 0.34
CA LEU D 559 -5.28 14.46 1.68
C LEU D 559 -5.75 13.44 2.73
N TRP D 560 -6.95 12.87 2.56
CA TRP D 560 -7.56 11.98 3.57
C TRP D 560 -6.79 10.65 3.70
N TRP D 561 -5.89 10.35 2.75
CA TRP D 561 -5.02 9.15 2.82
C TRP D 561 -4.27 9.12 4.16
N ILE D 562 -3.63 10.23 4.56
CA ILE D 562 -2.84 10.34 5.83
C ILE D 562 -3.72 10.90 6.96
N ALA D 563 -4.85 11.52 6.64
CA ALA D 563 -5.79 12.12 7.63
C ALA D 563 -7.19 11.54 7.44
N PRO D 564 -7.37 10.21 7.61
CA PRO D 564 -8.64 9.57 7.28
C PRO D 564 -9.83 9.96 8.17
N GLY D 565 -9.58 10.51 9.37
CA GLY D 565 -10.63 10.94 10.30
C GLY D 565 -10.88 12.44 10.22
N ASP D 566 -10.38 13.11 9.17
CA ASP D 566 -10.39 14.58 9.03
C ASP D 566 -11.49 14.98 8.03
N GLU D 567 -12.63 15.47 8.52
CA GLU D 567 -13.81 15.89 7.71
C GLU D 567 -13.40 16.90 6.63
N THR D 568 -12.40 17.75 6.89
CA THR D 568 -11.94 18.80 5.95
C THR D 568 -11.15 18.13 4.82
N ALA D 569 -10.28 17.18 5.15
CA ALA D 569 -9.50 16.37 4.20
C ALA D 569 -10.44 15.59 3.27
N HIS D 570 -11.59 15.11 3.78
CA HIS D 570 -12.58 14.34 2.99
C HIS D 570 -13.10 15.19 1.82
N ARG D 571 -13.19 16.52 1.99
CA ARG D 571 -13.89 17.46 1.08
C ARG D 571 -12.94 18.10 0.05
N ILE D 572 -11.64 18.17 0.34
CA ILE D 572 -10.64 18.96 -0.45
C ILE D 572 -10.49 18.39 -1.86
N ASP D 573 -10.73 19.20 -2.89
CA ASP D 573 -10.54 18.86 -4.33
C ASP D 573 -9.44 19.71 -4.98
N SER D 574 -8.77 20.55 -4.19
CA SER D 574 -7.81 21.58 -4.68
C SER D 574 -6.38 21.23 -4.25
N GLN D 575 -6.19 20.14 -3.50
CA GLN D 575 -4.89 19.72 -2.96
C GLN D 575 -4.74 18.21 -3.13
N PHE D 576 -3.49 17.73 -3.16
CA PHE D 576 -3.18 16.28 -3.30
C PHE D 576 -1.81 16.03 -2.70
N LEU D 577 -1.51 14.75 -2.44
CA LEU D 577 -0.20 14.27 -1.94
C LEU D 577 0.50 13.52 -3.07
N ILE D 578 1.84 13.58 -3.07
CA ILE D 578 2.72 12.59 -3.75
C ILE D 578 3.30 11.71 -2.64
N GLY D 579 2.92 10.44 -2.60
CA GLY D 579 3.12 9.59 -1.40
C GLY D 579 2.46 10.22 -0.19
N ASP D 580 3.08 10.09 0.99
CA ASP D 580 2.52 10.56 2.27
C ASP D 580 3.21 11.88 2.69
N THR D 581 4.27 12.29 1.99
CA THR D 581 5.22 13.33 2.49
C THR D 581 5.18 14.64 1.69
N LEU D 582 4.77 14.65 0.42
CA LEU D 582 4.72 15.91 -0.38
C LEU D 582 3.26 16.34 -0.57
N LEU D 583 2.92 17.52 -0.06
CA LEU D 583 1.57 18.13 -0.13
C LEU D 583 1.60 19.28 -1.11
N VAL D 584 0.68 19.29 -2.09
CA VAL D 584 0.67 20.24 -3.24
C VAL D 584 -0.66 20.99 -3.24
N ALA D 585 -0.60 22.32 -3.39
CA ALA D 585 -1.75 23.25 -3.31
C ALA D 585 -1.61 24.28 -4.43
N PRO D 586 -1.96 23.93 -5.68
CA PRO D 586 -1.88 24.87 -6.80
C PRO D 586 -2.98 25.92 -6.74
N VAL D 587 -2.75 27.09 -7.33
CA VAL D 587 -3.81 28.11 -7.60
C VAL D 587 -4.59 27.63 -8.83
N LEU D 588 -5.91 27.54 -8.72
CA LEU D 588 -6.81 26.94 -9.75
C LEU D 588 -7.88 27.96 -10.14
N GLU D 589 -7.62 29.24 -9.87
CA GLU D 589 -8.53 30.37 -10.16
C GLU D 589 -7.75 31.47 -10.87
N PRO D 590 -8.35 32.16 -11.86
CA PRO D 590 -7.69 33.26 -12.56
C PRO D 590 -7.64 34.53 -11.70
N GLY D 591 -6.66 35.39 -11.94
CA GLY D 591 -6.47 36.68 -11.27
C GLY D 591 -6.19 36.53 -9.77
N LYS D 592 -5.58 35.41 -9.37
CA LYS D 592 -5.30 35.11 -7.93
C LYS D 592 -3.79 34.99 -7.73
N GLN D 593 -3.26 35.68 -6.72
CA GLN D 593 -1.84 35.60 -6.30
C GLN D 593 -1.77 35.08 -4.85
N GLU D 594 -2.83 34.42 -4.41
CA GLU D 594 -2.90 33.73 -3.09
C GLU D 594 -4.03 32.69 -3.14
N ARG D 595 -4.08 31.79 -2.17
CA ARG D 595 -5.21 30.86 -1.96
C ARG D 595 -5.18 30.35 -0.51
N ASP D 596 -6.33 29.89 -0.01
CA ASP D 596 -6.42 29.15 1.28
C ASP D 596 -5.79 27.77 1.07
N VAL D 597 -4.96 27.34 2.03
CA VAL D 597 -4.23 26.04 2.00
C VAL D 597 -4.53 25.32 3.32
N TYR D 598 -5.11 24.13 3.27
CA TYR D 598 -5.38 23.28 4.45
C TYR D 598 -4.19 22.35 4.68
N LEU D 599 -3.59 22.43 5.87
CA LEU D 599 -2.57 21.47 6.35
C LEU D 599 -3.23 20.54 7.36
N PRO D 600 -3.21 19.21 7.15
CA PRO D 600 -3.73 18.26 8.14
C PRO D 600 -2.74 18.06 9.29
N ALA D 601 -3.10 17.19 10.24
CA ALA D 601 -2.29 16.88 11.44
C ALA D 601 -0.85 16.57 11.02
N GLY D 602 0.11 16.85 11.90
CA GLY D 602 1.55 16.69 11.64
C GLY D 602 2.23 18.01 11.34
N LYS D 603 3.55 17.99 11.24
CA LYS D 603 4.42 19.16 10.98
C LYS D 603 4.74 19.20 9.48
N TRP D 604 4.63 20.38 8.86
CA TRP D 604 4.82 20.61 7.40
C TRP D 604 5.81 21.77 7.19
N ARG D 605 6.87 21.54 6.41
CA ARG D 605 7.86 22.58 6.00
C ARG D 605 7.48 23.09 4.61
N SER D 606 7.07 24.36 4.52
CA SER D 606 6.69 25.05 3.26
C SER D 606 7.87 25.06 2.28
N TYR D 607 7.59 25.37 1.01
CA TYR D 607 8.61 25.49 -0.06
C TYR D 607 9.54 26.67 0.22
N LYS D 608 9.12 27.59 1.09
CA LYS D 608 9.86 28.83 1.46
C LYS D 608 10.69 28.59 2.74
N GLY D 609 10.50 27.46 3.42
CA GLY D 609 11.25 27.08 4.63
C GLY D 609 10.44 27.25 5.92
N GLU D 610 9.18 27.69 5.82
CA GLU D 610 8.29 27.92 6.98
C GLU D 610 7.93 26.57 7.63
N LEU D 611 8.19 26.38 8.92
CA LEU D 611 7.75 25.19 9.69
C LEU D 611 6.37 25.45 10.29
N PHE D 612 5.33 24.78 9.82
CA PHE D 612 3.96 24.83 10.39
C PHE D 612 3.77 23.64 11.33
N ASP D 613 3.71 23.89 12.65
CA ASP D 613 3.62 22.81 13.68
C ASP D 613 2.34 22.93 14.51
N LYS D 614 1.42 23.84 14.19
CA LYS D 614 0.12 23.94 14.91
C LYS D 614 -0.98 23.59 13.90
N THR D 615 -1.28 22.29 13.82
CA THR D 615 -2.12 21.67 12.75
C THR D 615 -3.08 20.68 13.40
N PRO D 616 -4.20 20.31 12.75
CA PRO D 616 -4.58 20.86 11.45
C PRO D 616 -4.88 22.36 11.52
N VAL D 617 -4.65 23.08 10.42
CA VAL D 617 -4.90 24.55 10.34
C VAL D 617 -5.19 24.91 8.88
N LEU D 618 -6.07 25.89 8.66
CA LEU D 618 -6.29 26.55 7.35
C LEU D 618 -5.38 27.77 7.26
N LEU D 619 -4.40 27.77 6.34
CA LEU D 619 -3.57 28.95 6.00
C LEU D 619 -4.38 29.82 5.05
N THR D 620 -4.92 30.94 5.54
CA THR D 620 -5.79 31.85 4.75
C THR D 620 -4.90 32.82 3.96
N ASP D 621 -5.32 33.16 2.75
CA ASP D 621 -4.63 34.07 1.79
C ASP D 621 -3.13 33.80 1.80
N TYR D 622 -2.75 32.53 1.70
CA TYR D 622 -1.33 32.11 1.58
C TYR D 622 -0.79 32.56 0.22
N PRO D 623 0.26 33.40 0.18
CA PRO D 623 0.74 33.99 -1.07
C PRO D 623 1.31 32.96 -2.05
N VAL D 624 0.84 33.01 -3.30
CA VAL D 624 1.32 32.14 -4.42
C VAL D 624 1.31 32.99 -5.69
N ASP D 625 2.46 33.51 -6.11
CA ASP D 625 2.58 34.36 -7.33
C ASP D 625 2.21 33.51 -8.54
N LEU D 626 1.97 34.15 -9.69
CA LEU D 626 1.63 33.51 -10.99
C LEU D 626 2.67 32.42 -11.30
N ASP D 627 3.95 32.66 -10.98
CA ASP D 627 5.09 31.77 -11.33
C ASP D 627 5.42 30.84 -10.17
N GLU D 628 4.50 30.62 -9.22
CA GLU D 628 4.74 29.76 -8.02
C GLU D 628 3.63 28.72 -7.88
N ILE D 629 3.95 27.63 -7.15
CA ILE D 629 2.99 26.65 -6.60
C ILE D 629 3.31 26.47 -5.10
N ALA D 630 2.28 26.41 -4.26
CA ALA D 630 2.41 26.11 -2.82
C ALA D 630 2.59 24.61 -2.65
N TYR D 631 3.70 24.18 -2.03
CA TYR D 631 3.93 22.78 -1.63
C TYR D 631 4.61 22.75 -0.26
N PHE D 632 4.45 21.62 0.43
CA PHE D 632 4.88 21.42 1.83
C PHE D 632 5.39 19.98 1.97
N THR D 633 6.54 19.81 2.61
CA THR D 633 7.16 18.50 2.91
C THR D 633 6.91 18.16 4.38
N TRP D 634 6.53 16.92 4.66
CA TRP D 634 6.34 16.34 6.02
C TRP D 634 7.61 16.53 6.86
N ALA D 635 7.43 16.88 8.16
CA ALA D 635 8.50 17.11 9.17
C ALA D 635 8.06 16.58 10.54
#